data_4F2Y
# 
_entry.id   4F2Y 
# 
_audit_conform.dict_name       mmcif_pdbx.dic 
_audit_conform.dict_version    5.379 
_audit_conform.dict_location   http://mmcif.pdb.org/dictionaries/ascii/mmcif_pdbx.dic 
# 
loop_
_database_2.database_id 
_database_2.database_code 
_database_2.pdbx_database_accession 
_database_2.pdbx_DOI 
PDB   4F2Y         pdb_00004f2y 10.2210/pdb4f2y/pdb 
NDB   NA1781       ?            ?                   
RCSB  RCSB072388   ?            ?                   
WWPDB D_1000072388 ?            ?                   
# 
_pdbx_database_related.db_name        PDB 
_pdbx_database_related.db_id          4F2X 
_pdbx_database_related.details        . 
_pdbx_database_related.content_type   unspecified 
# 
_pdbx_database_status.status_code                     REL 
_pdbx_database_status.entry_id                        4F2Y 
_pdbx_database_status.recvd_initial_deposition_date   2012-05-08 
_pdbx_database_status.deposit_site                    RCSB 
_pdbx_database_status.process_site                    RCSB 
_pdbx_database_status.status_code_sf                  REL 
_pdbx_database_status.status_code_mr                  ? 
_pdbx_database_status.SG_entry                        ? 
_pdbx_database_status.status_code_cs                  ? 
_pdbx_database_status.methods_development_category    ? 
_pdbx_database_status.pdb_format_compatible           Y 
_pdbx_database_status.status_code_nmr_data            ? 
# 
loop_
_audit_author.name 
_audit_author.pdbx_ordinal 
'Pallan, P.S.' 1 
'Egli, M.'     2 
# 
_citation.id                        primary 
_citation.title                     
;Synthesis and Antisense Properties of Fluoro Cyclohexenyl Nucleic Acid (F-CeNA), a Nuclease Stable Mimic of 2'-Fluoro RNA.
;
_citation.journal_abbrev            J.Org.Chem. 
_citation.journal_volume            77 
_citation.page_first                5074 
_citation.page_last                 5085 
_citation.year                      2012 
_citation.journal_id_ASTM           JOCEAH 
_citation.country                   US 
_citation.journal_id_ISSN           0022-3263 
_citation.journal_id_CSD            0035 
_citation.book_publisher            ? 
_citation.pdbx_database_id_PubMed   22591005 
_citation.pdbx_database_id_DOI      10.1021/jo300594b 
# 
loop_
_citation_author.citation_id 
_citation_author.name 
_citation_author.ordinal 
_citation_author.identifier_ORCID 
primary 'Seth, P.P.'       1  ? 
primary 'Yu, J.'           2  ? 
primary 'Jazayeri, A.'     3  ? 
primary 'Pallan, P.S.'     4  ? 
primary 'Allerson, C.R.'   5  ? 
primary 'Ostergaard, M.E.' 6  ? 
primary 'Liu, F.'          7  ? 
primary 'Herdewijn, P.'    8  ? 
primary 'Egli, M.'         9  ? 
primary 'Swayze, E.E.'     10 ? 
# 
_cell.entry_id           4F2Y 
_cell.length_a           24.775 
_cell.length_b           38.299 
_cell.length_c           47.746 
_cell.angle_alpha        90.00 
_cell.angle_beta         90.00 
_cell.angle_gamma        90.00 
_cell.Z_PDB              8 
_cell.pdbx_unique_axis   ? 
_cell.length_a_esd       ? 
_cell.length_b_esd       ? 
_cell.length_c_esd       ? 
_cell.angle_alpha_esd    ? 
_cell.angle_beta_esd     ? 
_cell.angle_gamma_esd    ? 
# 
_symmetry.entry_id                         4F2Y 
_symmetry.space_group_name_H-M             'P 21 21 21' 
_symmetry.pdbx_full_space_group_name_H-M   ? 
_symmetry.cell_setting                     ? 
_symmetry.Int_Tables_number                19 
_symmetry.space_group_name_Hall            ? 
# 
loop_
_entity.id 
_entity.type 
_entity.src_method 
_entity.pdbx_description 
_entity.formula_weight 
_entity.pdbx_number_of_molecules 
_entity.pdbx_ec 
_entity.pdbx_mutation 
_entity.pdbx_fragment 
_entity.details 
1 polymer     syn "5'-D(*GP*CP*GP*TP*AP*(XTF)P*AP*CP*GP*C)-3'" 3073.034 2  ? ? ? ? 
2 non-polymer syn 'MAGNESIUM ION'                              24.305   2  ? ? ? ? 
3 water       nat water                                        18.015   52 ? ? ? ? 
# 
_entity_poly.entity_id                      1 
_entity_poly.type                           polydeoxyribonucleotide 
_entity_poly.nstd_linkage                   no 
_entity_poly.nstd_monomer                   yes 
_entity_poly.pdbx_seq_one_letter_code       '(DG)(DC)(DG)(DT)(DA)(XTF)(DA)(DC)(DG)(DC)' 
_entity_poly.pdbx_seq_one_letter_code_can   GCGTAXACGC 
_entity_poly.pdbx_strand_id                 A,B 
_entity_poly.pdbx_target_identifier         ? 
# 
loop_
_entity_poly_seq.entity_id 
_entity_poly_seq.num 
_entity_poly_seq.mon_id 
_entity_poly_seq.hetero 
1 1  DG  n 
1 2  DC  n 
1 3  DG  n 
1 4  DT  n 
1 5  DA  n 
1 6  XTF n 
1 7  DA  n 
1 8  DC  n 
1 9  DG  n 
1 10 DC  n 
# 
_struct_ref.id                         1 
_struct_ref.db_name                    PDB 
_struct_ref.db_code                    4F2Y 
_struct_ref.pdbx_db_accession          4F2Y 
_struct_ref.entity_id                  1 
_struct_ref.pdbx_align_begin           1 
_struct_ref.pdbx_seq_one_letter_code   'GCGTA(XTF)ACGC' 
_struct_ref.pdbx_db_isoform            ? 
# 
loop_
_struct_ref_seq.align_id 
_struct_ref_seq.ref_id 
_struct_ref_seq.pdbx_PDB_id_code 
_struct_ref_seq.pdbx_strand_id 
_struct_ref_seq.seq_align_beg 
_struct_ref_seq.pdbx_seq_align_beg_ins_code 
_struct_ref_seq.seq_align_end 
_struct_ref_seq.pdbx_seq_align_end_ins_code 
_struct_ref_seq.pdbx_db_accession 
_struct_ref_seq.db_align_beg 
_struct_ref_seq.pdbx_db_align_beg_ins_code 
_struct_ref_seq.db_align_end 
_struct_ref_seq.pdbx_db_align_end_ins_code 
_struct_ref_seq.pdbx_auth_seq_align_beg 
_struct_ref_seq.pdbx_auth_seq_align_end 
1 1 4F2Y A 1 ? 10 ? 4F2Y 101 ? 110 ? 101 110 
2 1 4F2Y B 1 ? 10 ? 4F2Y 201 ? 210 ? 201 210 
# 
loop_
_chem_comp.id 
_chem_comp.type 
_chem_comp.mon_nstd_flag 
_chem_comp.name 
_chem_comp.pdbx_synonyms 
_chem_comp.formula 
_chem_comp.formula_weight 
DA  'DNA linking' y "2'-DEOXYADENOSINE-5'-MONOPHOSPHATE" ? 'C10 H14 N5 O6 P'   331.222 
DC  'DNA linking' y "2'-DEOXYCYTIDINE-5'-MONOPHOSPHATE" ? 'C9 H14 N3 O7 P'    307.197 
DG  'DNA linking' y "2'-DEOXYGUANOSINE-5'-MONOPHOSPHATE" ? 'C10 H14 N5 O7 P'   347.221 
DT  'DNA linking' y "THYMIDINE-5'-MONOPHOSPHATE" ? 'C10 H15 N2 O8 P'   322.208 
HOH non-polymer   . WATER ? 'H2 O'              18.015  
MG  non-polymer   . 'MAGNESIUM ION' ? 'Mg 2'              24.305  
XTF 'DNA linking' n 
;[(1R,4R,5S,6R)-5-fluoro-6-hydroxy-4-(5-methyl-2,4-dioxo-3,4-dihydropyrimidin-1(2H)-yl)cyclohex-2-en-1-yl]methyl dihydrogen phosphate
;
? 'C12 H16 F N2 O7 P' 350.237 
# 
_exptl.entry_id          4F2Y 
_exptl.method            'X-RAY DIFFRACTION' 
_exptl.crystals_number   1 
# 
_exptl_crystal.id                    1 
_exptl_crystal.density_meas          ? 
_exptl_crystal.density_Matthews      1.84 
_exptl_crystal.density_percent_sol   33.25 
_exptl_crystal.description           ? 
_exptl_crystal.F_000                 ? 
_exptl_crystal.preparation           ? 
# 
_exptl_crystal_grow.crystal_id      1 
_exptl_crystal_grow.method          'VAPOR DIFFUSION, HANGING DROP' 
_exptl_crystal_grow.temp            291 
_exptl_crystal_grow.temp_details    ? 
_exptl_crystal_grow.pH              5.5 
_exptl_crystal_grow.pdbx_details    
;40 mM sodium cacodylate, 20 mM cobalt hexamine, 40 mM lithium chloride, 20 mM magnesium chloride, 10% v/v MPD, pH 5.5, VAPOR DIFFUSION, HANGING DROP, temperature 291K
;
_exptl_crystal_grow.pdbx_pH_range   ? 
# 
_diffrn.id                     1 
_diffrn.ambient_temp           100 
_diffrn.ambient_temp_details   ? 
_diffrn.crystal_id             1 
# 
_diffrn_detector.diffrn_id              1 
_diffrn_detector.detector               CCD 
_diffrn_detector.type                   'MARMOSAIC 225 mm CCD' 
_diffrn_detector.pdbx_collection_date   2012-04-06 
_diffrn_detector.details                ? 
# 
_diffrn_radiation.diffrn_id                        1 
_diffrn_radiation.wavelength_id                    1 
_diffrn_radiation.pdbx_monochromatic_or_laue_m_l   M 
_diffrn_radiation.monochromator                    'diamond(111)' 
_diffrn_radiation.pdbx_diffrn_protocol             'SINGLE WAVELENGTH' 
_diffrn_radiation.pdbx_scattering_type             x-ray 
# 
_diffrn_radiation_wavelength.id           1 
_diffrn_radiation_wavelength.wavelength   0.9787 
_diffrn_radiation_wavelength.wt           1.0 
# 
_diffrn_source.diffrn_id                   1 
_diffrn_source.source                      SYNCHROTRON 
_diffrn_source.type                        'APS BEAMLINE 21-ID-F' 
_diffrn_source.pdbx_synchrotron_site       APS 
_diffrn_source.pdbx_synchrotron_beamline   21-ID-F 
_diffrn_source.pdbx_wavelength             ? 
_diffrn_source.pdbx_wavelength_list        0.9787 
# 
_reflns.entry_id                     4F2Y 
_reflns.observed_criterion_sigma_I   5 
_reflns.observed_criterion_sigma_F   ? 
_reflns.d_resolution_low             29.875 
_reflns.d_resolution_high            1.59 
_reflns.number_obs                   6416 
_reflns.number_all                   6450 
_reflns.percent_possible_obs         99.45 
_reflns.pdbx_Rmerge_I_obs            0.091 
_reflns.pdbx_Rsym_value              ? 
_reflns.pdbx_netI_over_sigmaI        59.43 
_reflns.B_iso_Wilson_estimate        ? 
_reflns.pdbx_redundancy              14.2 
_reflns.R_free_details               ? 
_reflns.limit_h_max                  ? 
_reflns.limit_h_min                  ? 
_reflns.limit_k_max                  ? 
_reflns.limit_k_min                  ? 
_reflns.limit_l_max                  ? 
_reflns.limit_l_min                  ? 
_reflns.observed_criterion_F_max     ? 
_reflns.observed_criterion_F_min     ? 
_reflns.pdbx_chi_squared             ? 
_reflns.pdbx_scaling_rejects         ? 
_reflns.pdbx_ordinal                 1 
_reflns.pdbx_diffrn_id               1 
# 
_reflns_shell.d_res_high             1.59 
_reflns_shell.d_res_low              1.66 
_reflns_shell.percent_possible_all   99.8 
_reflns_shell.Rmerge_I_obs           0.53 
_reflns_shell.pdbx_Rsym_value        ? 
_reflns_shell.meanI_over_sigI_obs    9.8 
_reflns_shell.pdbx_redundancy        ? 
_reflns_shell.percent_possible_obs   ? 
_reflns_shell.number_unique_all      ? 
_reflns_shell.number_measured_all    ? 
_reflns_shell.number_measured_obs    ? 
_reflns_shell.number_unique_obs      ? 
_reflns_shell.pdbx_chi_squared       ? 
_reflns_shell.pdbx_ordinal           1 
_reflns_shell.pdbx_diffrn_id         1 
# 
_refine.entry_id                                 4F2Y 
_refine.ls_number_reflns_obs                     5930 
_refine.ls_number_reflns_all                     ? 
_refine.pdbx_ls_sigma_I                          5.0 
_refine.pdbx_ls_sigma_F                          ? 
_refine.pdbx_data_cutoff_high_absF               ? 
_refine.pdbx_data_cutoff_low_absF                ? 
_refine.pdbx_data_cutoff_high_rms_absF           ? 
_refine.ls_d_res_low                             29.875 
_refine.ls_d_res_high                            1.59 
_refine.ls_percent_reflns_obs                    99.60 
_refine.ls_R_factor_obs                          0.18694 
_refine.ls_R_factor_all                          ? 
_refine.ls_R_factor_R_work                       0.18193 
_refine.ls_R_factor_R_free                       0.25331 
_refine.ls_R_factor_R_free_error                 ? 
_refine.ls_R_factor_R_free_error_details         ? 
_refine.ls_percent_reflns_R_free                 7.6 
_refine.ls_number_reflns_R_free                  486 
_refine.ls_number_parameters                     ? 
_refine.ls_number_restraints                     ? 
_refine.occupancy_min                            ? 
_refine.occupancy_max                            ? 
_refine.correlation_coeff_Fo_to_Fc               0.962 
_refine.correlation_coeff_Fo_to_Fc_free          0.930 
_refine.B_iso_mean                               20.104 
_refine.aniso_B[1][1]                            -0.38 
_refine.aniso_B[2][2]                            0.24 
_refine.aniso_B[3][3]                            0.14 
_refine.aniso_B[1][2]                            0.00 
_refine.aniso_B[1][3]                            0.00 
_refine.aniso_B[2][3]                            0.00 
_refine.solvent_model_details                    MASK 
_refine.solvent_model_param_ksol                 ? 
_refine.solvent_model_param_bsol                 ? 
_refine.pdbx_solvent_vdw_probe_radii             1.20 
_refine.pdbx_solvent_ion_probe_radii             0.80 
_refine.pdbx_solvent_shrinkage_radii             0.80 
_refine.pdbx_ls_cross_valid_method               THROUGHOUT 
_refine.details                                  
;HYDROGENS HAVE BEEN USED IF PRESENT IN THE INPUT 
 U VALUES      : RESIDUAL ONLY
;
_refine.pdbx_starting_model                      'PDB ENTRY 3EY2' 
_refine.pdbx_method_to_determine_struct          'MOLECULAR REPLACEMENT' 
_refine.pdbx_isotropic_thermal_model             ? 
_refine.pdbx_stereochemistry_target_values       'MAXIMUM LIKELIHOOD' 
_refine.pdbx_stereochem_target_val_spec_case     ? 
_refine.pdbx_R_Free_selection_details            RANDOM 
_refine.pdbx_overall_ESU_R                       0.155 
_refine.pdbx_overall_ESU_R_Free                  0.116 
_refine.overall_SU_ML                            0.072 
_refine.pdbx_overall_phase_error                 ? 
_refine.overall_SU_B                             4.552 
_refine.overall_SU_R_Cruickshank_DPI             ? 
_refine.ls_redundancy_reflns_obs                 ? 
_refine.B_iso_min                                ? 
_refine.B_iso_max                                ? 
_refine.overall_SU_R_free                        ? 
_refine.ls_wR_factor_R_free                      ? 
_refine.ls_wR_factor_R_work                      ? 
_refine.overall_FOM_free_R_set                   ? 
_refine.overall_FOM_work_R_set                   ? 
_refine.pdbx_diffrn_id                           1 
_refine.pdbx_refine_id                           'X-RAY DIFFRACTION' 
_refine.pdbx_TLS_residual_ADP_flag               ? 
_refine.pdbx_overall_SU_R_free_Cruickshank_DPI   ? 
_refine.pdbx_overall_SU_R_Blow_DPI               ? 
_refine.pdbx_overall_SU_R_free_Blow_DPI          ? 
# 
_refine_hist.pdbx_refine_id                   'X-RAY DIFFRACTION' 
_refine_hist.cycle_id                         LAST 
_refine_hist.pdbx_number_atoms_protein        0 
_refine_hist.pdbx_number_atoms_nucleic_acid   408 
_refine_hist.pdbx_number_atoms_ligand         2 
_refine_hist.number_atoms_solvent             52 
_refine_hist.number_atoms_total               462 
_refine_hist.d_res_high                       1.59 
_refine_hist.d_res_low                        29.875 
# 
loop_
_refine_ls_restr.type 
_refine_ls_restr.dev_ideal 
_refine_ls_restr.dev_ideal_target 
_refine_ls_restr.weight 
_refine_ls_restr.number 
_refine_ls_restr.pdbx_restraint_function 
_refine_ls_restr.pdbx_refine_id 
r_bond_refined_d     0.005  0.012 ? 456 ? 'X-RAY DIFFRACTION' 
r_angle_refined_deg  1.365  1.517 ? 700 ? 'X-RAY DIFFRACTION' 
r_chiral_restr       0.077  0.200 ? 64  ? 'X-RAY DIFFRACTION' 
r_gen_planes_refined 0.010  0.020 ? 218 ? 'X-RAY DIFFRACTION' 
r_rigid_bond_restr   3.220  3.000 ? 456 ? 'X-RAY DIFFRACTION' 
r_sphericity_free    22.969 5.000 ? 24  ? 'X-RAY DIFFRACTION' 
r_sphericity_bonded  11.461 5.000 ? 442 ? 'X-RAY DIFFRACTION' 
# 
_refine_ls_shell.pdbx_total_number_of_bins_used   20 
_refine_ls_shell.d_res_high                       1.59 
_refine_ls_shell.d_res_low                        1.636 
_refine_ls_shell.number_reflns_R_work             363 
_refine_ls_shell.R_factor_R_work                  0.146 
_refine_ls_shell.percent_reflns_obs               94.87 
_refine_ls_shell.R_factor_R_free                  0.241 
_refine_ls_shell.R_factor_R_free_error            ? 
_refine_ls_shell.percent_reflns_R_free            ? 
_refine_ls_shell.number_reflns_R_free             25 
_refine_ls_shell.number_reflns_all                ? 
_refine_ls_shell.R_factor_all                     ? 
_refine_ls_shell.number_reflns_obs                ? 
_refine_ls_shell.redundancy_reflns_obs            ? 
_refine_ls_shell.pdbx_refine_id                   'X-RAY DIFFRACTION' 
# 
_struct.entry_id                  4F2Y 
_struct.title                     
;Structure of 3'-Fluoro Cyclohexenyl Nucleic Acid Decamer
;
_struct.pdbx_model_details        ? 
_struct.pdbx_CASP_flag            ? 
_struct.pdbx_model_type_details   ? 
# 
_struct_keywords.entry_id        4F2Y 
_struct_keywords.pdbx_keywords   DNA 
_struct_keywords.text            'Fluoro Cyclohexenyl Nucleic Acid, F-CeNA, Modified DNA, A-form DNA, DNA' 
# 
loop_
_struct_asym.id 
_struct_asym.pdbx_blank_PDB_chainid_flag 
_struct_asym.pdbx_modified 
_struct_asym.entity_id 
_struct_asym.details 
A N N 1 ? 
B N N 1 ? 
C N N 2 ? 
D N N 2 ? 
E N N 3 ? 
F N N 3 ? 
# 
_struct_biol.id        1 
_struct_biol.details   ? 
# 
loop_
_struct_conn.id 
_struct_conn.conn_type_id 
_struct_conn.pdbx_leaving_atom_flag 
_struct_conn.pdbx_PDB_id 
_struct_conn.ptnr1_label_asym_id 
_struct_conn.ptnr1_label_comp_id 
_struct_conn.ptnr1_label_seq_id 
_struct_conn.ptnr1_label_atom_id 
_struct_conn.pdbx_ptnr1_label_alt_id 
_struct_conn.pdbx_ptnr1_PDB_ins_code 
_struct_conn.pdbx_ptnr1_standard_comp_id 
_struct_conn.ptnr1_symmetry 
_struct_conn.ptnr2_label_asym_id 
_struct_conn.ptnr2_label_comp_id 
_struct_conn.ptnr2_label_seq_id 
_struct_conn.ptnr2_label_atom_id 
_struct_conn.pdbx_ptnr2_label_alt_id 
_struct_conn.pdbx_ptnr2_PDB_ins_code 
_struct_conn.ptnr1_auth_asym_id 
_struct_conn.ptnr1_auth_comp_id 
_struct_conn.ptnr1_auth_seq_id 
_struct_conn.ptnr2_auth_asym_id 
_struct_conn.ptnr2_auth_comp_id 
_struct_conn.ptnr2_auth_seq_id 
_struct_conn.ptnr2_symmetry 
_struct_conn.pdbx_ptnr3_label_atom_id 
_struct_conn.pdbx_ptnr3_label_seq_id 
_struct_conn.pdbx_ptnr3_label_comp_id 
_struct_conn.pdbx_ptnr3_label_asym_id 
_struct_conn.pdbx_ptnr3_label_alt_id 
_struct_conn.pdbx_ptnr3_PDB_ins_code 
_struct_conn.details 
_struct_conn.pdbx_dist_value 
_struct_conn.pdbx_value_order 
_struct_conn.pdbx_role 
covale1  covale both ? A DA 5  "O3'" ? ? ? 1_555 A XTF 6  P  ? ? A DA 105 A XTF 106 1_555 ? ? ? ? ? ? ?            1.597 ? ? 
covale2  covale both ? B DA 5  "O3'" ? ? ? 1_555 B XTF 6  P  ? ? B DA 205 B XTF 206 1_555 ? ? ? ? ? ? ?            1.602 ? ? 
metalc1  metalc ?    ? C MG .  MG    ? ? ? 1_555 E HOH .  O  ? ? A MG 201 A HOH 301 1_555 ? ? ? ? ? ? ?            2.095 ? ? 
metalc2  metalc ?    ? C MG .  MG    ? ? ? 1_555 E HOH .  O  ? ? A MG 201 A HOH 302 1_555 ? ? ? ? ? ? ?            2.224 ? ? 
metalc3  metalc ?    ? C MG .  MG    ? ? ? 1_555 E HOH .  O  ? ? A MG 201 A HOH 303 1_555 ? ? ? ? ? ? ?            2.069 ? ? 
metalc4  metalc ?    ? C MG .  MG    ? ? ? 1_555 E HOH .  O  ? ? A MG 201 A HOH 304 1_555 ? ? ? ? ? ? ?            1.964 ? ? 
metalc5  metalc ?    ? C MG .  MG    ? ? ? 1_555 E HOH .  O  ? ? A MG 201 A HOH 305 1_555 ? ? ? ? ? ? ?            2.008 ? ? 
metalc6  metalc ?    ? C MG .  MG    ? ? ? 1_555 F HOH .  O  ? ? A MG 201 B HOH 402 1_555 ? ? ? ? ? ? ?            2.206 ? ? 
metalc7  metalc ?    ? D MG .  MG    ? ? ? 1_555 F HOH .  O  ? ? B MG 301 B HOH 403 1_555 ? ? ? ? ? ? ?            2.139 ? ? 
metalc8  metalc ?    ? D MG .  MG    ? ? ? 1_555 F HOH .  O  ? ? B MG 301 B HOH 404 1_555 ? ? ? ? ? ? ?            2.092 ? ? 
metalc9  metalc ?    ? D MG .  MG    ? ? ? 1_555 F HOH .  O  ? ? B MG 301 B HOH 405 1_555 ? ? ? ? ? ? ?            1.925 ? ? 
metalc10 metalc ?    ? D MG .  MG    ? ? ? 1_555 F HOH .  O  ? ? B MG 301 B HOH 406 1_555 ? ? ? ? ? ? ?            2.297 ? ? 
metalc11 metalc ?    ? D MG .  MG    ? ? ? 1_555 F HOH .  O  ? ? B MG 301 B HOH 408 1_555 ? ? ? ? ? ? ?            1.994 ? ? 
hydrog1  hydrog ?    ? A DG 1  N1    ? ? ? 1_555 B DC  10 N3 ? ? A DG 101 B DC  210 1_555 ? ? ? ? ? ? WATSON-CRICK ?     ? ? 
hydrog2  hydrog ?    ? A DG 1  N2    ? ? ? 1_555 B DC  10 O2 ? ? A DG 101 B DC  210 1_555 ? ? ? ? ? ? WATSON-CRICK ?     ? ? 
hydrog3  hydrog ?    ? A DG 1  O6    ? ? ? 1_555 B DC  10 N4 ? ? A DG 101 B DC  210 1_555 ? ? ? ? ? ? WATSON-CRICK ?     ? ? 
hydrog4  hydrog ?    ? A DC 2  N3    ? ? ? 1_555 B DG  9  N1 ? ? A DC 102 B DG  209 1_555 ? ? ? ? ? ? WATSON-CRICK ?     ? ? 
hydrog5  hydrog ?    ? A DC 2  N4    ? ? ? 1_555 B DG  9  O6 ? ? A DC 102 B DG  209 1_555 ? ? ? ? ? ? WATSON-CRICK ?     ? ? 
hydrog6  hydrog ?    ? A DC 2  O2    ? ? ? 1_555 B DG  9  N2 ? ? A DC 102 B DG  209 1_555 ? ? ? ? ? ? WATSON-CRICK ?     ? ? 
hydrog7  hydrog ?    ? A DG 3  N1    ? ? ? 1_555 B DC  8  N3 ? ? A DG 103 B DC  208 1_555 ? ? ? ? ? ? WATSON-CRICK ?     ? ? 
hydrog8  hydrog ?    ? A DG 3  N2    ? ? ? 1_555 B DC  8  O2 ? ? A DG 103 B DC  208 1_555 ? ? ? ? ? ? WATSON-CRICK ?     ? ? 
hydrog9  hydrog ?    ? A DG 3  O6    ? ? ? 1_555 B DC  8  N4 ? ? A DG 103 B DC  208 1_555 ? ? ? ? ? ? WATSON-CRICK ?     ? ? 
hydrog10 hydrog ?    ? A DT 4  N3    ? ? ? 1_555 B DA  7  N1 ? ? A DT 104 B DA  207 1_555 ? ? ? ? ? ? WATSON-CRICK ?     ? ? 
hydrog11 hydrog ?    ? A DT 4  O4    ? ? ? 1_555 B DA  7  N6 ? ? A DT 104 B DA  207 1_555 ? ? ? ? ? ? WATSON-CRICK ?     ? ? 
hydrog12 hydrog ?    ? A DA 7  N1    ? ? ? 1_555 B DT  4  N3 ? ? A DA 107 B DT  204 1_555 ? ? ? ? ? ? WATSON-CRICK ?     ? ? 
hydrog13 hydrog ?    ? A DA 7  N6    ? ? ? 1_555 B DT  4  O4 ? ? A DA 107 B DT  204 1_555 ? ? ? ? ? ? WATSON-CRICK ?     ? ? 
hydrog14 hydrog ?    ? A DC 8  N3    ? ? ? 1_555 B DG  3  N1 ? ? A DC 108 B DG  203 1_555 ? ? ? ? ? ? WATSON-CRICK ?     ? ? 
hydrog15 hydrog ?    ? A DC 8  N4    ? ? ? 1_555 B DG  3  O6 ? ? A DC 108 B DG  203 1_555 ? ? ? ? ? ? WATSON-CRICK ?     ? ? 
hydrog16 hydrog ?    ? A DC 8  O2    ? ? ? 1_555 B DG  3  N2 ? ? A DC 108 B DG  203 1_555 ? ? ? ? ? ? WATSON-CRICK ?     ? ? 
hydrog17 hydrog ?    ? A DG 9  N1    ? ? ? 1_555 B DC  2  N3 ? ? A DG 109 B DC  202 1_555 ? ? ? ? ? ? WATSON-CRICK ?     ? ? 
hydrog18 hydrog ?    ? A DG 9  N2    ? ? ? 1_555 B DC  2  O2 ? ? A DG 109 B DC  202 1_555 ? ? ? ? ? ? WATSON-CRICK ?     ? ? 
hydrog19 hydrog ?    ? A DG 9  O6    ? ? ? 1_555 B DC  2  N4 ? ? A DG 109 B DC  202 1_555 ? ? ? ? ? ? WATSON-CRICK ?     ? ? 
hydrog20 hydrog ?    ? A DC 10 N3    ? ? ? 1_555 B DG  1  N1 ? ? A DC 110 B DG  201 1_555 ? ? ? ? ? ? WATSON-CRICK ?     ? ? 
hydrog21 hydrog ?    ? A DC 10 N4    ? ? ? 1_555 B DG  1  O6 ? ? A DC 110 B DG  201 1_555 ? ? ? ? ? ? WATSON-CRICK ?     ? ? 
hydrog22 hydrog ?    ? A DC 10 O2    ? ? ? 1_555 B DG  1  N2 ? ? A DC 110 B DG  201 1_555 ? ? ? ? ? ? WATSON-CRICK ?     ? ? 
# 
loop_
_struct_conn_type.id 
_struct_conn_type.criteria 
_struct_conn_type.reference 
covale ? ? 
metalc ? ? 
hydrog ? ? 
# 
loop_
_struct_site.id 
_struct_site.pdbx_evidence_code 
_struct_site.pdbx_auth_asym_id 
_struct_site.pdbx_auth_comp_id 
_struct_site.pdbx_auth_seq_id 
_struct_site.pdbx_auth_ins_code 
_struct_site.pdbx_num_residues 
_struct_site.details 
AC1 Software A MG 201 ? 6 'BINDING SITE FOR RESIDUE MG A 201' 
AC2 Software B MG 301 ? 5 'BINDING SITE FOR RESIDUE MG B 301' 
# 
loop_
_struct_site_gen.id 
_struct_site_gen.site_id 
_struct_site_gen.pdbx_num_res 
_struct_site_gen.label_comp_id 
_struct_site_gen.label_asym_id 
_struct_site_gen.label_seq_id 
_struct_site_gen.pdbx_auth_ins_code 
_struct_site_gen.auth_comp_id 
_struct_site_gen.auth_asym_id 
_struct_site_gen.auth_seq_id 
_struct_site_gen.label_atom_id 
_struct_site_gen.label_alt_id 
_struct_site_gen.symmetry 
_struct_site_gen.details 
1  AC1 6 HOH E . ? HOH A 301 . ? 1_555 ? 
2  AC1 6 HOH E . ? HOH A 302 . ? 1_555 ? 
3  AC1 6 HOH E . ? HOH A 303 . ? 1_555 ? 
4  AC1 6 HOH E . ? HOH A 304 . ? 1_555 ? 
5  AC1 6 HOH E . ? HOH A 305 . ? 1_555 ? 
6  AC1 6 HOH F . ? HOH B 402 . ? 1_555 ? 
7  AC2 5 HOH F . ? HOH B 403 . ? 1_555 ? 
8  AC2 5 HOH F . ? HOH B 404 . ? 1_555 ? 
9  AC2 5 HOH F . ? HOH B 405 . ? 1_555 ? 
10 AC2 5 HOH F . ? HOH B 406 . ? 1_555 ? 
11 AC2 5 HOH F . ? HOH B 408 . ? 1_555 ? 
# 
_atom_sites.entry_id                    4F2Y 
_atom_sites.fract_transf_matrix[1][1]   0.02946820 
_atom_sites.fract_transf_matrix[1][2]   0.00423513 
_atom_sites.fract_transf_matrix[1][3]   -0.02725547 
_atom_sites.fract_transf_matrix[2][1]   -0.01784178 
_atom_sites.fract_transf_matrix[2][2]   0.00268180 
_atom_sites.fract_transf_matrix[2][3]   -0.01887355 
_atom_sites.fract_transf_matrix[3][1]   -0.00013590 
_atom_sites.fract_transf_matrix[3][2]   0.02071700 
_atom_sites.fract_transf_matrix[3][3]   0.00307221 
_atom_sites.fract_transf_vector[1]      0.125450 
_atom_sites.fract_transf_vector[2]      0.043256 
_atom_sites.fract_transf_vector[3]      0.169209 
# 
loop_
_atom_type.symbol 
C  
F  
MG 
N  
O  
P  
# 
loop_
_atom_site.group_PDB 
_atom_site.id 
_atom_site.type_symbol 
_atom_site.label_atom_id 
_atom_site.label_alt_id 
_atom_site.label_comp_id 
_atom_site.label_asym_id 
_atom_site.label_entity_id 
_atom_site.label_seq_id 
_atom_site.pdbx_PDB_ins_code 
_atom_site.Cartn_x 
_atom_site.Cartn_y 
_atom_site.Cartn_z 
_atom_site.occupancy 
_atom_site.B_iso_or_equiv 
_atom_site.pdbx_formal_charge 
_atom_site.auth_seq_id 
_atom_site.auth_comp_id 
_atom_site.auth_asym_id 
_atom_site.auth_atom_id 
_atom_site.pdbx_PDB_model_num 
ATOM   1   O  "O5'" . DG  A 1 1  ? 0.848   2.927   8.728   1.00 28.98 ? 101 DG  A "O5'" 1 
ATOM   2   C  "C5'" . DG  A 1 1  ? 1.635   3.932   9.406   1.00 24.72 ? 101 DG  A "C5'" 1 
ATOM   3   C  "C4'" . DG  A 1 1  ? 2.835   3.306   10.081  1.00 21.22 ? 101 DG  A "C4'" 1 
ATOM   4   O  "O4'" . DG  A 1 1  ? 2.398   2.380   11.102  1.00 21.97 ? 101 DG  A "O4'" 1 
ATOM   5   C  "C3'" . DG  A 1 1  ? 3.724   2.479   9.159   1.00 20.34 ? 101 DG  A "C3'" 1 
ATOM   6   O  "O3'" . DG  A 1 1  ? 4.702   3.312   8.548   1.00 20.04 ? 101 DG  A "O3'" 1 
ATOM   7   C  "C2'" . DG  A 1 1  ? 4.355   1.489   10.116  1.00 18.21 ? 101 DG  A "C2'" 1 
ATOM   8   C  "C1'" . DG  A 1 1  ? 3.204   1.206   11.070  1.00 20.48 ? 101 DG  A "C1'" 1 
ATOM   9   N  N9    . DG  A 1 1  ? 2.353   0.094   10.667  1.00 20.79 ? 101 DG  A N9    1 
ATOM   10  C  C8    . DG  A 1 1  ? 1.074   0.167   10.171  1.00 20.40 ? 101 DG  A C8    1 
ATOM   11  N  N7    . DG  A 1 1  ? 0.559   -1.004  9.910   1.00 19.44 ? 101 DG  A N7    1 
ATOM   12  C  C5    . DG  A 1 1  ? 1.558   -1.902  10.256  1.00 20.36 ? 101 DG  A C5    1 
ATOM   13  C  C6    . DG  A 1 1  ? 1.580   -3.318  10.192  1.00 21.50 ? 101 DG  A C6    1 
ATOM   14  O  O6    . DG  A 1 1  ? 0.692   -4.084  9.803   1.00 22.77 ? 101 DG  A O6    1 
ATOM   15  N  N1    . DG  A 1 1  ? 2.794   -3.831  10.639  1.00 20.54 ? 101 DG  A N1    1 
ATOM   16  C  C2    . DG  A 1 1  ? 3.853   -3.077  11.085  1.00 23.30 ? 101 DG  A C2    1 
ATOM   17  N  N2    . DG  A 1 1  ? 4.941   -3.754  11.471  1.00 26.35 ? 101 DG  A N2    1 
ATOM   18  N  N3    . DG  A 1 1  ? 3.842   -1.756  11.155  1.00 21.12 ? 101 DG  A N3    1 
ATOM   19  C  C4    . DG  A 1 1  ? 2.671   -1.240  10.729  1.00 20.52 ? 101 DG  A C4    1 
ATOM   20  P  P     . DC  A 1 2  ? 5.055   3.124   7.011   1.00 21.69 ? 102 DC  A P     1 
ATOM   21  O  OP1   . DC  A 1 2  ? 6.060   4.170   6.704   1.00 23.47 ? 102 DC  A OP1   1 
ATOM   22  O  OP2   . DC  A 1 2  ? 3.834   2.982   6.173   1.00 22.67 ? 102 DC  A OP2   1 
ATOM   23  O  "O5'" . DC  A 1 2  ? 5.828   1.735   6.966   1.00 19.91 ? 102 DC  A "O5'" 1 
ATOM   24  C  "C5'" . DC  A 1 2  ? 7.140   1.612   7.535   1.00 19.49 ? 102 DC  A "C5'" 1 
ATOM   25  C  "C4'" . DC  A 1 2  ? 7.547   0.162   7.621   1.00 19.09 ? 102 DC  A "C4'" 1 
ATOM   26  O  "O4'" . DC  A 1 2  ? 6.659   -0.548  8.510   1.00 17.50 ? 102 DC  A "O4'" 1 
ATOM   27  C  "C3'" . DC  A 1 2  ? 7.472   -0.621  6.316   1.00 19.15 ? 102 DC  A "C3'" 1 
ATOM   28  O  "O3'" . DC  A 1 2  ? 8.600   -0.404  5.465   1.00 21.47 ? 102 DC  A "O3'" 1 
ATOM   29  C  "C2'" . DC  A 1 2  ? 7.407   -2.044  6.822   1.00 19.18 ? 102 DC  A "C2'" 1 
ATOM   30  C  "C1'" . DC  A 1 2  ? 6.499   -1.888  8.036   1.00 18.45 ? 102 DC  A "C1'" 1 
ATOM   31  N  N1    . DC  A 1 2  ? 5.079   -2.098  7.715   1.00 17.53 ? 102 DC  A N1    1 
ATOM   32  C  C2    . DC  A 1 2  ? 4.598   -3.408  7.663   1.00 16.13 ? 102 DC  A C2    1 
ATOM   33  O  O2    . DC  A 1 2  ? 5.374   -4.341  7.914   1.00 18.76 ? 102 DC  A O2    1 
ATOM   34  N  N3    . DC  A 1 2  ? 3.298   -3.625  7.359   1.00 15.82 ? 102 DC  A N3    1 
ATOM   35  C  C4    . DC  A 1 2  ? 2.498   -2.592  7.083   1.00 15.29 ? 102 DC  A C4    1 
ATOM   36  N  N4    . DC  A 1 2  ? 1.225   -2.852  6.786   1.00 15.93 ? 102 DC  A N4    1 
ATOM   37  C  C5    . DC  A 1 2  ? 2.967   -1.246  7.110   1.00 17.13 ? 102 DC  A C5    1 
ATOM   38  C  C6    . DC  A 1 2  ? 4.254   -1.047  7.418   1.00 17.56 ? 102 DC  A C6    1 
ATOM   39  P  P     . DG  A 1 3  ? 8.365   -0.449  3.885   1.00 21.33 ? 103 DG  A P     1 
ATOM   40  O  OP1   . DG  A 1 3  ? 9.658   -0.006  3.294   1.00 21.39 ? 103 DG  A OP1   1 
ATOM   41  O  OP2   . DG  A 1 3  ? 7.110   0.255   3.508   1.00 21.27 ? 103 DG  A OP2   1 
ATOM   42  O  "O5'" . DG  A 1 3  ? 8.166   -2.006  3.614   1.00 17.90 ? 103 DG  A "O5'" 1 
ATOM   43  C  "C5'" . DG  A 1 3  ? 9.247   -2.917  3.886   1.00 18.76 ? 103 DG  A "C5'" 1 
ATOM   44  C  "C4'" . DG  A 1 3  ? 8.789   -4.345  3.721   1.00 15.72 ? 103 DG  A "C4'" 1 
ATOM   45  O  "O4'" . DG  A 1 3  ? 7.718   -4.630  4.641   1.00 15.63 ? 103 DG  A "O4'" 1 
ATOM   46  C  "C3'" . DG  A 1 3  ? 8.196   -4.684  2.364   1.00 15.27 ? 103 DG  A "C3'" 1 
ATOM   47  O  "O3'" . DG  A 1 3  ? 9.226   -4.963  1.433   1.00 18.74 ? 103 DG  A "O3'" 1 
ATOM   48  C  "C2'" . DG  A 1 3  ? 7.418   -5.943  2.680   1.00 15.59 ? 103 DG  A "C2'" 1 
ATOM   49  C  "C1'" . DG  A 1 3  ? 6.855   -5.606  4.047   1.00 14.56 ? 103 DG  A "C1'" 1 
ATOM   50  N  N9    . DG  A 1 3  ? 5.501   -5.067  4.011   1.00 14.22 ? 103 DG  A N9    1 
ATOM   51  C  C8    . DG  A 1 3  ? 5.084   -3.779  4.256   1.00 13.69 ? 103 DG  A C8    1 
ATOM   52  N  N7    . DG  A 1 3  ? 3.789   -3.636  4.168   1.00 13.64 ? 103 DG  A N7    1 
ATOM   53  C  C5    . DG  A 1 3  ? 3.323   -4.909  3.869   1.00 14.64 ? 103 DG  A C5    1 
ATOM   54  C  C6    . DG  A 1 3  ? 1.998   -5.386  3.690   1.00 12.79 ? 103 DG  A C6    1 
ATOM   55  O  O6    . DG  A 1 3  ? 0.937   -4.756  3.752   1.00 14.78 ? 103 DG  A O6    1 
ATOM   56  N  N1    . DG  A 1 3  ? 1.978   -6.749  3.411   1.00 12.99 ? 103 DG  A N1    1 
ATOM   57  C  C2    . DG  A 1 3  ? 3.089   -7.548  3.299   1.00 13.21 ? 103 DG  A C2    1 
ATOM   58  N  N2    . DG  A 1 3  ? 2.863   -8.840  3.022   1.00 15.32 ? 103 DG  A N2    1 
ATOM   59  N  N3    . DG  A 1 3  ? 4.326   -7.120  3.482   1.00 13.97 ? 103 DG  A N3    1 
ATOM   60  C  C4    . DG  A 1 3  ? 4.367   -5.802  3.774   1.00 13.97 ? 103 DG  A C4    1 
ATOM   61  P  P     . DT  A 1 4  ? 8.896   -4.890  -0.107  1.00 18.70 ? 104 DT  A P     1 
ATOM   62  O  OP1   . DT  A 1 4  ? 10.206  -4.953  -0.809  1.00 20.53 ? 104 DT  A OP1   1 
ATOM   63  O  OP2   . DT  A 1 4  ? 8.002   -3.718  -0.336  1.00 20.13 ? 104 DT  A OP2   1 
ATOM   64  O  "O5'" . DT  A 1 4  ? 8.065   -6.220  -0.399  1.00 18.99 ? 104 DT  A "O5'" 1 
ATOM   65  C  "C5'" . DT  A 1 4  ? 8.561   -7.528  -0.068  1.00 19.50 ? 104 DT  A "C5'" 1 
ATOM   66  C  "C4'" . DT  A 1 4  ? 7.582   -8.573  -0.550  1.00 19.06 ? 104 DT  A "C4'" 1 
ATOM   67  O  "O4'" . DT  A 1 4  ? 6.435   -8.618  0.323   1.00 18.20 ? 104 DT  A "O4'" 1 
ATOM   68  C  "C3'" . DT  A 1 4  ? 7.004   -8.282  -1.929  1.00 18.55 ? 104 DT  A "C3'" 1 
ATOM   69  O  "O3'" . DT  A 1 4  ? 7.850   -8.851  -2.923  1.00 20.18 ? 104 DT  A "O3'" 1 
ATOM   70  C  "C2'" . DT  A 1 4  ? 5.665   -8.989  -1.892  1.00 19.19 ? 104 DT  A "C2'" 1 
ATOM   71  C  "C1'" . DT  A 1 4  ? 5.244   -8.816  -0.447  1.00 17.09 ? 104 DT  A "C1'" 1 
ATOM   72  N  N1    . DT  A 1 4  ? 4.341   -7.676  -0.202  1.00 16.04 ? 104 DT  A N1    1 
ATOM   73  C  C2    . DT  A 1 4  ? 2.989   -7.920  -0.283  1.00 15.30 ? 104 DT  A C2    1 
ATOM   74  O  O2    . DT  A 1 4  ? 2.530   -9.015  -0.568  1.00 14.57 ? 104 DT  A O2    1 
ATOM   75  N  N3    . DT  A 1 4  ? 2.191   -6.832  -0.017  1.00 13.26 ? 104 DT  A N3    1 
ATOM   76  C  C4    . DT  A 1 4  ? 2.605   -5.553  0.304   1.00 12.60 ? 104 DT  A C4    1 
ATOM   77  O  O4    . DT  A 1 4  ? 1.773   -4.680  0.540   1.00 13.61 ? 104 DT  A O4    1 
ATOM   78  C  C5    . DT  A 1 4  ? 4.038   -5.363  0.355   1.00 13.11 ? 104 DT  A C5    1 
ATOM   79  C  C7    . DT  A 1 4  ? 4.577   -4.010  0.693   1.00 13.99 ? 104 DT  A C7    1 
ATOM   80  C  C6    . DT  A 1 4  ? 4.824   -6.420  0.105   1.00 15.59 ? 104 DT  A C6    1 
ATOM   81  P  P     . DA  A 1 5  ? 7.815   -8.187  -4.362  1.00 18.86 ? 105 DA  A P     1 
ATOM   82  O  OP1   . DA  A 1 5  ? 8.842   -8.911  -5.163  1.00 25.03 ? 105 DA  A OP1   1 
ATOM   83  O  OP2   . DA  A 1 5  ? 7.865   -6.706  -4.237  1.00 19.83 ? 105 DA  A OP2   1 
ATOM   84  O  "O5'" . DA  A 1 5  ? 6.375   -8.568  -4.925  1.00 17.35 ? 105 DA  A "O5'" 1 
ATOM   85  C  "C5'" . DA  A 1 5  ? 5.561   -7.578  -5.594  1.00 18.86 ? 105 DA  A "C5'" 1 
ATOM   86  C  "C4'" . DA  A 1 5  ? 4.167   -8.114  -5.811  1.00 18.44 ? 105 DA  A "C4'" 1 
ATOM   87  O  "O4'" . DA  A 1 5  ? 3.517   -8.313  -4.537  1.00 19.22 ? 105 DA  A "O4'" 1 
ATOM   88  C  "C3'" . DA  A 1 5  ? 3.230   -7.185  -6.568  1.00 18.68 ? 105 DA  A "C3'" 1 
ATOM   89  O  "O3'" . DA  A 1 5  ? 3.394   -7.352  -7.971  1.00 23.42 ? 105 DA  A "O3'" 1 
ATOM   90  C  "C2'" . DA  A 1 5  ? 1.870   -7.678  -6.112  1.00 18.69 ? 105 DA  A "C2'" 1 
ATOM   91  C  "C1'" . DA  A 1 5  ? 2.137   -7.950  -4.641  1.00 17.47 ? 105 DA  A "C1'" 1 
ATOM   92  N  N9    . DA  A 1 5  ? 1.915   -6.757  -3.829  1.00 14.81 ? 105 DA  A N9    1 
ATOM   93  C  C8    . DA  A 1 5  ? 2.836   -5.884  -3.305  1.00 14.27 ? 105 DA  A C8    1 
ATOM   94  N  N7    . DA  A 1 5  ? 2.302   -4.885  -2.646  1.00 13.63 ? 105 DA  A N7    1 
ATOM   95  C  C5    . DA  A 1 5  ? 0.935   -5.103  -2.760  1.00 11.72 ? 105 DA  A C5    1 
ATOM   96  C  C6    . DA  A 1 5  ? -0.182  -4.397  -2.279  1.00 11.61 ? 105 DA  A C6    1 
ATOM   97  N  N6    . DA  A 1 5  ? -0.097  -3.271  -1.564  1.00 12.05 ? 105 DA  A N6    1 
ATOM   98  N  N1    . DA  A 1 5  ? -1.407  -4.886  -2.569  1.00 12.18 ? 105 DA  A N1    1 
ATOM   99  C  C2    . DA  A 1 5  ? -1.494  -6.010  -3.291  1.00 12.95 ? 105 DA  A C2    1 
ATOM   100 N  N3    . DA  A 1 5  ? -0.522  -6.756  -3.808  1.00 14.54 ? 105 DA  A N3    1 
ATOM   101 C  C4    . DA  A 1 5  ? 0.683   -6.247  -3.497  1.00 13.70 ? 105 DA  A C4    1 
HETATM 102 F  F     . XTF A 1 6  ? -3.209  -4.666  -9.662  1.00 18.50 ? 106 XTF A F     1 
HETATM 103 C  "C2'" . XTF A 1 6  ? -2.229  -4.117  -8.882  1.00 18.79 ? 106 XTF A "C2'" 1 
HETATM 104 C  "C1'" . XTF A 1 6  ? -2.410  -4.621  -7.454  1.00 18.80 ? 106 XTF A "C1'" 1 
HETATM 105 N  N1    . XTF A 1 6  ? -1.842  -3.662  -6.499  1.00 16.00 ? 106 XTF A N1    1 
HETATM 106 C  C6    . XTF A 1 6  ? -0.509  -3.639  -6.241  1.00 15.87 ? 106 XTF A C6    1 
HETATM 107 C  C5    . XTF A 1 6  ? 0.014   -2.725  -5.333  1.00 14.33 ? 106 XTF A C5    1 
HETATM 108 C  C5M   . XTF A 1 6  ? 1.493   -2.674  -5.043  1.00 15.71 ? 106 XTF A C5M   1 
HETATM 109 C  C2    . XTF A 1 6  ? -2.679  -2.823  -5.867  1.00 15.78 ? 106 XTF A C2    1 
HETATM 110 O  O2    . XTF A 1 6  ? -3.909  -2.819  -6.088  1.00 17.31 ? 106 XTF A O2    1 
HETATM 111 N  N3    . XTF A 1 6  ? -2.185  -1.950  -4.984  1.00 15.35 ? 106 XTF A N3    1 
HETATM 112 C  C4    . XTF A 1 6  ? -0.871  -1.878  -4.694  1.00 14.87 ? 106 XTF A C4    1 
HETATM 113 O  O4    . XTF A 1 6  ? -0.492  -1.029  -3.855  1.00 15.96 ? 106 XTF A O4    1 
HETATM 114 C  "C7'" . XTF A 1 6  ? -1.789  -5.992  -7.205  1.00 18.64 ? 106 XTF A "C7'" 1 
HETATM 115 C  "C6'" . XTF A 1 6  ? -1.003  -6.612  -8.110  1.00 18.80 ? 106 XTF A "C6'" 1 
HETATM 116 C  "C3'" . XTF A 1 6  ? -0.879  -4.490  -9.482  1.00 19.76 ? 106 XTF A "C3'" 1 
HETATM 117 O  "O3'" . XTF A 1 6  ? -0.897  -4.009  -10.831 1.00 21.47 ? 106 XTF A "O3'" 1 
HETATM 118 C  "C4'" . XTF A 1 6  ? -0.655  -6.010  -9.455  1.00 16.70 ? 106 XTF A "C4'" 1 
HETATM 119 C  "C5'" . XTF A 1 6  ? 0.782   -6.400  -9.797  1.00 19.83 ? 106 XTF A "C5'" 1 
HETATM 120 O  "O5'" . XTF A 1 6  ? 1.676   -5.764  -8.890  1.00 19.98 ? 106 XTF A "O5'" 1 
HETATM 121 P  P     . XTF A 1 6  ? 3.228   -6.072  -8.912  1.00 20.35 ? 106 XTF A P     1 
HETATM 122 O  OP1   . XTF A 1 6  ? 3.615   -6.455  -10.285 1.00 26.71 ? 106 XTF A OP1   1 
HETATM 123 O  OP2   . XTF A 1 6  ? 3.870   -4.896  -8.305  1.00 25.23 ? 106 XTF A OP2   1 
ATOM   124 P  P     . DA  A 1 7  ? -0.312  -2.564  -11.182 1.00 25.51 ? 107 DA  A P     1 
ATOM   125 O  OP1   . DA  A 1 7  ? -0.038  -2.521  -12.640 1.00 28.84 ? 107 DA  A OP1   1 
ATOM   126 O  OP2   . DA  A 1 7  ? 0.772   -2.231  -10.222 1.00 24.65 ? 107 DA  A OP2   1 
ATOM   127 O  "O5'" . DA  A 1 7  ? -1.490  -1.544  -10.856 1.00 26.90 ? 107 DA  A "O5'" 1 
ATOM   128 C  "C5'" . DA  A 1 7  ? -2.657  -1.478  -11.690 1.00 24.57 ? 107 DA  A "C5'" 1 
ATOM   129 C  "C4'" . DA  A 1 7  ? -3.752  -0.710  -10.991 1.00 21.31 ? 107 DA  A "C4'" 1 
ATOM   130 O  "O4'" . DA  A 1 7  ? -3.853  -1.110  -9.604  1.00 21.89 ? 107 DA  A "O4'" 1 
ATOM   131 C  "C3'" . DA  A 1 7  ? -3.544  0.794   -10.917 1.00 21.50 ? 107 DA  A "C3'" 1 
ATOM   132 O  "O3'" . DA  A 1 7  ? -3.826  1.441   -12.157 1.00 21.57 ? 107 DA  A "O3'" 1 
ATOM   133 C  "C2'" . DA  A 1 7  ? -4.519  1.161   -9.818  1.00 19.49 ? 107 DA  A "C2'" 1 
ATOM   134 C  "C1'" . DA  A 1 7  ? -4.280  0.019   -8.833  1.00 18.22 ? 107 DA  A "C1'" 1 
ATOM   135 N  N9    . DA  A 1 7  ? -3.218  0.353   -7.885  1.00 16.91 ? 107 DA  A N9    1 
ATOM   136 C  C8    . DA  A 1 7  ? -1.890  0.009   -7.916  1.00 18.94 ? 107 DA  A C8    1 
ATOM   137 N  N7    . DA  A 1 7  ? -1.191  0.514   -6.928  1.00 17.51 ? 107 DA  A N7    1 
ATOM   138 C  C5    . DA  A 1 7  ? -2.115  1.264   -6.215  1.00 16.35 ? 107 DA  A C5    1 
ATOM   139 C  C6    . DA  A 1 7  ? -2.002  2.065   -5.063  1.00 15.29 ? 107 DA  A C6    1 
ATOM   140 N  N6    . DA  A 1 7  ? -0.861  2.241   -4.393  1.00 15.22 ? 107 DA  A N6    1 
ATOM   141 N  N1    . DA  A 1 7  ? -3.115  2.683   -4.614  1.00 14.51 ? 107 DA  A N1    1 
ATOM   142 C  C2    . DA  A 1 7  ? -4.258  2.515   -5.292  1.00 14.50 ? 107 DA  A C2    1 
ATOM   143 N  N3    . DA  A 1 7  ? -4.489  1.794   -6.388  1.00 15.23 ? 107 DA  A N3    1 
ATOM   144 C  C4    . DA  A 1 7  ? -3.362  1.193   -6.807  1.00 14.60 ? 107 DA  A C4    1 
ATOM   145 P  P     . DC  A 1 8  ? -3.034  2.772   -12.588 1.00 23.82 ? 108 DC  A P     1 
ATOM   146 O  OP1   . DC  A 1 8  ? -3.475  3.069   -13.972 1.00 27.37 ? 108 DC  A OP1   1 
ATOM   147 O  OP2   . DC  A 1 8  ? -1.592  2.698   -12.266 1.00 24.08 ? 108 DC  A OP2   1 
ATOM   148 O  "O5'" . DC  A 1 8  ? -3.604  3.885   -11.607 1.00 21.63 ? 108 DC  A "O5'" 1 
ATOM   149 C  "C5'" . DC  A 1 8  ? -4.981  4.266   -11.657 1.00 23.26 ? 108 DC  A "C5'" 1 
ATOM   150 C  "C4'" . DC  A 1 8  ? -5.320  5.073   -10.428 1.00 20.88 ? 108 DC  A "C4'" 1 
ATOM   151 O  "O4'" . DC  A 1 8  ? -4.970  4.347   -9.227  1.00 20.72 ? 108 DC  A "O4'" 1 
ATOM   152 C  "C3'" . DC  A 1 8  ? -4.562  6.382   -10.272 1.00 21.18 ? 108 DC  A "C3'" 1 
ATOM   153 O  "O3'" . DC  A 1 8  ? -4.976  7.406   -11.185 1.00 21.85 ? 108 DC  A "O3'" 1 
ATOM   154 C  "C2'" . DC  A 1 8  ? -4.838  6.687   -8.813  1.00 19.98 ? 108 DC  A "C2'" 1 
ATOM   155 C  "C1'" . DC  A 1 8  ? -4.707  5.295   -8.186  1.00 18.62 ? 108 DC  A "C1'" 1 
ATOM   156 N  N1    . DC  A 1 8  ? -3.351  5.056   -7.665  1.00 17.39 ? 108 DC  A N1    1 
ATOM   157 C  C2    . DC  A 1 8  ? -3.032  5.574   -6.405  1.00 16.85 ? 108 DC  A C2    1 
ATOM   158 O  O2    . DC  A 1 8  ? -3.915  6.157   -5.756  1.00 18.83 ? 108 DC  A O2    1 
ATOM   159 N  N3    . DC  A 1 8  ? -1.779  5.418   -5.923  1.00 16.23 ? 108 DC  A N3    1 
ATOM   160 C  C4    . DC  A 1 8  ? -0.855  4.796   -6.656  1.00 16.51 ? 108 DC  A C4    1 
ATOM   161 N  N4    . DC  A 1 8  ? 0.368   4.664   -6.138  1.00 20.90 ? 108 DC  A N4    1 
ATOM   162 C  C5    . DC  A 1 8  ? -1.146  4.273   -7.952  1.00 18.33 ? 108 DC  A C5    1 
ATOM   163 C  C6    . DC  A 1 8  ? -2.390  4.445   -8.421  1.00 17.79 ? 108 DC  A C6    1 
ATOM   164 P  P     . DG  A 1 9  ? -3.957  8.594   -11.544 1.00 22.52 ? 109 DG  A P     1 
ATOM   165 O  OP1   . DG  A 1 9  ? -4.614  9.398   -12.600 1.00 23.68 ? 109 DG  A OP1   1 
ATOM   166 O  OP2   . DG  A 1 9  ? -2.579  8.100   -11.745 1.00 23.88 ? 109 DG  A OP2   1 
ATOM   167 O  "O5'" . DG  A 1 9  ? -3.909  9.495   -10.237 1.00 19.66 ? 109 DG  A "O5'" 1 
ATOM   168 C  "C5'" . DG  A 1 9  ? -5.090  10.188  -9.815  1.00 18.73 ? 109 DG  A "C5'" 1 
ATOM   169 C  "C4'" . DG  A 1 9  ? -4.850  10.823  -8.468  1.00 16.16 ? 109 DG  A "C4'" 1 
ATOM   170 O  "O4'" . DG  A 1 9  ? -4.422  9.826   -7.516  1.00 15.97 ? 109 DG  A "O4'" 1 
ATOM   171 C  "C3'" . DG  A 1 9  ? -3.743  11.865  -8.420  1.00 14.32 ? 109 DG  A "C3'" 1 
ATOM   172 O  "O3'" . DG  A 1 9  ? -4.198  13.120  -8.926  1.00 14.86 ? 109 DG  A "O3'" 1 
ATOM   173 C  "C2'" . DG  A 1 9  ? -3.485  11.938  -6.930  1.00 13.99 ? 109 DG  A "C2'" 1 
ATOM   174 C  "C1'" . DG  A 1 9  ? -3.612  10.468  -6.531  1.00 15.45 ? 109 DG  A "C1'" 1 
ATOM   175 N  N9    . DG  A 1 9  ? -2.325  9.788   -6.483  1.00 15.46 ? 109 DG  A N9    1 
ATOM   176 C  C8    . DG  A 1 9  ? -1.813  8.858   -7.356  1.00 14.66 ? 109 DG  A C8    1 
ATOM   177 N  N7    . DG  A 1 9  ? -0.623  8.440   -7.017  1.00 16.12 ? 109 DG  A N7    1 
ATOM   178 C  C5    . DG  A 1 9  ? -0.329  9.147   -5.859  1.00 15.11 ? 109 DG  A C5    1 
ATOM   179 C  C6    . DG  A 1 9  ? 0.826   9.122   -5.032  1.00 14.82 ? 109 DG  A C6    1 
ATOM   180 O  O6    . DG  A 1 9  ? 1.851   8.444   -5.160  1.00 19.04 ? 109 DG  A O6    1 
ATOM   181 N  N1    . DG  A 1 9  ? 0.706   10.005  -3.962  1.00 17.07 ? 109 DG  A N1    1 
ATOM   182 C  C2    . DG  A 1 9  ? -0.376  10.814  -3.723  1.00 16.24 ? 109 DG  A C2    1 
ATOM   183 N  N2    . DG  A 1 9  ? -0.299  11.607  -2.644  1.00 16.77 ? 109 DG  A N2    1 
ATOM   184 N  N3    . DG  A 1 9  ? -1.455  10.843  -4.482  1.00 15.85 ? 109 DG  A N3    1 
ATOM   185 C  C4    . DG  A 1 9  ? -1.362  9.994   -5.527  1.00 14.37 ? 109 DG  A C4    1 
ATOM   186 P  P     . DC  A 1 10 ? -3.183  14.144  -9.622  1.00 14.74 ? 110 DC  A P     1 
ATOM   187 O  OP1   . DC  A 1 10 ? -4.039  15.223  -10.170 1.00 18.21 ? 110 DC  A OP1   1 
ATOM   188 O  OP2   . DC  A 1 10 ? -2.281  13.409  -10.530 1.00 16.50 ? 110 DC  A OP2   1 
ATOM   189 O  "O5'" . DC  A 1 10 ? -2.276  14.703  -8.438  1.00 15.09 ? 110 DC  A "O5'" 1 
ATOM   190 C  "C5'" . DC  A 1 10 ? -2.815  15.602  -7.450  1.00 16.24 ? 110 DC  A "C5'" 1 
ATOM   191 C  "C4'" . DC  A 1 10 ? -1.812  15.845  -6.346  1.00 15.96 ? 110 DC  A "C4'" 1 
ATOM   192 O  "O4'" . DC  A 1 10 ? -1.471  14.598  -5.701  1.00 14.92 ? 110 DC  A "O4'" 1 
ATOM   193 C  "C3'" . DC  A 1 10 ? -0.468  16.417  -6.778  1.00 15.72 ? 110 DC  A "C3'" 1 
ATOM   194 O  "O3'" . DC  A 1 10 ? -0.519  17.838  -6.911  1.00 18.23 ? 110 DC  A "O3'" 1 
ATOM   195 C  "C2'" . DC  A 1 10 ? 0.409   16.052  -5.598  1.00 15.53 ? 110 DC  A "C2'" 1 
ATOM   196 C  "C1'" . DC  A 1 10 ? -0.129  14.678  -5.211  1.00 15.29 ? 110 DC  A "C1'" 1 
ATOM   197 N  N1    . DC  A 1 10 ? 0.648   13.573  -5.796  1.00 16.05 ? 110 DC  A N1    1 
ATOM   198 C  C2    . DC  A 1 10 ? 1.832   13.196  -5.157  1.00 16.03 ? 110 DC  A C2    1 
ATOM   199 O  O2    . DC  A 1 10 ? 2.164   13.784  -4.118  1.00 15.80 ? 110 DC  A O2    1 
ATOM   200 N  N3    . DC  A 1 10 ? 2.573   12.191  -5.677  1.00 16.68 ? 110 DC  A N3    1 
ATOM   201 C  C4    . DC  A 1 10 ? 2.174   11.578  -6.795  1.00 15.89 ? 110 DC  A C4    1 
ATOM   202 N  N4    . DC  A 1 10 ? 2.929   10.581  -7.266  1.00 18.58 ? 110 DC  A N4    1 
ATOM   203 C  C5    . DC  A 1 10 ? 0.978   11.953  -7.476  1.00 16.19 ? 110 DC  A C5    1 
ATOM   204 C  C6    . DC  A 1 10 ? 0.256   12.951  -6.950  1.00 15.90 ? 110 DC  A C6    1 
ATOM   205 O  "O5'" . DG  B 1 1  ? 10.461  7.760   -0.630  1.00 31.32 ? 201 DG  B "O5'" 1 
ATOM   206 C  "C5'" . DG  B 1 1  ? 11.076  8.611   0.355   1.00 26.53 ? 201 DG  B "C5'" 1 
ATOM   207 C  "C4'" . DG  B 1 1  ? 10.240  9.851   0.561   1.00 25.68 ? 201 DG  B "C4'" 1 
ATOM   208 O  "O4'" . DG  B 1 1  ? 10.184  10.628  -0.657  1.00 24.93 ? 201 DG  B "O4'" 1 
ATOM   209 C  "C3'" . DG  B 1 1  ? 8.780   9.600   0.916   1.00 23.78 ? 201 DG  B "C3'" 1 
ATOM   210 O  "O3'" . DG  B 1 1  ? 8.633   9.319   2.307   1.00 27.58 ? 201 DG  B "O3'" 1 
ATOM   211 C  "C2'" . DG  B 1 1  ? 8.141   10.912  0.513   1.00 22.42 ? 201 DG  B "C2'" 1 
ATOM   212 C  "C1'" . DG  B 1 1  ? 8.888   11.217  -0.783  1.00 23.31 ? 201 DG  B "C1'" 1 
ATOM   213 N  N9    . DG  B 1 1  ? 8.260   10.679  -1.989  1.00 23.88 ? 201 DG  B N9    1 
ATOM   214 C  C8    . DG  B 1 1  ? 8.726   9.666   -2.791  1.00 22.73 ? 201 DG  B C8    1 
ATOM   215 N  N7    . DG  B 1 1  ? 7.951   9.422   -3.812  1.00 23.64 ? 201 DG  B N7    1 
ATOM   216 C  C5    . DG  B 1 1  ? 6.898   10.315  -3.666  1.00 22.16 ? 201 DG  B C5    1 
ATOM   217 C  C6    . DG  B 1 1  ? 5.747   10.522  -4.474  1.00 21.83 ? 201 DG  B C6    1 
ATOM   218 O  O6    . DG  B 1 1  ? 5.416   9.937   -5.514  1.00 23.11 ? 201 DG  B O6    1 
ATOM   219 N  N1    . DG  B 1 1  ? 4.942   11.536  -3.964  1.00 19.92 ? 201 DG  B N1    1 
ATOM   220 C  C2    . DG  B 1 1  ? 5.213   12.268  -2.833  1.00 19.97 ? 201 DG  B C2    1 
ATOM   221 N  N2    . DG  B 1 1  ? 4.315   13.210  -2.504  1.00 19.59 ? 201 DG  B N2    1 
ATOM   222 N  N3    . DG  B 1 1  ? 6.283   12.088  -2.075  1.00 21.50 ? 201 DG  B N3    1 
ATOM   223 C  C4    . DG  B 1 1  ? 7.075   11.101  -2.547  1.00 22.03 ? 201 DG  B C4    1 
ATOM   224 P  P     . DC  B 1 2  ? 7.412   8.445   2.844   1.00 25.14 ? 202 DC  B P     1 
ATOM   225 O  OP1   . DC  B 1 2  ? 7.726   8.244   4.283   1.00 25.92 ? 202 DC  B OP1   1 
ATOM   226 O  OP2   . DC  B 1 2  ? 7.224   7.265   1.960   1.00 26.06 ? 202 DC  B OP2   1 
ATOM   227 O  "O5'" . DC  B 1 2  ? 6.121   9.373   2.709   1.00 21.37 ? 202 DC  B "O5'" 1 
ATOM   228 C  "C5'" . DC  B 1 2  ? 5.924   10.493  3.589   1.00 20.11 ? 202 DC  B "C5'" 1 
ATOM   229 C  "C4'" . DC  B 1 2  ? 4.739   11.312  3.134   1.00 19.45 ? 202 DC  B "C4'" 1 
ATOM   230 O  "O4'" . DC  B 1 2  ? 4.949   11.771  1.780   1.00 19.53 ? 202 DC  B "O4'" 1 
ATOM   231 C  "C3'" . DC  B 1 2  ? 3.411   10.569  3.066   1.00 20.68 ? 202 DC  B "C3'" 1 
ATOM   232 O  "O3'" . DC  B 1 2  ? 2.771   10.440  4.337   1.00 24.62 ? 202 DC  B "O3'" 1 
ATOM   233 C  "C2'" . DC  B 1 2  ? 2.626   11.455  2.119   1.00 19.59 ? 202 DC  B "C2'" 1 
ATOM   234 C  "C1'" . DC  B 1 2  ? 3.695   11.795  1.090   1.00 17.88 ? 202 DC  B "C1'" 1 
ATOM   235 N  N1    . DC  B 1 2  ? 3.755   10.813  -0.006  1.00 17.51 ? 202 DC  B N1    1 
ATOM   236 C  C2    . DC  B 1 2  ? 2.773   10.872  -0.998  1.00 16.36 ? 202 DC  B C2    1 
ATOM   237 O  O2    . DC  B 1 2  ? 1.900   11.752  -0.925  1.00 18.06 ? 202 DC  B O2    1 
ATOM   238 N  N3    . DC  B 1 2  ? 2.804   9.983   -2.014  1.00 15.66 ? 202 DC  B N3    1 
ATOM   239 C  C4    . DC  B 1 2  ? 3.755   9.046   -2.053  1.00 17.26 ? 202 DC  B C4    1 
ATOM   240 N  N4    . DC  B 1 2  ? 3.745   8.187   -3.076  1.00 18.25 ? 202 DC  B N4    1 
ATOM   241 C  C5    . DC  B 1 2  ? 4.763   8.953   -1.048  1.00 17.52 ? 202 DC  B C5    1 
ATOM   242 C  C6    . DC  B 1 2  ? 4.724   9.848   -0.050  1.00 16.93 ? 202 DC  B C6    1 
ATOM   243 P  P     . DG  B 1 3  ? 1.791   9.195   4.564   1.00 24.21 ? 203 DG  B P     1 
ATOM   244 O  OP1   . DG  B 1 3  ? 1.336   9.273   5.976   1.00 29.49 ? 203 DG  B OP1   1 
ATOM   245 O  OP2   . DG  B 1 3  ? 2.468   7.969   4.056   1.00 23.55 ? 203 DG  B OP2   1 
ATOM   246 O  "O5'" . DG  B 1 3  ? 0.570   9.475   3.585   1.00 24.67 ? 203 DG  B "O5'" 1 
ATOM   247 C  "C5'" . DG  B 1 3  ? -0.349  10.546  3.843   1.00 23.20 ? 203 DG  B "C5'" 1 
ATOM   248 C  "C4'" . DG  B 1 3  ? -1.348  10.631  2.715   1.00 22.70 ? 203 DG  B "C4'" 1 
ATOM   249 O  "O4'" . DG  B 1 3  ? -0.659  10.707  1.451   1.00 23.35 ? 203 DG  B "O4'" 1 
ATOM   250 C  "C3'" . DG  B 1 3  ? -2.240  9.409   2.563   1.00 23.18 ? 203 DG  B "C3'" 1 
ATOM   251 O  "O3'" . DG  B 1 3  ? -3.315  9.416   3.502   1.00 25.78 ? 203 DG  B "O3'" 1 
ATOM   252 C  "C2'" . DG  B 1 3  ? -2.720  9.562   1.137   1.00 22.71 ? 203 DG  B "C2'" 1 
ATOM   253 C  "C1'" . DG  B 1 3  ? -1.472  10.096  0.444   1.00 22.38 ? 203 DG  B "C1'" 1 
ATOM   254 N  N9    . DG  B 1 3  ? -0.692  9.058   -0.227  1.00 21.93 ? 203 DG  B N9    1 
ATOM   255 C  C8    . DG  B 1 3  ? 0.539   8.551   0.115   1.00 19.93 ? 203 DG  B C8    1 
ATOM   256 N  N7    . DG  B 1 3  ? 0.957   7.618   -0.701  1.00 20.00 ? 203 DG  B N7    1 
ATOM   257 C  C5    . DG  B 1 3  ? -0.059  7.508   -1.642  1.00 19.16 ? 203 DG  B C5    1 
ATOM   258 C  C6    . DG  B 1 3  ? -0.179  6.658   -2.780  1.00 19.22 ? 203 DG  B C6    1 
ATOM   259 O  O6    . DG  B 1 3  ? 0.624   5.825   -3.212  1.00 20.60 ? 203 DG  B O6    1 
ATOM   260 N  N1    . DG  B 1 3  ? -1.382  6.865   -3.446  1.00 18.73 ? 203 DG  B N1    1 
ATOM   261 C  C2    . DG  B 1 3  ? -2.345  7.768   -3.076  1.00 17.85 ? 203 DG  B C2    1 
ATOM   262 N  N2    . DG  B 1 3  ? -3.436  7.822   -3.851  1.00 17.11 ? 203 DG  B N2    1 
ATOM   263 N  N3    . DG  B 1 3  ? -2.251  8.557   -2.018  1.00 19.14 ? 203 DG  B N3    1 
ATOM   264 C  C4    . DG  B 1 3  ? -1.088  8.381   -1.358  1.00 20.46 ? 203 DG  B C4    1 
ATOM   265 P  P     . DT  B 1 4  ? -3.932  8.001   3.917   1.00 28.43 ? 204 DT  B P     1 
ATOM   266 O  OP1   . DT  B 1 4  ? -4.850  8.221   5.063   1.00 32.42 ? 204 DT  B OP1   1 
ATOM   267 O  OP2   . DT  B 1 4  ? -2.859  6.982   4.009   1.00 24.65 ? 204 DT  B OP2   1 
ATOM   268 O  "O5'" . DT  B 1 4  ? -4.754  7.603   2.615   1.00 24.15 ? 204 DT  B "O5'" 1 
ATOM   269 C  "C5'" . DT  B 1 4  ? -5.899  8.353   2.196   1.00 24.88 ? 204 DT  B "C5'" 1 
ATOM   270 C  "C4'" . DT  B 1 4  ? -6.530  7.639   1.027   1.00 22.87 ? 204 DT  B "C4'" 1 
ATOM   271 O  "O4'" . DT  B 1 4  ? -5.589  7.599   -0.065  1.00 22.03 ? 204 DT  B "O4'" 1 
ATOM   272 C  "C3'" . DT  B 1 4  ? -6.844  6.170   1.284   1.00 21.53 ? 204 DT  B "C3'" 1 
ATOM   273 O  "O3'" . DT  B 1 4  ? -8.024  5.956   2.064   1.00 24.67 ? 204 DT  B "O3'" 1 
ATOM   274 C  "C2'" . DT  B 1 4  ? -6.918  5.624   -0.126  1.00 17.19 ? 204 DT  B "C2'" 1 
ATOM   275 C  "C1'" . DT  B 1 4  ? -5.839  6.430   -0.848  1.00 16.80 ? 204 DT  B "C1'" 1 
ATOM   276 N  N1    . DT  B 1 4  ? -4.564  5.701   -1.024  1.00 15.08 ? 204 DT  B N1    1 
ATOM   277 C  C2    . DT  B 1 4  ? -4.473  4.849   -2.104  1.00 13.37 ? 204 DT  B C2    1 
ATOM   278 O  O2    . DT  B 1 4  ? -5.384  4.678   -2.895  1.00 15.47 ? 204 DT  B O2    1 
ATOM   279 N  N3    . DT  B 1 4  ? -3.271  4.200   -2.223  1.00 14.65 ? 204 DT  B N3    1 
ATOM   280 C  C4    . DT  B 1 4  ? -2.184  4.294   -1.375  1.00 15.70 ? 204 DT  B C4    1 
ATOM   281 O  O4    . DT  B 1 4  ? -1.170  3.635   -1.605  1.00 16.79 ? 204 DT  B O4    1 
ATOM   282 C  C5    . DT  B 1 4  ? -2.352  5.192   -0.253  1.00 16.68 ? 204 DT  B C5    1 
ATOM   283 C  C7    . DT  B 1 4  ? -1.226  5.364   0.717   1.00 22.60 ? 204 DT  B C7    1 
ATOM   284 C  C6    . DT  B 1 4  ? -3.518  5.842   -0.136  1.00 16.68 ? 204 DT  B C6    1 
ATOM   285 P  P     . DA  B 1 5  ? -8.069  4.633   2.975   1.00 28.39 ? 205 DA  B P     1 
ATOM   286 O  OP1   . DA  B 1 5  ? -9.211  4.805   3.906   1.00 36.01 ? 205 DA  B OP1   1 
ATOM   287 O  OP2   . DA  B 1 5  ? -6.734  4.302   3.521   1.00 31.41 ? 205 DA  B OP2   1 
ATOM   288 O  "O5'" . DA  B 1 5  ? -8.345  3.447   1.945   1.00 24.02 ? 205 DA  B "O5'" 1 
ATOM   289 C  "C5'" . DA  B 1 5  ? -9.662  3.169   1.473   1.00 24.33 ? 205 DA  B "C5'" 1 
ATOM   290 C  "C4'" . DA  B 1 5  ? -9.613  2.342   0.209   1.00 19.30 ? 205 DA  B "C4'" 1 
ATOM   291 O  "O4'" . DA  B 1 5  ? -8.644  2.855   -0.733  1.00 17.25 ? 205 DA  B "O4'" 1 
ATOM   292 C  "C3'" . DA  B 1 5  ? -9.216  0.882   0.365   1.00 17.48 ? 205 DA  B "C3'" 1 
ATOM   293 O  "O3'" . DA  B 1 5  ? -10.241 0.097   0.976   1.00 20.82 ? 205 DA  B "O3'" 1 
ATOM   294 C  "C2'" . DA  B 1 5  ? -8.932  0.518   -1.077  1.00 16.59 ? 205 DA  B "C2'" 1 
ATOM   295 C  "C1'" . DA  B 1 5  ? -8.208  1.773   -1.571  1.00 14.97 ? 205 DA  B "C1'" 1 
ATOM   296 N  N9    . DA  B 1 5  ? -6.757  1.646   -1.436  1.00 14.30 ? 205 DA  B N9    1 
ATOM   297 C  C8    . DA  B 1 5  ? -5.946  2.161   -0.455  1.00 14.37 ? 205 DA  B C8    1 
ATOM   298 N  N7    . DA  B 1 5  ? -4.686  1.826   -0.584  1.00 13.85 ? 205 DA  B N7    1 
ATOM   299 C  C5    . DA  B 1 5  ? -4.668  1.019   -1.713  1.00 12.42 ? 205 DA  B C5    1 
ATOM   300 C  C6    . DA  B 1 5  ? -3.630  0.340   -2.376  1.00 13.00 ? 205 DA  B C6    1 
ATOM   301 N  N6    . DA  B 1 5  ? -2.354  0.379   -1.990  1.00 15.02 ? 205 DA  B N6    1 
ATOM   302 N  N1    . DA  B 1 5  ? -3.950  -0.373  -3.477  1.00 12.86 ? 205 DA  B N1    1 
ATOM   303 C  C2    . DA  B 1 5  ? -5.229  -0.408  -3.870  1.00 14.06 ? 205 DA  B C2    1 
ATOM   304 N  N3    . DA  B 1 5  ? -6.293  0.182   -3.328  1.00 14.36 ? 205 DA  B N3    1 
ATOM   305 C  C4    . DA  B 1 5  ? -5.937  0.901   -2.248  1.00 13.80 ? 205 DA  B C4    1 
HETATM 306 F  F     . XTF B 1 6  ? -8.932  -6.030  -2.720  1.00 20.42 ? 206 XTF B F     1 
HETATM 307 C  "C2'" . XTF B 1 6  ? -8.175  -5.308  -1.816  1.00 16.88 ? 206 XTF B "C2'" 1 
HETATM 308 C  "C1'" . XTF B 1 6  ? -7.384  -4.254  -2.600  1.00 15.65 ? 206 XTF B "C1'" 1 
HETATM 309 N  N1    . XTF B 1 6  ? -6.152  -3.796  -1.929  1.00 13.01 ? 206 XTF B N1    1 
HETATM 310 C  C6    . XTF B 1 6  ? -6.206  -2.829  -0.988  1.00 12.55 ? 206 XTF B C6    1 
HETATM 311 C  C5    . XTF B 1 6  ? -5.052  -2.379  -0.360  1.00 11.30 ? 206 XTF B C5    1 
HETATM 312 C  C5M   . XTF B 1 6  ? -5.152  -1.321  0.704   1.00 13.33 ? 206 XTF B C5M   1 
HETATM 313 C  C2    . XTF B 1 6  ? -4.960  -4.322  -2.286  1.00 14.07 ? 206 XTF B C2    1 
HETATM 314 O  O2    . XTF B 1 6  ? -4.866  -5.212  -3.169  1.00 15.82 ? 206 XTF B O2    1 
HETATM 315 N  N3    . XTF B 1 6  ? -3.823  -3.883  -1.700  1.00 11.39 ? 206 XTF B N3    1 
HETATM 316 C  C4    . XTF B 1 6  ? -3.834  -2.929  -0.739  1.00 10.51 ? 206 XTF B C4    1 
HETATM 317 O  O4    . XTF B 1 6  ? -2.737  -2.564  -0.231  1.00 10.99 ? 206 XTF B O4    1 
HETATM 318 C  "C7'" . XTF B 1 6  ? -8.239  -3.049  -2.983  1.00 14.83 ? 206 XTF B "C7'" 1 
HETATM 319 C  "C6'" . XTF B 1 6  ? -9.422  -2.792  -2.389  1.00 15.63 ? 206 XTF B "C6'" 1 
HETATM 320 C  "C3'" . XTF B 1 6  ? -9.049  -4.674  -0.729  1.00 17.25 ? 206 XTF B "C3'" 1 
HETATM 321 O  "O3'" . XTF B 1 6  ? -9.803  -5.692  -0.074  1.00 20.68 ? 206 XTF B "O3'" 1 
HETATM 322 C  "C4'" . XTF B 1 6  ? -10.040 -3.664  -1.309  1.00 17.12 ? 206 XTF B "C4'" 1 
HETATM 323 C  "C5'" . XTF B 1 6  ? -10.647 -2.801  -0.208  1.00 18.40 ? 206 XTF B "C5'" 1 
HETATM 324 O  "O5'" . XTF B 1 6  ? -9.593  -2.239  0.562   1.00 19.75 ? 206 XTF B "O5'" 1 
HETATM 325 P  P     . XTF B 1 6  ? -9.867  -1.249  1.760   1.00 22.07 ? 206 XTF B P     1 
HETATM 326 O  OP1   . XTF B 1 6  ? -11.063 -1.665  2.520   1.00 28.09 ? 206 XTF B OP1   1 
HETATM 327 O  OP2   . XTF B 1 6  ? -8.612  -1.059  2.502   1.00 23.77 ? 206 XTF B OP2   1 
ATOM   328 P  P     . DA  B 1 7  ? -9.274  -6.463  1.227   1.00 20.69 ? 207 DA  B P     1 
ATOM   329 O  OP1   . DA  B 1 7  ? -10.407 -7.235  1.779   1.00 23.18 ? 207 DA  B OP1   1 
ATOM   330 O  OP2   . DA  B 1 7  ? -8.485  -5.586  2.118   1.00 20.05 ? 207 DA  B OP2   1 
ATOM   331 O  "O5'" . DA  B 1 7  ? -8.225  -7.525  0.681   1.00 20.06 ? 207 DA  B "O5'" 1 
ATOM   332 C  "C5'" . DA  B 1 7  ? -8.666  -8.639  -0.107  1.00 19.70 ? 207 DA  B "C5'" 1 
ATOM   333 C  "C4'" . DA  B 1 7  ? -7.477  -9.421  -0.611  1.00 19.22 ? 207 DA  B "C4'" 1 
ATOM   334 O  "O4'" . DA  B 1 7  ? -6.576  -8.540  -1.313  1.00 17.85 ? 207 DA  B "O4'" 1 
ATOM   335 C  "C3'" . DA  B 1 7  ? -6.617  -10.042 0.478   1.00 18.68 ? 207 DA  B "C3'" 1 
ATOM   336 O  "O3'" . DA  B 1 7  ? -7.175  -11.273 0.943   1.00 19.29 ? 207 DA  B "O3'" 1 
ATOM   337 C  "C2'" . DA  B 1 7  ? -5.305  -10.242 -0.251  1.00 17.67 ? 207 DA  B "C2'" 1 
ATOM   338 C  "C1'" . DA  B 1 7  ? -5.240  -9.001  -1.132  1.00 15.90 ? 207 DA  B "C1'" 1 
ATOM   339 N  N9    . DA  B 1 7  ? -4.477  -7.926  -0.510  1.00 15.15 ? 207 DA  B N9    1 
ATOM   340 C  C8    . DA  B 1 7  ? -4.940  -6.839  0.192   1.00 14.65 ? 207 DA  B C8    1 
ATOM   341 N  N7    . DA  B 1 7  ? -3.988  -6.064  0.652   1.00 13.41 ? 207 DA  B N7    1 
ATOM   342 C  C5    . DA  B 1 7  ? -2.820  -6.680  0.222   1.00 12.98 ? 207 DA  B C5    1 
ATOM   343 C  C6    . DA  B 1 7  ? -1.461  -6.352  0.380   1.00 10.97 ? 207 DA  B C6    1 
ATOM   344 N  N6    . DA  B 1 7  ? -1.031  -5.267  1.028   1.00 11.92 ? 207 DA  B N6    1 
ATOM   345 N  N1    . DA  B 1 7  ? -0.546  -7.190  -0.155  1.00 12.19 ? 207 DA  B N1    1 
ATOM   346 C  C2    . DA  B 1 7  ? -0.977  -8.276  -0.810  1.00 12.89 ? 207 DA  B C2    1 
ATOM   347 N  N3    . DA  B 1 7  ? -2.221  -8.689  -1.025  1.00 12.47 ? 207 DA  B N3    1 
ATOM   348 C  C4    . DA  B 1 7  ? -3.107  -7.841  -0.472  1.00 14.30 ? 207 DA  B C4    1 
ATOM   349 P  P     . DC  B 1 8  ? -7.191  -11.511 2.514   1.00 21.91 ? 208 DC  B P     1 
ATOM   350 O  OP1   . DC  B 1 8  ? -7.999  -12.748 2.718   1.00 25.54 ? 208 DC  B OP1   1 
ATOM   351 O  OP2   . DC  B 1 8  ? -7.527  -10.279 3.270   1.00 24.94 ? 208 DC  B OP2   1 
ATOM   352 O  "O5'" . DC  B 1 8  ? -5.649  -11.767 2.841   1.00 22.04 ? 208 DC  B "O5'" 1 
ATOM   353 C  "C5'" . DC  B 1 8  ? -5.001  -12.975 2.428   1.00 24.58 ? 208 DC  B "C5'" 1 
ATOM   354 C  "C4'" . DC  B 1 8  ? -3.498  -12.823 2.453   1.00 22.56 ? 208 DC  B "C4'" 1 
ATOM   355 O  "O4'" . DC  B 1 8  ? -3.094  -11.607 1.787   1.00 19.21 ? 208 DC  B "O4'" 1 
ATOM   356 C  "C3'" . DC  B 1 8  ? -2.844  -12.707 3.822   1.00 23.12 ? 208 DC  B "C3'" 1 
ATOM   357 O  "O3'" . DC  B 1 8  ? -2.765  -13.939 4.553   1.00 27.63 ? 208 DC  B "O3'" 1 
ATOM   358 C  "C2'" . DC  B 1 8  ? -1.474  -12.185 3.432   1.00 18.42 ? 208 DC  B "C2'" 1 
ATOM   359 C  "C1'" . DC  B 1 8  ? -1.805  -11.240 2.276   1.00 18.06 ? 208 DC  B "C1'" 1 
ATOM   360 N  N1    . DC  B 1 8  ? -1.856  -9.839  2.716   1.00 16.05 ? 208 DC  B N1    1 
ATOM   361 C  C2    . DC  B 1 8  ? -0.647  -9.159  2.877   1.00 13.44 ? 208 DC  B C2    1 
ATOM   362 O  O2    . DC  B 1 8  ? 0.409   -9.744  2.604   1.00 16.07 ? 208 DC  B O2    1 
ATOM   363 N  N3    . DC  B 1 8  ? -0.659  -7.882  3.318   1.00 14.12 ? 208 DC  B N3    1 
ATOM   364 C  C4    . DC  B 1 8  ? -1.820  -7.287  3.604   1.00 14.41 ? 208 DC  B C4    1 
ATOM   365 N  N4    . DC  B 1 8  ? -1.785  -6.028  4.044   1.00 17.81 ? 208 DC  B N4    1 
ATOM   366 C  C5    . DC  B 1 8  ? -3.069  -7.963  3.465   1.00 15.71 ? 208 DC  B C5    1 
ATOM   367 C  C6    . DC  B 1 8  ? -3.039  -9.229  3.027   1.00 16.12 ? 208 DC  B C6    1 
ATOM   368 P  P     . DG  B 1 9  ? -2.481  -13.866 6.143   1.00 28.72 ? 209 DG  B P     1 
ATOM   369 O  OP1   . DG  B 1 9  ? -2.597  -15.233 6.714   1.00 31.86 ? 209 DG  B OP1   1 
ATOM   370 O  OP2   . DG  B 1 9  ? -3.252  -12.749 6.743   1.00 31.92 ? 209 DG  B OP2   1 
ATOM   371 O  "O5'" . DG  B 1 9  ? -0.996  -13.303 6.253   1.00 29.07 ? 209 DG  B "O5'" 1 
ATOM   372 C  "C5'" . DG  B 1 9  ? 0.142   -14.133 6.483   1.00 26.82 ? 209 DG  B "C5'" 1 
ATOM   373 C  "C4'" . DG  B 1 9  ? 1.401   -13.352 6.193   1.00 17.35 ? 209 DG  B "C4'" 1 
ATOM   374 O  "O4'" . DG  B 1 9  ? 1.097   -12.172 5.416   1.00 16.87 ? 209 DG  B "O4'" 1 
ATOM   375 C  "C3'" . DG  B 1 9  ? 2.146   -12.819 7.410   1.00 18.13 ? 209 DG  B "C3'" 1 
ATOM   376 O  "O3'" . DG  B 1 9  ? 3.068   -13.792 7.907   1.00 20.41 ? 209 DG  B "O3'" 1 
ATOM   377 C  "C2'" . DG  B 1 9  ? 2.963   -11.694 6.814   1.00 16.01 ? 209 DG  B "C2'" 1 
ATOM   378 C  "C1'" . DG  B 1 9  ? 2.045   -11.159 5.722   1.00 15.65 ? 209 DG  B "C1'" 1 
ATOM   379 N  N9    . DG  B 1 9  ? 1.317   -9.952  6.090   1.00 15.77 ? 209 DG  B N9    1 
ATOM   380 C  C8    . DG  B 1 9  ? -0.044  -9.774  6.163   1.00 13.94 ? 209 DG  B C8    1 
ATOM   381 N  N7    . DG  B 1 9  ? -0.384  -8.551  6.470   1.00 14.85 ? 209 DG  B N7    1 
ATOM   382 C  C5    . DG  B 1 9  ? 0.824   -7.880  6.593   1.00 14.52 ? 209 DG  B C5    1 
ATOM   383 C  C6    . DG  B 1 9  ? 1.095   -6.528  6.918   1.00 15.41 ? 209 DG  B C6    1 
ATOM   384 O  O6    . DG  B 1 9  ? 0.293   -5.612  7.133   1.00 17.31 ? 209 DG  B O6    1 
ATOM   385 N  N1    . DG  B 1 9  ? 2.463   -6.273  6.949   1.00 15.28 ? 209 DG  B N1    1 
ATOM   386 C  C2    . DG  B 1 9  ? 3.445   -7.201  6.702   1.00 14.31 ? 209 DG  B C2    1 
ATOM   387 N  N2    . DG  B 1 9  ? 4.710   -6.764  6.786   1.00 15.73 ? 209 DG  B N2    1 
ATOM   388 N  N3    . DG  B 1 9  ? 3.205   -8.463  6.392   1.00 14.78 ? 209 DG  B N3    1 
ATOM   389 C  C4    . DG  B 1 9  ? 1.883   -8.732  6.361   1.00 13.43 ? 209 DG  B C4    1 
ATOM   390 P  P     . DC  B 1 10 ? 3.459   -13.834 9.451   1.00 21.58 ? 210 DC  B P     1 
ATOM   391 O  OP1   . DC  B 1 10 ? 4.283   -15.071 9.612   1.00 23.61 ? 210 DC  B OP1   1 
ATOM   392 O  OP2   . DC  B 1 10 ? 2.203   -13.661 10.228  1.00 22.00 ? 210 DC  B OP2   1 
ATOM   393 O  "O5'" . DC  B 1 10 ? 4.383   -12.575 9.749   1.00 18.52 ? 210 DC  B "O5'" 1 
ATOM   394 C  "C5'" . DC  B 1 10 ? 5.729   -12.504 9.252   1.00 18.62 ? 210 DC  B "C5'" 1 
ATOM   395 C  "C4'" . DC  B 1 10 ? 6.282   -11.143 9.591   1.00 18.37 ? 210 DC  B "C4'" 1 
ATOM   396 O  "O4'" . DC  B 1 10 ? 5.381   -10.176 9.023   1.00 17.91 ? 210 DC  B "O4'" 1 
ATOM   397 C  "C3'" . DC  B 1 10 ? 6.306   -10.838 11.086  1.00 19.80 ? 210 DC  B "C3'" 1 
ATOM   398 O  "O3'" . DC  B 1 10 ? 7.618   -11.028 11.609  1.00 22.26 ? 210 DC  B "O3'" 1 
ATOM   399 C  "C2'" . DC  B 1 10 ? 6.023   -9.351  11.162  1.00 22.65 ? 210 DC  B "C2'" 1 
ATOM   400 C  "C1'" . DC  B 1 10 ? 5.359   -9.012  9.838   1.00 19.69 ? 210 DC  B "C1'" 1 
ATOM   401 N  N1    . DC  B 1 10 ? 3.966   -8.570  9.951   1.00 19.79 ? 210 DC  B N1    1 
ATOM   402 C  C2    . DC  B 1 10 ? 3.725   -7.214  10.166  1.00 18.25 ? 210 DC  B C2    1 
ATOM   403 O  O2    . DC  B 1 10 ? 4.693   -6.447  10.281  1.00 21.68 ? 210 DC  B O2    1 
ATOM   404 N  N3    . DC  B 1 10 ? 2.450   -6.773  10.236  1.00 18.93 ? 210 DC  B N3    1 
ATOM   405 C  C4    . DC  B 1 10 ? 1.437   -7.633  10.105  1.00 17.53 ? 210 DC  B C4    1 
ATOM   406 N  N4    . DC  B 1 10 ? 0.194   -7.151  10.182  1.00 20.55 ? 210 DC  B N4    1 
ATOM   407 C  C5    . DC  B 1 10 ? 1.654   -9.026  9.898   1.00 17.58 ? 210 DC  B C5    1 
ATOM   408 C  C6    . DC  B 1 10 ? 2.924   -9.445  9.816   1.00 18.32 ? 210 DC  B C6    1 
HETATM 409 MG MG    . MG  C 2 .  ? 0.827   -0.888  2.182   1.00 25.76 ? 201 MG  A MG    1 
HETATM 410 MG MG    . MG  D 2 .  ? 2.063   10.722  9.445   1.00 10.83 ? 301 MG  B MG    1 
HETATM 411 O  O     . HOH E 3 .  ? -0.167  -2.563  2.953   1.00 24.33 ? 301 HOH A O     1 
HETATM 412 O  O     . HOH E 3 .  ? 2.528   -1.177  3.584   1.00 19.20 ? 302 HOH A O     1 
HETATM 413 O  O     . HOH E 3 .  ? -0.101  0.198   3.679   1.00 31.17 ? 303 HOH A O     1 
HETATM 414 O  O     . HOH E 3 .  ? 1.688   0.643   1.303   1.00 28.60 ? 304 HOH A O     1 
HETATM 415 O  O     . HOH E 3 .  ? 1.691   -2.041  0.784   1.00 21.41 ? 305 HOH A O     1 
HETATM 416 O  O     . HOH E 3 .  ? -0.478  11.085  -10.360 1.00 24.86 ? 306 HOH A O     1 
HETATM 417 O  O     . HOH E 3 .  ? 1.046   7.005   -8.895  1.00 27.40 ? 307 HOH A O     1 
HETATM 418 O  O     . HOH E 3 .  ? -0.387  -0.332  6.267   1.00 31.59 ? 308 HOH A O     1 
HETATM 419 O  O     . HOH E 3 .  ? 0.575   6.161   -13.332 1.00 25.42 ? 309 HOH A O     1 
HETATM 420 O  O     . HOH E 3 .  ? 1.603   0.751   -6.948  1.00 26.70 ? 310 HOH A O     1 
HETATM 421 O  O     . HOH E 3 .  ? 1.753   0.013   -2.617  1.00 28.47 ? 311 HOH A O     1 
HETATM 422 O  O     . HOH E 3 .  ? 5.204   6.475   7.930   1.00 24.49 ? 312 HOH A O     1 
HETATM 423 O  O     . HOH E 3 .  ? 6.206   -4.891  -2.854  1.00 26.41 ? 313 HOH A O     1 
HETATM 424 O  O     . HOH E 3 .  ? 4.361   0.764   4.174   1.00 26.85 ? 314 HOH A O     1 
HETATM 425 O  O     . HOH E 3 .  ? -1.789  -2.063  8.876   1.00 33.76 ? 315 HOH A O     1 
HETATM 426 O  O     . HOH E 3 .  ? -7.090  0.847   -7.214  1.00 24.94 ? 316 HOH A O     1 
HETATM 427 O  O     . HOH E 3 .  ? 4.365   -0.240  -12.059 1.00 39.13 ? 317 HOH A O     1 
HETATM 428 O  O     . HOH E 3 .  ? 3.948   2.452   2.195   0.50 21.91 ? 318 HOH A O     1 
HETATM 429 O  O     . HOH E 3 .  ? -1.150  -9.239  -4.983  1.00 21.08 ? 319 HOH A O     1 
HETATM 430 O  O     . HOH E 3 .  ? 3.837   -2.460  -2.517  1.00 28.28 ? 320 HOH A O     1 
HETATM 431 O  O     . HOH F 3 .  ? -6.329  -4.052  -5.872  1.00 25.57 ? 401 HOH B O     1 
HETATM 432 O  O     . HOH F 3 .  ? -1.026  -0.650  1.008   1.00 25.93 ? 402 HOH B O     1 
HETATM 433 O  O     . HOH F 3 .  ? 2.368   9.436   11.126  1.00 30.37 ? 403 HOH B O     1 
HETATM 434 O  O     . HOH F 3 .  ? 3.903   11.630  9.853   1.00 25.76 ? 404 HOH B O     1 
HETATM 435 O  O     . HOH F 3 .  ? 1.238   12.038  10.581  1.00 27.29 ? 405 HOH B O     1 
HETATM 436 O  O     . HOH F 3 .  ? 1.960   11.983  7.527   1.00 31.48 ? 406 HOH B O     1 
HETATM 437 O  O     . HOH F 3 .  ? 8.454   12.124  6.209   1.00 22.94 ? 407 HOH B O     1 
HETATM 438 O  O     . HOH F 3 .  ? 3.113   9.456   8.317   1.00 26.60 ? 408 HOH B O     1 
HETATM 439 O  O     . HOH F 3 .  ? -2.930  -7.755  7.255   1.00 22.79 ? 409 HOH B O     1 
HETATM 440 O  O     . HOH F 3 .  ? 6.500   8.500   6.665   1.00 19.87 ? 410 HOH B O     1 
HETATM 441 O  O     . HOH F 3 .  ? -8.638  0.007   -4.904  1.00 21.05 ? 411 HOH B O     1 
HETATM 442 O  O     . HOH F 3 .  ? 7.466   6.915   -7.269  1.00 18.42 ? 412 HOH B O     1 
HETATM 443 O  O     . HOH F 3 .  ? -7.020  -3.492  2.829   1.00 25.66 ? 413 HOH B O     1 
HETATM 444 O  O     . HOH F 3 .  ? -12.877 -6.617  0.563   1.00 24.73 ? 414 HOH B O     1 
HETATM 445 O  O     . HOH F 3 .  ? 8.641   -7.946  8.873   1.00 27.25 ? 415 HOH B O     1 
HETATM 446 O  O     . HOH F 3 .  ? -2.016  -8.520  10.013  1.00 24.82 ? 416 HOH B O     1 
HETATM 447 O  O     . HOH F 3 .  ? 5.753   5.946   -2.877  1.00 34.80 ? 417 HOH B O     1 
HETATM 448 O  O     . HOH F 3 .  ? 5.692   11.496  7.215   1.00 11.03 ? 418 HOH B O     1 
HETATM 449 O  O     . HOH F 3 .  ? 3.130   -9.369  13.339  1.00 39.53 ? 419 HOH B O     1 
HETATM 450 O  O     . HOH F 3 .  ? -5.117  -18.265 5.410   1.00 30.42 ? 420 HOH B O     1 
HETATM 451 O  O     . HOH F 3 .  ? -11.169 -9.721  4.312   1.00 22.91 ? 421 HOH B O     1 
HETATM 452 O  O     . HOH F 3 .  ? -11.208 -11.896 1.825   1.00 41.89 ? 422 HOH B O     1 
HETATM 453 O  O     . HOH F 3 .  ? -4.960  12.820  6.131   1.00 16.11 ? 423 HOH B O     1 
HETATM 454 O  O     . HOH F 3 .  ? -2.855  1.840   1.332   1.00 26.89 ? 424 HOH B O     1 
HETATM 455 O  O     . HOH F 3 .  ? -6.688  0.551   3.801   1.00 32.05 ? 425 HOH B O     1 
HETATM 456 O  O     . HOH F 3 .  ? -0.766  13.519  8.012   1.00 32.40 ? 426 HOH B O     1 
HETATM 457 O  O     . HOH F 3 .  ? -1.203  -10.988 9.448   1.00 38.85 ? 427 HOH B O     1 
HETATM 458 O  O     . HOH F 3 .  ? -6.308  -7.406  3.552   1.00 33.55 ? 428 HOH B O     1 
HETATM 459 O  O     . HOH F 3 .  ? -4.480  -5.680  5.733   1.00 37.08 ? 429 HOH B O     1 
HETATM 460 O  O     . HOH F 3 .  ? -3.218  -10.038 -3.447  0.50 15.65 ? 430 HOH B O     1 
HETATM 461 O  O     . HOH F 3 .  ? -4.412  -4.296  2.796   1.00 18.52 ? 431 HOH B O     1 
HETATM 462 O  O     . HOH F 3 .  ? -2.716  -2.516  3.787   1.00 25.21 ? 432 HOH B O     1 
# 
loop_
_atom_site_anisotrop.id 
_atom_site_anisotrop.type_symbol 
_atom_site_anisotrop.pdbx_label_atom_id 
_atom_site_anisotrop.pdbx_label_alt_id 
_atom_site_anisotrop.pdbx_label_comp_id 
_atom_site_anisotrop.pdbx_label_asym_id 
_atom_site_anisotrop.pdbx_label_seq_id 
_atom_site_anisotrop.pdbx_PDB_ins_code 
_atom_site_anisotrop.U[1][1] 
_atom_site_anisotrop.U[2][2] 
_atom_site_anisotrop.U[3][3] 
_atom_site_anisotrop.U[1][2] 
_atom_site_anisotrop.U[1][3] 
_atom_site_anisotrop.U[2][3] 
_atom_site_anisotrop.pdbx_auth_seq_id 
_atom_site_anisotrop.pdbx_auth_comp_id 
_atom_site_anisotrop.pdbx_auth_asym_id 
_atom_site_anisotrop.pdbx_auth_atom_id 
1   O  "O5'" . DG  A 1  ? 0.3322 0.3731 0.3956 0.0397  -0.0975 -0.0529 101 DG  A "O5'" 
2   C  "C5'" . DG  A 1  ? 0.3149 0.2439 0.3804 0.0690  -0.0690 -0.0136 101 DG  A "C5'" 
3   C  "C4'" . DG  A 1  ? 0.2470 0.2440 0.3152 0.0374  -0.0255 -0.0339 101 DG  A "C4'" 
4   O  "O4'" . DG  A 1  ? 0.2834 0.2504 0.3007 0.0472  0.0208  -0.0517 101 DG  A "O4'" 
5   C  "C3'" . DG  A 1  ? 0.2226 0.2481 0.3020 0.0290  -0.0168 -0.0148 101 DG  A "C3'" 
6   O  "O3'" . DG  A 1  ? 0.2308 0.2019 0.3284 0.0464  -0.0074 0.0024  101 DG  A "O3'" 
7   C  "C2'" . DG  A 1  ? 0.1800 0.2009 0.3110 0.0532  -0.0065 -0.0516 101 DG  A "C2'" 
8   C  "C1'" . DG  A 1  ? 0.2494 0.2324 0.2961 0.0185  0.0193  -0.0454 101 DG  A "C1'" 
9   N  N9    . DG  A 1  ? 0.2558 0.2506 0.2834 0.0244  0.0015  -0.0621 101 DG  A N9    
10  C  C8    . DG  A 1  ? 0.2550 0.2558 0.2642 -0.0222 -0.0035 -0.0341 101 DG  A C8    
11  N  N7    . DG  A 1  ? 0.2535 0.2729 0.2121 -0.0206 0.0178  -0.0590 101 DG  A N7    
12  C  C5    . DG  A 1  ? 0.2953 0.2503 0.2278 -0.0068 0.0273  -0.0385 101 DG  A C5    
13  C  C6    . DG  A 1  ? 0.3438 0.2450 0.2282 -0.0109 0.0250  -0.0158 101 DG  A C6    
14  O  O6    . DG  A 1  ? 0.4232 0.2320 0.2098 -0.0608 0.0566  -0.0231 101 DG  A O6    
15  N  N1    . DG  A 1  ? 0.3630 0.2133 0.2040 0.0100  0.0253  -0.0271 101 DG  A N1    
16  C  C2    . DG  A 1  ? 0.3879 0.2503 0.2468 0.0217  -0.0237 -0.0331 101 DG  A C2    
17  N  N2    . DG  A 1  ? 0.4373 0.2957 0.2681 0.1151  0.0179  -0.0603 101 DG  A N2    
18  N  N3    . DG  A 1  ? 0.3169 0.2494 0.2360 0.0415  -0.0122 -0.0708 101 DG  A N3    
19  C  C4    . DG  A 1  ? 0.2867 0.2515 0.2413 0.0173  0.0034  -0.0506 101 DG  A C4    
20  P  P     . DC  A 2  ? 0.2827 0.2099 0.3315 0.0398  -0.0026 -0.0362 102 DC  A P     
21  O  OP1   . DC  A 2  ? 0.3293 0.2045 0.3577 0.0116  0.0075  -0.0554 102 DC  A OP1   
22  O  OP2   . DC  A 2  ? 0.3171 0.2071 0.3371 0.0426  -0.0320 0.0051  102 DC  A OP2   
23  O  "O5'" . DC  A 2  ? 0.2299 0.2260 0.3003 0.0413  -0.0340 -0.0365 102 DC  A "O5'" 
24  C  "C5'" . DC  A 2  ? 0.2233 0.2355 0.2814 0.0333  -0.0241 -0.0356 102 DC  A "C5'" 
25  C  "C4'" . DC  A 2  ? 0.2626 0.2162 0.2464 -0.0001 -0.0080 -0.0521 102 DC  A "C4'" 
26  O  "O4'" . DC  A 2  ? 0.2280 0.2011 0.2358 0.0065  -0.0245 -0.0500 102 DC  A "O4'" 
27  C  "C3'" . DC  A 2  ? 0.2779 0.2245 0.2252 -0.0024 -0.0201 -0.0350 102 DC  A "C3'" 
28  O  "O3'" . DC  A 2  ? 0.2539 0.2418 0.3201 0.0171  -0.0009 -0.0476 102 DC  A "O3'" 
29  C  "C2'" . DC  A 2  ? 0.2766 0.2318 0.2202 0.0154  -0.0283 -0.0239 102 DC  A "C2'" 
30  C  "C1'" . DC  A 2  ? 0.2424 0.2086 0.2497 -0.0168 -0.0239 -0.0532 102 DC  A "C1'" 
31  N  N1    . DC  A 2  ? 0.2435 0.2048 0.2176 0.0201  -0.0546 -0.0185 102 DC  A N1    
32  C  C2    . DC  A 2  ? 0.2418 0.1975 0.1732 0.0224  -0.0380 -0.0189 102 DC  A C2    
33  O  O2    . DC  A 2  ? 0.3070 0.1739 0.2317 0.0361  -0.0485 -0.0172 102 DC  A O2    
34  N  N3    . DC  A 2  ? 0.2328 0.1875 0.1805 0.0318  -0.0299 -0.0282 102 DC  A N3    
35  C  C4    . DC  A 2  ? 0.2136 0.1869 0.1803 0.0346  0.0034  -0.0384 102 DC  A C4    
36  N  N4    . DC  A 2  ? 0.2222 0.1476 0.2355 0.0493  -0.0308 -0.0218 102 DC  A N4    
37  C  C5    . DC  A 2  ? 0.2267 0.2001 0.2239 0.0157  -0.0088 -0.0186 102 DC  A C5    
38  C  C6    . DC  A 2  ? 0.2373 0.1996 0.2302 0.0303  -0.0345 -0.0426 102 DC  A C6    
39  P  P     . DG  A 3  ? 0.2546 0.2265 0.3292 0.0190  0.0168  -0.0396 103 DG  A P     
40  O  OP1   . DG  A 3  ? 0.2660 0.1485 0.3979 0.0209  0.0366  -0.0341 103 DG  A OP1   
41  O  OP2   . DG  A 3  ? 0.2461 0.2370 0.3248 0.0230  0.0442  -0.0078 103 DG  A OP2   
42  O  "O5'" . DG  A 3  ? 0.1991 0.2192 0.2617 0.0329  -0.0084 -0.0342 103 DG  A "O5'" 
43  C  "C5'" . DG  A 3  ? 0.2055 0.2021 0.3050 0.0189  -0.0240 -0.0180 103 DG  A "C5'" 
44  C  "C4'" . DG  A 3  ? 0.1723 0.2136 0.2113 0.0147  -0.0466 -0.0330 103 DG  A "C4'" 
45  O  "O4'" . DG  A 3  ? 0.1483 0.2009 0.2444 0.0144  -0.0520 -0.0353 103 DG  A "O4'" 
46  C  "C3'" . DG  A 3  ? 0.1599 0.2035 0.2168 0.0025  -0.0337 -0.0422 103 DG  A "C3'" 
47  O  "O3'" . DG  A 3  ? 0.1962 0.2473 0.2684 -0.0022 0.0071  -0.0597 103 DG  A "O3'" 
48  C  "C2'" . DG  A 3  ? 0.1646 0.1976 0.2301 0.0188  -0.0214 -0.0152 103 DG  A "C2'" 
49  C  "C1'" . DG  A 3  ? 0.1605 0.1702 0.2222 0.0007  -0.0328 -0.0097 103 DG  A "C1'" 
50  N  N9    . DG  A 3  ? 0.1713 0.1740 0.1951 0.0164  -0.0295 -0.0057 103 DG  A N9    
51  C  C8    . DG  A 3  ? 0.1547 0.1790 0.1862 0.0188  -0.0123 0.0047  103 DG  A C8    
52  N  N7    . DG  A 3  ? 0.1587 0.1882 0.1712 -0.0052 -0.0466 -0.0049 103 DG  A N7    
53  C  C5    . DG  A 3  ? 0.1905 0.1695 0.1961 0.0100  -0.0304 -0.0010 103 DG  A C5    
54  C  C6    . DG  A 3  ? 0.1836 0.1739 0.1283 0.0178  -0.0330 0.0161  103 DG  A C6    
55  O  O6    . DG  A 3  ? 0.2025 0.1864 0.1724 0.0382  -0.0118 -0.0061 103 DG  A O6    
56  N  N1    . DG  A 3  ? 0.2032 0.1769 0.1132 0.0183  -0.0417 0.0122  103 DG  A N1    
57  C  C2    . DG  A 3  ? 0.1871 0.1779 0.1368 0.0080  -0.0179 0.0286  103 DG  A C2    
58  N  N2    . DG  A 3  ? 0.2515 0.1844 0.1461 0.0334  -0.0242 -0.0025 103 DG  A N2    
59  N  N3    . DG  A 3  ? 0.1893 0.1685 0.1728 0.0182  -0.0426 0.0219  103 DG  A N3    
60  C  C4    . DG  A 3  ? 0.1772 0.1773 0.1762 0.0101  -0.0287 0.0053  103 DG  A C4    
61  P  P     . DT  A 4  ? 0.1752 0.2670 0.2680 0.0099  0.0061  -0.0334 104 DT  A P     
62  O  OP1   . DT  A 4  ? 0.1851 0.3157 0.2791 0.0335  0.0095  -0.0523 104 DT  A OP1   
63  O  OP2   . DT  A 4  ? 0.1922 0.3028 0.2697 0.0184  -0.0556 -0.0238 104 DT  A OP2   
64  O  "O5'" . DT  A 4  ? 0.1664 0.2689 0.2862 0.0296  -0.0485 -0.0494 104 DT  A "O5'" 
65  C  "C5'" . DT  A 4  ? 0.2255 0.2455 0.2696 0.0055  -0.0217 -0.0434 104 DT  A "C5'" 
66  C  "C4'" . DT  A 4  ? 0.2410 0.2849 0.1982 -0.0235 -0.0094 -0.0250 104 DT  A "C4'" 
67  O  "O4'" . DT  A 4  ? 0.1678 0.2604 0.2632 0.0393  -0.0247 -0.0179 104 DT  A "O4'" 
68  C  "C3'" . DT  A 4  ? 0.2091 0.2656 0.2299 0.0203  -0.0254 0.0092  104 DT  A "C3'" 
69  O  "O3'" . DT  A 4  ? 0.2661 0.2444 0.2562 0.0240  0.0188  0.0233  104 DT  A "O3'" 
70  C  "C2'" . DT  A 4  ? 0.2287 0.2789 0.2211 0.0034  -0.0095 -0.0243 104 DT  A "C2'" 
71  C  "C1'" . DT  A 4  ? 0.1824 0.2350 0.2320 0.0144  -0.0166 -0.0381 104 DT  A "C1'" 
72  N  N1    . DT  A 4  ? 0.1846 0.2243 0.2003 0.0098  -0.0184 -0.0452 104 DT  A N1    
73  C  C2    . DT  A 4  ? 0.1856 0.1940 0.2017 0.0130  -0.0345 -0.0173 104 DT  A C2    
74  O  O2    . DT  A 4  ? 0.1541 0.1869 0.2124 0.0415  -0.0395 -0.0503 104 DT  A O2    
75  N  N3    . DT  A 4  ? 0.1544 0.1945 0.1548 0.0138  -0.0565 -0.0122 104 DT  A N3    
76  C  C4    . DT  A 4  ? 0.1497 0.1900 0.1388 0.0025  -0.0416 0.0083  104 DT  A C4    
77  O  O4    . DT  A 4  ? 0.1288 0.2379 0.1504 0.0101  -0.0213 0.0120  104 DT  A O4    
78  C  C5    . DT  A 4  ? 0.1463 0.2008 0.1508 0.0148  -0.0572 -0.0204 104 DT  A C5    
79  C  C7    . DT  A 4  ? 0.1699 0.1685 0.1930 0.0168  -0.0381 0.0126  104 DT  A C7    
80  C  C6    . DT  A 4  ? 0.1618 0.2088 0.2214 0.0107  -0.0111 -0.0298 104 DT  A C6    
81  P  P     . DA  A 5  ? 0.2214 0.2644 0.2305 0.0272  -0.0020 -0.0068 105 DA  A P     
82  O  OP1   . DA  A 5  ? 0.3077 0.3290 0.3142 0.0578  0.0890  -0.0042 105 DA  A OP1   
83  O  OP2   . DA  A 5  ? 0.2646 0.2498 0.2391 0.0069  0.0328  -0.0260 105 DA  A OP2   
84  O  "O5'" . DA  A 5  ? 0.2380 0.2356 0.1852 0.0029  -0.0070 -0.0359 105 DA  A "O5'" 
85  C  "C5'" . DA  A 5  ? 0.2020 0.2690 0.2453 0.0236  0.0038  -0.0227 105 DA  A "C5'" 
86  C  "C4'" . DA  A 5  ? 0.2317 0.2639 0.2049 -0.0067 0.0074  -0.0292 105 DA  A "C4'" 
87  O  "O4'" . DA  A 5  ? 0.2236 0.3109 0.1954 0.0272  0.0198  -0.0567 105 DA  A "O4'" 
88  C  "C3'" . DA  A 5  ? 0.2325 0.2660 0.2111 -0.0093 -0.0003 -0.0339 105 DA  A "C3'" 
89  O  "O3'" . DA  A 5  ? 0.3275 0.3457 0.2164 0.0120  0.0633  0.0118  105 DA  A "O3'" 
90  C  "C2'" . DA  A 5  ? 0.2110 0.2785 0.2206 -0.0019 -0.0202 -0.0277 105 DA  A "C2'" 
91  C  "C1'" . DA  A 5  ? 0.2179 0.2380 0.2078 0.0121  0.0087  -0.0577 105 DA  A "C1'" 
92  N  N9    . DA  A 5  ? 0.1851 0.2126 0.1647 0.0161  -0.0214 -0.0307 105 DA  A N9    
93  C  C8    . DA  A 5  ? 0.1618 0.1915 0.1887 0.0115  -0.0010 -0.0097 105 DA  A C8    
94  N  N7    . DA  A 5  ? 0.1772 0.1842 0.1564 0.0105  -0.0168 -0.0084 105 DA  A N7    
95  C  C5    . DA  A 5  ? 0.1724 0.1601 0.1128 0.0150  -0.0211 0.0049  105 DA  A C5    
96  C  C6    . DA  A 5  ? 0.1678 0.1653 0.1080 0.0131  -0.0252 0.0042  105 DA  A C6    
97  N  N6    . DA  A 5  ? 0.1888 0.1482 0.1205 0.0107  -0.0418 0.0108  105 DA  A N6    
98  N  N1    . DA  A 5  ? 0.1666 0.1550 0.1409 0.0006  -0.0106 0.0119  105 DA  A N1    
99  C  C2    . DA  A 5  ? 0.1673 0.1855 0.1391 -0.0042 -0.0096 -0.0040 105 DA  A C2    
100 N  N3    . DA  A 5  ? 0.1867 0.1917 0.1741 0.0179  -0.0233 -0.0164 105 DA  A N3    
101 C  C4    . DA  A 5  ? 0.1893 0.1793 0.1518 0.0061  -0.0052 -0.0177 105 DA  A C4    
102 F  F     . XTF A 6  ? 0.2099 0.2519 0.2409 0.0606  -0.0359 -0.0766 106 XTF A F     
103 C  "C2'" . XTF A 6  ? 0.2360 0.2438 0.2342 0.0109  -0.0163 -0.0686 106 XTF A "C2'" 
104 C  "C1'" . XTF A 6  ? 0.2657 0.2071 0.2413 0.0004  -0.0548 -0.0509 106 XTF A "C1'" 
105 N  N1    . XTF A 6  ? 0.2248 0.1673 0.2157 -0.0121 -0.0007 -0.0376 106 XTF A N1    
106 C  C6    . XTF A 6  ? 0.2222 0.1828 0.1978 0.0049  -0.0042 -0.0127 106 XTF A C6    
107 C  C5    . XTF A 6  ? 0.1816 0.1800 0.1828 -0.0024 -0.0243 0.0238  106 XTF A C5    
108 C  C5M   . XTF A 6  ? 0.1775 0.1982 0.2212 -0.0134 -0.0234 0.0265  106 XTF A C5M   
109 C  C2    . XTF A 6  ? 0.2265 0.1623 0.2104 -0.0147 0.0114  -0.0195 106 XTF A C2    
110 O  O2    . XTF A 6  ? 0.2435 0.1684 0.2457 0.0324  -0.0138 -0.0401 106 XTF A O2    
111 N  N3    . XTF A 6  ? 0.2124 0.1711 0.1997 -0.0102 -0.0074 -0.0153 106 XTF A N3    
112 C  C4    . XTF A 6  ? 0.2126 0.1607 0.1915 0.0099  -0.0172 0.0243  106 XTF A C4    
113 O  O4    . XTF A 6  ? 0.2021 0.1841 0.2202 -0.0131 -0.0350 0.0119  106 XTF A O4    
114 C  "C7'" . XTF A 6  ? 0.2454 0.2226 0.2400 0.0138  -0.0217 -0.0322 106 XTF A "C7'" 
115 C  "C6'" . XTF A 6  ? 0.2209 0.2649 0.2284 0.0000  -0.0177 -0.0316 106 XTF A "C6'" 
116 C  "C3'" . XTF A 6  ? 0.2412 0.2694 0.2400 0.0139  -0.0105 -0.0535 106 XTF A "C3'" 
117 O  "O3'" . XTF A 6  ? 0.2636 0.3336 0.2183 0.0439  -0.0228 -0.0606 106 XTF A "O3'" 
118 C  "C4'" . XTF A 6  ? 0.1824 0.2516 0.2002 -0.0030 -0.0381 -0.0484 106 XTF A "C4'" 
119 C  "C5'" . XTF A 6  ? 0.2227 0.3143 0.2161 0.0288  0.0040  -0.0370 106 XTF A "C5'" 
120 O  "O5'" . XTF A 6  ? 0.2378 0.3406 0.1806 0.0304  -0.0205 -0.0006 106 XTF A "O5'" 
121 P  P     . XTF A 6  ? 0.2513 0.3047 0.2171 0.0278  0.0361  0.0024  106 XTF A P     
122 O  OP1   . XTF A 6  ? 0.3516 0.4124 0.2506 0.0511  0.0827  -0.0240 106 XTF A OP1   
123 O  OP2   . XTF A 6  ? 0.2716 0.3876 0.2994 -0.0632 0.0338  -0.0134 106 XTF A OP2   
124 P  P     . DA  A 7  ? 0.3313 0.3900 0.2479 -0.0028 0.0263  -0.0699 107 DA  A P     
125 O  OP1   . DA  A 7  ? 0.4100 0.4399 0.2457 -0.0286 0.0178  -0.0539 107 DA  A OP1   
126 O  OP2   . DA  A 7  ? 0.3180 0.2985 0.3200 0.0097  -0.0274 -0.0334 107 DA  A OP2   
127 O  "O5'" . DA  A 7  ? 0.3507 0.3168 0.3545 0.0057  -0.0401 -0.0848 107 DA  A "O5'" 
128 C  "C5'" . DA  A 7  ? 0.3435 0.3343 0.2554 0.0192  -0.0035 -0.1077 107 DA  A "C5'" 
129 C  "C4'" . DA  A 7  ? 0.3386 0.2528 0.2179 0.0035  0.0021  -0.0542 107 DA  A "C4'" 
130 O  "O4'" . DA  A 7  ? 0.3554 0.2597 0.2165 0.0261  0.0172  -0.0618 107 DA  A "O4'" 
131 C  "C3'" . DA  A 7  ? 0.3666 0.2440 0.2064 0.0128  0.0419  -0.0321 107 DA  A "C3'" 
132 O  "O3'" . DA  A 7  ? 0.3953 0.2303 0.1939 0.0072  0.0053  -0.0611 107 DA  A "O3'" 
133 C  "C2'" . DA  A 7  ? 0.3484 0.2219 0.1701 -0.0055 0.0242  -0.0154 107 DA  A "C2'" 
134 C  "C1'" . DA  A 7  ? 0.2806 0.2147 0.1967 0.0274  0.0096  -0.0193 107 DA  A "C1'" 
135 N  N9    . DA  A 7  ? 0.2722 0.1766 0.1934 0.0185  0.0095  -0.0080 107 DA  A N9    
136 C  C8    . DA  A 7  ? 0.2687 0.2096 0.2413 0.0071  0.0088  -0.0109 107 DA  A C8    
137 N  N7    . DA  A 7  ? 0.2857 0.1597 0.2198 0.0046  0.0012  0.0281  107 DA  A N7    
138 C  C5    . DA  A 7  ? 0.2671 0.1511 0.2028 -0.0122 -0.0162 0.0069  107 DA  A C5    
139 C  C6    . DA  A 7  ? 0.2250 0.1633 0.1924 0.0161  -0.0181 0.0066  107 DA  A C6    
140 N  N6    . DA  A 7  ? 0.2320 0.1579 0.1883 -0.0313 -0.0244 0.0454  107 DA  A N6    
141 N  N1    . DA  A 7  ? 0.2133 0.1576 0.1802 -0.0136 0.0097  0.0073  107 DA  A N1    
142 C  C2    . DA  A 7  ? 0.2323 0.1527 0.1656 -0.0016 -0.0019 0.0113  107 DA  A C2    
143 N  N3    . DA  A 7  ? 0.2607 0.1351 0.1828 -0.0083 -0.0055 0.0066  107 DA  A N3    
144 C  C4    . DA  A 7  ? 0.2519 0.1127 0.1901 -0.0226 0.0008  0.0153  107 DA  A C4    
145 P  P     . DC  A 8  ? 0.4094 0.2688 0.2267 0.0135  0.0615  -0.0256 108 DC  A P     
146 O  OP1   . DC  A 8  ? 0.4559 0.3104 0.2735 0.0299  0.0030  0.0039  108 DC  A OP1   
147 O  OP2   . DC  A 8  ? 0.4024 0.3306 0.1820 0.0389  0.0360  -0.0124 108 DC  A OP2   
148 O  "O5'" . DC  A 8  ? 0.3802 0.2186 0.2230 -0.0083 0.0549  -0.0079 108 DC  A "O5'" 
149 C  "C5'" . DC  A 8  ? 0.3938 0.2495 0.2403 0.0068  0.0497  -0.0272 108 DC  A "C5'" 
150 C  "C4'" . DC  A 8  ? 0.3755 0.2098 0.2080 -0.0186 0.0325  -0.0107 108 DC  A "C4'" 
151 O  "O4'" . DC  A 8  ? 0.4019 0.1763 0.2090 -0.0008 0.0197  -0.0239 108 DC  A "O4'" 
152 C  "C3'" . DC  A 8  ? 0.3474 0.2241 0.2331 -0.0162 0.0191  -0.0395 108 DC  A "C3'" 
153 O  "O3'" . DC  A 8  ? 0.3450 0.2593 0.2256 -0.0313 0.0096  -0.0298 108 DC  A "O3'" 
154 C  "C2'" . DC  A 8  ? 0.3481 0.2030 0.2079 0.0062  0.0047  0.0106  108 DC  A "C2'" 
155 C  "C1'" . DC  A 8  ? 0.3283 0.1837 0.1953 -0.0225 0.0085  -0.0083 108 DC  A "C1'" 
156 N  N1    . DC  A 8  ? 0.3119 0.1397 0.2089 -0.0254 0.0192  -0.0131 108 DC  A N1    
157 C  C2    . DC  A 8  ? 0.2749 0.1978 0.1672 0.0011  0.0268  0.0174  108 DC  A C2    
158 O  O2    . DC  A 8  ? 0.2742 0.1736 0.2677 0.0323  0.0277  0.0157  108 DC  A O2    
159 N  N3    . DC  A 8  ? 0.2722 0.1370 0.2072 0.0055  0.0293  0.0400  108 DC  A N3    
160 C  C4    . DC  A 8  ? 0.2649 0.1541 0.2083 0.0074  0.0406  0.0579  108 DC  A C4    
161 N  N4    . DC  A 8  ? 0.2745 0.1973 0.3219 -0.0254 0.0260  0.0655  108 DC  A N4    
162 C  C5    . DC  A 8  ? 0.2994 0.1531 0.2439 0.0048  0.0384  0.0157  108 DC  A C5    
163 C  C6    . DC  A 8  ? 0.3019 0.1405 0.2336 -0.0263 0.0307  0.0091  108 DC  A C6    
164 P  P     . DG  A 9  ? 0.3842 0.2302 0.2410 -0.0147 0.0122  -0.0020 109 DG  A P     
165 O  OP1   . DG  A 9  ? 0.3863 0.2793 0.2339 -0.0312 -0.0002 0.0246  109 DG  A OP1   
166 O  OP2   . DG  A 9  ? 0.3707 0.2328 0.3039 -0.0196 0.0374  -0.0258 109 DG  A OP2   
167 O  "O5'" . DG  A 9  ? 0.3028 0.2052 0.2389 -0.0160 0.0184  0.0039  109 DG  A "O5'" 
168 C  "C5'" . DG  A 9  ? 0.2954 0.2161 0.2001 -0.0121 0.0006  -0.0017 109 DG  A "C5'" 
169 C  "C4'" . DG  A 9  ? 0.2401 0.1756 0.1980 -0.0215 -0.0221 0.0192  109 DG  A "C4'" 
170 O  "O4'" . DG  A 9  ? 0.2105 0.1802 0.2159 -0.0213 -0.0134 0.0301  109 DG  A "O4'" 
171 C  "C3'" . DG  A 9  ? 0.1929 0.1805 0.1704 -0.0008 -0.0210 0.0117  109 DG  A "C3'" 
172 O  "O3'" . DG  A 9  ? 0.2007 0.1780 0.1857 0.0024  -0.0260 0.0045  109 DG  A "O3'" 
173 C  "C2'" . DG  A 9  ? 0.1946 0.1670 0.1700 0.0084  -0.0132 0.0227  109 DG  A "C2'" 
174 C  "C1'" . DG  A 9  ? 0.2112 0.1723 0.2034 -0.0109 -0.0048 0.0238  109 DG  A "C1'" 
175 N  N9    . DG  A 9  ? 0.2160 0.1804 0.1911 -0.0061 -0.0157 0.0337  109 DG  A N9    
176 C  C8    . DG  A 9  ? 0.1964 0.1436 0.2170 -0.0368 -0.0007 0.0384  109 DG  A C8    
177 N  N7    . DG  A 9  ? 0.2165 0.1390 0.2567 -0.0130 -0.0146 0.0470  109 DG  A N7    
178 C  C5    . DG  A 9  ? 0.1996 0.1526 0.2218 -0.0182 -0.0080 0.0675  109 DG  A C5    
179 C  C6    . DG  A 9  ? 0.1865 0.1428 0.2338 -0.0389 -0.0047 0.0459  109 DG  A C6    
180 O  O6    . DG  A 9  ? 0.2299 0.1721 0.3211 0.0096  0.0086  0.0643  109 DG  A O6    
181 N  N1    . DG  A 9  ? 0.2338 0.1954 0.2189 -0.0004 0.0063  0.0398  109 DG  A N1    
182 C  C2    . DG  A 9  ? 0.1997 0.2077 0.2095 -0.0195 -0.0235 0.0335  109 DG  A C2    
183 N  N2    . DG  A 9  ? 0.2304 0.2136 0.1930 -0.0300 -0.0268 0.0409  109 DG  A N2    
184 N  N3    . DG  A 9  ? 0.1961 0.2016 0.2045 -0.0038 -0.0202 0.0545  109 DG  A N3    
185 C  C4    . DG  A 9  ? 0.1722 0.1651 0.2085 -0.0313 -0.0033 0.0601  109 DG  A C4    
186 P  P     . DC  A 10 ? 0.2014 0.1783 0.1801 -0.0106 -0.0365 0.0010  110 DC  A P     
187 O  OP1   . DC  A 10 ? 0.2785 0.1958 0.2177 -0.0165 -0.0581 0.0581  110 DC  A OP1   
188 O  OP2   . DC  A 10 ? 0.2171 0.2007 0.2089 -0.0190 0.0106  0.0106  110 DC  A OP2   
189 O  "O5'" . DC  A 10 ? 0.2249 0.1743 0.1740 -0.0203 -0.0358 0.0097  110 DC  A "O5'" 
190 C  "C5'" . DC  A 10 ? 0.2196 0.2224 0.1748 0.0018  -0.0194 0.0097  110 DC  A "C5'" 
191 C  "C4'" . DC  A 10 ? 0.2315 0.1712 0.2035 -0.0220 -0.0395 0.0299  110 DC  A "C4'" 
192 O  "O4'" . DC  A 10 ? 0.1834 0.1736 0.2097 0.0124  -0.0368 0.0139  110 DC  A "O4'" 
193 C  "C3'" . DC  A 10 ? 0.2172 0.1700 0.2100 -0.0062 -0.0408 0.0251  110 DC  A "C3'" 
194 O  "O3'" . DC  A 10 ? 0.2718 0.1555 0.2652 -0.0094 -0.0488 -0.0085 110 DC  A "O3'" 
195 C  "C2'" . DC  A 10 ? 0.2291 0.1615 0.1993 0.0203  -0.0256 0.0280  110 DC  A "C2'" 
196 C  "C1'" . DC  A 10 ? 0.1698 0.1809 0.2301 0.0061  -0.0188 0.0181  110 DC  A "C1'" 
197 N  N1    . DC  A 10 ? 0.2258 0.1811 0.2027 0.0016  -0.0102 0.0010  110 DC  A N1    
198 C  C2    . DC  A 10 ? 0.2139 0.1751 0.2197 -0.0080 -0.0126 0.0028  110 DC  A C2    
199 O  O2    . DC  A 10 ? 0.2183 0.1915 0.1902 0.0055  -0.0228 0.0340  110 DC  A O2    
200 N  N3    . DC  A 10 ? 0.2330 0.2074 0.1933 -0.0008 0.0188  0.0043  110 DC  A N3    
201 C  C4    . DC  A 10 ? 0.2089 0.1958 0.1988 -0.0165 0.0324  -0.0068 110 DC  A C4    
202 N  N4    . DC  A 10 ? 0.2562 0.1641 0.2855 0.0105  0.0556  0.0325  110 DC  A N4    
203 C  C5    . DC  A 10 ? 0.2356 0.1860 0.1934 -0.0076 0.0224  0.0182  110 DC  A C5    
204 C  C6    . DC  A 10 ? 0.2120 0.1946 0.1975 0.0026  -0.0172 0.0152  110 DC  A C6    
205 O  "O5'" . DG  B 1  ? 0.3335 0.3491 0.5070 -0.0418 -0.0772 -0.0728 201 DG  B "O5'" 
206 C  "C5'" . DG  B 1  ? 0.3346 0.3125 0.3609 0.0083  0.0110  -0.0477 201 DG  B "C5'" 
207 C  "C4'" . DG  B 1  ? 0.3043 0.3426 0.3286 0.0401  -0.0053 0.0155  201 DG  B "C4'" 
208 O  "O4'" . DG  B 1  ? 0.2779 0.3654 0.3040 0.0578  0.0395  0.0133  201 DG  B "O4'" 
209 C  "C3'" . DG  B 1  ? 0.2838 0.3283 0.2914 0.0421  -0.0423 0.0236  201 DG  B "C3'" 
210 O  "O3'" . DG  B 1  ? 0.3208 0.4084 0.3186 0.0347  -0.0317 0.0639  201 DG  B "O3'" 
211 C  "C2'" . DG  B 1  ? 0.2610 0.3164 0.2745 0.0337  -0.0024 0.0322  201 DG  B "C2'" 
212 C  "C1'" . DG  B 1  ? 0.2744 0.3314 0.2797 0.0335  -0.0032 0.0434  201 DG  B "C1'" 
213 N  N9    . DG  B 1  ? 0.2968 0.3258 0.2845 0.0209  0.0152  0.0129  201 DG  B N9    
214 C  C8    . DG  B 1  ? 0.2404 0.2975 0.3255 0.0851  -0.0162 0.0385  201 DG  B C8    
215 N  N7    . DG  B 1  ? 0.2593 0.3302 0.3085 0.0446  0.0096  -0.0309 201 DG  B N7    
216 C  C5    . DG  B 1  ? 0.3128 0.2583 0.2706 0.0442  0.0059  0.0028  201 DG  B C5    
217 C  C6    . DG  B 1  ? 0.2814 0.2483 0.2996 -0.0138 0.0004  -0.0436 201 DG  B C6    
218 O  O6    . DG  B 1  ? 0.3602 0.2433 0.2744 -0.0585 -0.0141 -0.0158 201 DG  B O6    
219 N  N1    . DG  B 1  ? 0.2773 0.2308 0.2487 0.0094  0.0095  0.0093  201 DG  B N1    
220 C  C2    . DG  B 1  ? 0.2797 0.2238 0.2553 0.0162  0.0218  0.0112  201 DG  B C2    
221 N  N2    . DG  B 1  ? 0.2424 0.2525 0.2494 0.0099  0.0557  0.0328  201 DG  B N2    
222 N  N3    . DG  B 1  ? 0.3055 0.2674 0.2437 0.0259  0.0170  -0.0036 201 DG  B N3    
223 C  C4    . DG  B 1  ? 0.3079 0.2765 0.2526 0.0447  0.0167  0.0062  201 DG  B C4    
224 P  P     . DC  B 2  ? 0.3094 0.3057 0.3401 0.0932  -0.0283 0.0400  202 DC  B P     
225 O  OP1   . DC  B 2  ? 0.3087 0.3253 0.3510 0.1059  -0.0430 0.0478  202 DC  B OP1   
226 O  OP2   . DC  B 2  ? 0.3639 0.2939 0.3324 0.0842  -0.0289 0.0204  202 DC  B OP2   
227 O  "O5'" . DC  B 2  ? 0.2778 0.2727 0.2614 0.0647  -0.0152 0.0093  202 DC  B "O5'" 
228 C  "C5'" . DC  B 2  ? 0.2586 0.2411 0.2644 0.0895  -0.0245 0.0237  202 DC  B "C5'" 
229 C  "C4'" . DC  B 2  ? 0.2290 0.2573 0.2525 0.0721  -0.0234 0.0149  202 DC  B "C4'" 
230 O  "O4'" . DC  B 2  ? 0.2347 0.2410 0.2662 0.0179  -0.0347 0.0138  202 DC  B "O4'" 
231 C  "C3'" . DC  B 2  ? 0.2580 0.2431 0.2846 0.0521  -0.0049 0.0014  202 DC  B "C3'" 
232 O  "O3'" . DC  B 2  ? 0.3365 0.3013 0.2976 -0.0139 0.0167  0.0358  202 DC  B "O3'" 
233 C  "C2'" . DC  B 2  ? 0.2232 0.2680 0.2529 0.0292  -0.0101 -0.0005 202 DC  B "C2'" 
234 C  "C1'" . DC  B 2  ? 0.2330 0.2213 0.2251 0.0396  -0.0246 0.0179  202 DC  B "C1'" 
235 N  N1    . DC  B 2  ? 0.2107 0.2240 0.2306 0.0332  -0.0162 0.0066  202 DC  B N1    
236 C  C2    . DC  B 2  ? 0.2082 0.1966 0.2165 0.0226  -0.0099 0.0233  202 DC  B C2    
237 O  O2    . DC  B 2  ? 0.1844 0.2314 0.2702 0.0322  -0.0283 0.0337  202 DC  B O2    
238 N  N3    . DC  B 2  ? 0.1763 0.1634 0.2553 0.0243  -0.0163 0.0082  202 DC  B N3    
239 C  C4    . DC  B 2  ? 0.1948 0.1921 0.2685 0.0445  -0.0030 -0.0221 202 DC  B C4    
240 N  N4    . DC  B 2  ? 0.2499 0.2250 0.2183 0.0063  -0.0129 -0.0105 202 DC  B N4    
241 C  C5    . DC  B 2  ? 0.2489 0.1953 0.2214 0.0349  -0.0043 0.0049  202 DC  B C5    
242 C  C6    . DC  B 2  ? 0.2365 0.1843 0.2222 0.0277  -0.0073 0.0113  202 DC  B C6    
243 P  P     . DG  B 3  ? 0.3096 0.3168 0.2934 -0.0143 0.0275  0.0200  203 DG  B P     
244 O  OP1   . DG  B 3  ? 0.4043 0.4015 0.3144 -0.0432 0.0605  -0.0030 203 DG  B OP1   
245 O  OP2   . DG  B 3  ? 0.3173 0.2800 0.2972 0.0113  -0.0230 0.0389  203 DG  B OP2   
246 O  "O5'" . DG  B 3  ? 0.2902 0.2743 0.3725 0.0132  0.0122  -0.0049 203 DG  B "O5'" 
247 C  "C5'" . DG  B 3  ? 0.2564 0.3249 0.3000 0.0255  -0.0134 -0.0282 203 DG  B "C5'" 
248 C  "C4'" . DG  B 3  ? 0.2542 0.2949 0.3134 -0.0080 -0.0254 -0.0019 203 DG  B "C4'" 
249 O  "O4'" . DG  B 3  ? 0.2727 0.2887 0.3257 0.0022  -0.0109 -0.0325 203 DG  B "O4'" 
250 C  "C3'" . DG  B 3  ? 0.3013 0.3042 0.2751 -0.0235 -0.0109 -0.0337 203 DG  B "C3'" 
251 O  "O3'" . DG  B 3  ? 0.3869 0.3751 0.2173 -0.0258 0.0173  -0.0252 203 DG  B "O3'" 
252 C  "C2'" . DG  B 3  ? 0.2936 0.3190 0.2501 -0.0386 0.0242  -0.0234 203 DG  B "C2'" 
253 C  "C1'" . DG  B 3  ? 0.3053 0.2957 0.2494 -0.0346 0.0213  -0.0154 203 DG  B "C1'" 
254 N  N9    . DG  B 3  ? 0.2774 0.2448 0.3110 -0.0221 -0.0146 -0.0095 203 DG  B N9    
255 C  C8    . DG  B 3  ? 0.2751 0.2489 0.2332 -0.0420 -0.0338 0.0321  203 DG  B C8    
256 N  N7    . DG  B 3  ? 0.2816 0.2461 0.2319 -0.0565 -0.0087 0.0356  203 DG  B N7    
257 C  C5    . DG  B 3  ? 0.2761 0.2299 0.2219 -0.0424 -0.0076 0.0321  203 DG  B C5    
258 C  C6    . DG  B 3  ? 0.2727 0.2063 0.2511 -0.0309 0.0068  0.0246  203 DG  B C6    
259 O  O6    . DG  B 3  ? 0.2878 0.2293 0.2654 -0.0168 0.0297  0.0505  203 DG  B O6    
260 N  N1    . DG  B 3  ? 0.2905 0.2049 0.2159 -0.0191 0.0085  0.0135  203 DG  B N1    
261 C  C2    . DG  B 3  ? 0.2736 0.1934 0.2113 -0.0209 0.0093  0.0383  203 DG  B C2    
262 N  N2    . DG  B 3  ? 0.2380 0.1957 0.2164 -0.0235 0.0319  0.0128  203 DG  B N2    
263 N  N3    . DG  B 3  ? 0.3037 0.2014 0.2221 -0.0486 -0.0210 0.0407  203 DG  B N3    
264 C  C4    . DG  B 3  ? 0.2873 0.2565 0.2335 -0.0279 -0.0009 0.0369  203 DG  B C4    
265 P  P     . DT  B 4  ? 0.3867 0.4093 0.2843 -0.0823 -0.0021 -0.0631 204 DT  B P     
266 O  OP1   . DT  B 4  ? 0.4309 0.5368 0.2641 -0.1120 0.0087  -0.0753 204 DT  B OP1   
267 O  OP2   . DT  B 4  ? 0.3617 0.3923 0.1825 -0.0529 -0.0550 0.0145  204 DT  B OP2   
268 O  "O5'" . DT  B 4  ? 0.3487 0.3201 0.2485 -0.0307 0.0026  -0.0426 204 DT  B "O5'" 
269 C  "C5'" . DT  B 4  ? 0.3582 0.3352 0.2516 -0.0275 -0.0198 -0.0362 204 DT  B "C5'" 
270 C  "C4'" . DT  B 4  ? 0.3163 0.2943 0.2582 -0.0185 -0.0175 -0.0300 204 DT  B "C4'" 
271 O  "O4'" . DT  B 4  ? 0.3381 0.2182 0.2807 -0.0188 0.0096  -0.0723 204 DT  B "O4'" 
272 C  "C3'" . DT  B 4  ? 0.3090 0.2910 0.2179 -0.0209 -0.0256 -0.0307 204 DT  B "C3'" 
273 O  "O3'" . DT  B 4  ? 0.3218 0.3593 0.2561 -0.0725 -0.0134 -0.0749 204 DT  B "O3'" 
274 C  "C2'" . DT  B 4  ? 0.2482 0.1870 0.2178 -0.0205 -0.0126 -0.0153 204 DT  B "C2'" 
275 C  "C1'" . DT  B 4  ? 0.2483 0.1824 0.2077 -0.0224 -0.0145 -0.0205 204 DT  B "C1'" 
276 N  N1    . DT  B 4  ? 0.2504 0.1639 0.1586 -0.0238 -0.0148 -0.0129 204 DT  B N1    
277 C  C2    . DT  B 4  ? 0.2349 0.1254 0.1475 -0.0127 -0.0207 0.0055  204 DT  B C2    
278 O  O2    . DT  B 4  ? 0.2245 0.1438 0.2193 -0.0117 -0.0326 -0.0502 204 DT  B O2    
279 N  N3    . DT  B 4  ? 0.2400 0.1448 0.1717 -0.0101 -0.0166 0.0171  204 DT  B N3    
280 C  C4    . DT  B 4  ? 0.2289 0.1664 0.2011 -0.0138 -0.0253 0.0028  204 DT  B C4    
281 O  O4    . DT  B 4  ? 0.2533 0.1737 0.2108 0.0001  -0.0165 -0.0040 204 DT  B O4    
282 C  C5    . DT  B 4  ? 0.2671 0.1695 0.1969 -0.0064 -0.0192 0.0042  204 DT  B C5    
283 C  C7    . DT  B 4  ? 0.3078 0.2983 0.2526 -0.0196 -0.0632 0.0371  204 DT  B C7    
284 C  C6    . DT  B 4  ? 0.2392 0.1779 0.2163 -0.0315 -0.0237 -0.0191 204 DT  B C6    
285 P  P     . DA  B 5  ? 0.4114 0.3823 0.2850 -0.0981 0.0192  -0.0758 205 DA  B P     
286 O  OP1   . DA  B 5  ? 0.4731 0.5296 0.3652 -0.0317 0.0728  -0.0363 205 DA  B OP1   
287 O  OP2   . DA  B 5  ? 0.3999 0.4468 0.3465 -0.0816 0.0721  0.0330  205 DA  B OP2   
288 O  "O5'" . DA  B 5  ? 0.3263 0.3240 0.2623 -0.0347 0.0437  -0.0511 205 DA  B "O5'" 
289 C  "C5'" . DA  B 5  ? 0.3330 0.3426 0.2486 -0.0022 0.0237  -0.0425 205 DA  B "C5'" 
290 C  "C4'" . DA  B 5  ? 0.2759 0.1959 0.2614 0.0205  0.0481  -0.0066 205 DA  B "C4'" 
291 O  "O4'" . DA  B 5  ? 0.2990 0.1381 0.2182 -0.0128 0.0313  -0.0276 205 DA  B "O4'" 
292 C  "C3'" . DA  B 5  ? 0.2363 0.1899 0.2377 0.0106  0.0114  -0.0196 205 DA  B "C3'" 
293 O  "O3'" . DA  B 5  ? 0.2344 0.2108 0.3454 0.0377  0.0477  0.0142  205 DA  B "O3'" 
294 C  "C2'" . DA  B 5  ? 0.2252 0.1685 0.2364 -0.0157 0.0189  -0.0132 205 DA  B "C2'" 
295 C  "C1'" . DA  B 5  ? 0.2137 0.1640 0.1910 0.0105  0.0389  -0.0065 205 DA  B "C1'" 
296 N  N9    . DA  B 5  ? 0.2157 0.1503 0.1773 0.0038  0.0128  0.0079  205 DA  B N9    
297 C  C8    . DA  B 5  ? 0.2172 0.1448 0.1840 -0.0053 0.0109  0.0060  205 DA  B C8    
298 N  N7    . DA  B 5  ? 0.2062 0.1495 0.1705 -0.0059 -0.0073 -0.0170 205 DA  B N7    
299 C  C5    . DA  B 5  ? 0.2049 0.1098 0.1571 -0.0181 0.0113  0.0073  205 DA  B C5    
300 C  C6    . DA  B 5  ? 0.2155 0.1251 0.1532 -0.0095 0.0045  0.0033  205 DA  B C6    
301 N  N6    . DA  B 5  ? 0.2138 0.1673 0.1893 -0.0022 0.0030  0.0016  205 DA  B N6    
302 N  N1    . DA  B 5  ? 0.2139 0.1204 0.1541 -0.0029 -0.0054 0.0002  205 DA  B N1    
303 C  C2    . DA  B 5  ? 0.2017 0.1547 0.1777 -0.0078 0.0155  -0.0129 205 DA  B C2    
304 N  N3    . DA  B 5  ? 0.2061 0.1603 0.1789 -0.0026 0.0051  -0.0270 205 DA  B N3    
305 C  C4    . DA  B 5  ? 0.2154 0.1460 0.1628 -0.0073 0.0002  -0.0085 205 DA  B C4    
306 F  F     . XTF B 6  ? 0.2185 0.2117 0.3457 -0.0094 -0.0911 -0.0300 206 XTF B F     
307 C  "C2'" . XTF B 6  ? 0.1842 0.2089 0.2483 -0.0233 -0.0258 -0.0089 206 XTF B "C2'" 
308 C  "C1'" . XTF B 6  ? 0.1458 0.1874 0.2614 -0.0006 -0.0316 0.0008  206 XTF B "C1'" 
309 N  N1    . XTF B 6  ? 0.1525 0.1599 0.1818 -0.0083 -0.0109 0.0010  206 XTF B N1    
310 C  C6    . XTF B 6  ? 0.1558 0.1438 0.1773 -0.0113 -0.0128 0.0118  206 XTF B C6    
311 C  C5    . XTF B 6  ? 0.1492 0.1195 0.1603 0.0034  -0.0093 0.0042  206 XTF B C5    
312 C  C5M   . XTF B 6  ? 0.1952 0.1427 0.1687 0.0164  0.0096  -0.0082 206 XTF B C5M   
313 C  C2    . XTF B 6  ? 0.1537 0.1855 0.1951 0.0062  -0.0275 -0.0021 206 XTF B C2    
314 O  O2    . XTF B 6  ? 0.1568 0.1947 0.2493 0.0077  -0.0645 -0.0306 206 XTF B O2    
315 N  N3    . XTF B 6  ? 0.1609 0.1238 0.1479 0.0117  -0.0269 0.0101  206 XTF B N3    
316 C  C4    . XTF B 6  ? 0.1291 0.1243 0.1457 -0.0023 -0.0270 0.0100  206 XTF B C4    
317 O  O4    . XTF B 6  ? 0.1262 0.1517 0.1395 0.0150  -0.0389 0.0035  206 XTF B O4    
318 C  "C7'" . XTF B 6  ? 0.1609 0.1646 0.2375 -0.0112 -0.0273 -0.0048 206 XTF B "C7'" 
319 C  "C6'" . XTF B 6  ? 0.1690 0.1873 0.2374 -0.0205 -0.0172 -0.0162 206 XTF B "C6'" 
320 C  "C3'" . XTF B 6  ? 0.1686 0.1995 0.2873 0.0047  -0.0127 0.0169  206 XTF B "C3'" 
321 O  "O3'" . XTF B 6  ? 0.1866 0.2358 0.3633 -0.0103 -0.0028 0.0476  206 XTF B "O3'" 
322 C  "C4'" . XTF B 6  ? 0.1963 0.1635 0.2904 -0.0064 -0.0176 0.0200  206 XTF B "C4'" 
323 C  "C5'" . XTF B 6  ? 0.2009 0.1903 0.3077 0.0030  -0.0008 0.0190  206 XTF B "C5'" 
324 O  "O5'" . XTF B 6  ? 0.2275 0.1909 0.3319 -0.0333 -0.0039 0.0276  206 XTF B "O5'" 
325 P  P     . XTF B 6  ? 0.2685 0.2263 0.3438 -0.0094 0.0733  0.0531  206 XTF B P     
326 O  OP1   . XTF B 6  ? 0.2904 0.2989 0.4779 -0.0110 0.1380  0.0212  206 XTF B OP1   
327 O  OP2   . XTF B 6  ? 0.3347 0.2562 0.3121 -0.0114 0.0286  0.0502  206 XTF B OP2   
328 P  P     . DA  B 7  ? 0.2087 0.2329 0.3443 -0.0375 0.0289  0.0643  207 DA  B P     
329 O  OP1   . DA  B 7  ? 0.2290 0.2282 0.4233 -0.0129 0.0676  0.1150  207 DA  B OP1   
330 O  OP2   . DA  B 7  ? 0.2078 0.2387 0.3152 0.0082  0.0007  0.0361  207 DA  B OP2   
331 O  "O5'" . DA  B 7  ? 0.2087 0.2161 0.3373 -0.0437 0.0032  0.0145  207 DA  B "O5'" 
332 C  "C5'" . DA  B 7  ? 0.1876 0.2189 0.3420 -0.0202 -0.0108 0.0040  207 DA  B "C5'" 
333 C  "C4'" . DA  B 7  ? 0.2140 0.2268 0.2893 -0.0083 -0.0020 0.0152  207 DA  B "C4'" 
334 O  "O4'" . DA  B 7  ? 0.1883 0.1845 0.3052 -0.0303 -0.0458 -0.0019 207 DA  B "O4'" 
335 C  "C3'" . DA  B 7  ? 0.1930 0.1926 0.3242 -0.0407 -0.0208 0.0242  207 DA  B "C3'" 
336 O  "O3'" . DA  B 7  ? 0.1747 0.1983 0.3598 -0.0584 -0.0275 0.0215  207 DA  B "O3'" 
337 C  "C2'" . DA  B 7  ? 0.2217 0.1873 0.2625 -0.0464 -0.0129 0.0113  207 DA  B "C2'" 
338 C  "C1'" . DA  B 7  ? 0.1613 0.1838 0.2589 -0.0471 -0.0269 0.0056  207 DA  B "C1'" 
339 N  N9    . DA  B 7  ? 0.1855 0.1718 0.2181 -0.0227 -0.0298 -0.0087 207 DA  B N9    
340 C  C8    . DA  B 7  ? 0.1291 0.1725 0.2547 -0.0238 -0.0327 -0.0145 207 DA  B C8    
341 N  N7    . DA  B 7  ? 0.1279 0.1632 0.2183 -0.0218 -0.0450 0.0133  207 DA  B N7    
342 C  C5    . DA  B 7  ? 0.1521 0.1677 0.1731 -0.0178 -0.0092 0.0192  207 DA  B C5    
343 C  C6    . DA  B 7  ? 0.1358 0.1532 0.1274 0.0099  -0.0263 0.0229  207 DA  B C6    
344 N  N6    . DA  B 7  ? 0.1576 0.1613 0.1339 0.0062  -0.0231 0.0172  207 DA  B N6    
345 N  N1    . DA  B 7  ? 0.1585 0.1635 0.1410 0.0002  -0.0230 -0.0077 207 DA  B N1    
346 C  C2    . DA  B 7  ? 0.0812 0.2394 0.1692 -0.0680 -0.0169 -0.0072 207 DA  B C2    
347 N  N3    . DA  B 7  ? 0.0458 0.2539 0.1740 -0.0537 -0.0297 -0.0178 207 DA  B N3    
348 C  C4    . DA  B 7  ? 0.1761 0.1913 0.1759 -0.0169 -0.0107 0.0034  207 DA  B C4    
349 P  P     . DC  B 8  ? 0.2222 0.2218 0.3882 -0.0200 -0.0163 0.0829  208 DC  B P     
350 O  OP1   . DC  B 8  ? 0.3053 0.2483 0.4166 -0.0608 0.0251  0.0754  208 DC  B OP1   
351 O  OP2   . DC  B 8  ? 0.2858 0.2979 0.3638 -0.0782 0.0081  0.0180  208 DC  B OP2   
352 O  "O5'" . DC  B 8  ? 0.2204 0.2322 0.3848 -0.0467 -0.0174 0.0479  208 DC  B "O5'" 
353 C  "C5'" . DC  B 8  ? 0.2716 0.2817 0.3807 -0.0164 0.0133  0.0347  208 DC  B "C5'" 
354 C  "C4'" . DC  B 8  ? 0.2758 0.2567 0.3245 -0.0356 -0.0105 0.0479  208 DC  B "C4'" 
355 O  "O4'" . DC  B 8  ? 0.2189 0.2218 0.2889 -0.0282 -0.0129 0.0046  208 DC  B "O4'" 
356 C  "C3'" . DC  B 8  ? 0.2627 0.2975 0.3182 -0.0325 0.0056  0.0254  208 DC  B "C3'" 
357 O  "O3'" . DC  B 8  ? 0.3265 0.3442 0.3790 -0.0399 0.0059  0.0787  208 DC  B "O3'" 
358 C  "C2'" . DC  B 8  ? 0.2313 0.2113 0.2572 0.0064  -0.0134 0.0030  208 DC  B "C2'" 
359 C  "C1'" . DC  B 8  ? 0.2091 0.2197 0.2572 -0.0069 -0.0049 0.0019  208 DC  B "C1'" 
360 N  N1    . DC  B 8  ? 0.1880 0.2116 0.2103 0.0106  -0.0118 0.0217  208 DC  B N1    
361 C  C2    . DC  B 8  ? 0.2017 0.1915 0.1174 -0.0041 0.0068  0.0272  208 DC  B C2    
362 O  O2    . DC  B 8  ? 0.2098 0.2046 0.1961 0.0232  -0.0282 -0.0056 208 DC  B O2    
363 N  N3    . DC  B 8  ? 0.2012 0.1831 0.1521 0.0032  0.0084  0.0339  208 DC  B N3    
364 C  C4    . DC  B 8  ? 0.2009 0.2044 0.1421 0.0114  0.0091  0.0303  208 DC  B C4    
365 N  N4    . DC  B 8  ? 0.2490 0.2059 0.2216 -0.0026 0.0165  0.0136  208 DC  B N4    
366 C  C5    . DC  B 8  ? 0.2031 0.1972 0.1965 0.0037  0.0180  0.0197  208 DC  B C5    
367 C  C6    . DC  B 8  ? 0.2086 0.2162 0.1874 0.0105  0.0207  0.0118  208 DC  B C6    
368 P  P     . DG  B 9  ? 0.3202 0.3950 0.3758 -0.0321 0.0120  0.1801  209 DG  B P     
369 O  OP1   . DG  B 9  ? 0.3041 0.3656 0.5405 -0.0728 0.0214  0.1469  209 DG  B OP1   
370 O  OP2   . DG  B 9  ? 0.3378 0.5111 0.3636 -0.0499 0.0468  0.0945  209 DG  B OP2   
371 O  "O5'" . DG  B 9  ? 0.3441 0.3769 0.3834 -0.0433 -0.0143 0.1499  209 DG  B "O5'" 
372 C  "C5'" . DG  B 9  ? 0.3304 0.3008 0.3876 -0.0312 0.0608  0.0684  209 DG  B "C5'" 
373 C  "C4'" . DG  B 9  ? 0.2702 0.2062 0.1825 0.0097  -0.0233 0.0503  209 DG  B "C4'" 
374 O  "O4'" . DG  B 9  ? 0.2754 0.1792 0.1864 0.0278  -0.0136 0.0180  209 DG  B "O4'" 
375 C  "C3'" . DG  B 9  ? 0.2938 0.2187 0.1762 0.0208  -0.0076 0.0237  209 DG  B "C3'" 
376 O  "O3'" . DG  B 9  ? 0.3357 0.2371 0.2027 0.0545  -0.0101 0.0308  209 DG  B "O3'" 
377 C  "C2'" . DG  B 9  ? 0.2509 0.1759 0.1816 0.0562  -0.0208 0.0155  209 DG  B "C2'" 
378 C  "C1'" . DG  B 9  ? 0.2392 0.1836 0.1716 0.0405  -0.0158 0.0186  209 DG  B "C1'" 
379 N  N9    . DG  B 9  ? 0.2398 0.1836 0.1757 0.0338  -0.0336 0.0009  209 DG  B N9    
380 C  C8    . DG  B 9  ? 0.2502 0.1740 0.1052 0.0347  0.0090  0.0154  209 DG  B C8    
381 N  N7    . DG  B 9  ? 0.2595 0.1837 0.1208 0.0299  -0.0056 -0.0170 209 DG  B N7    
382 C  C5    . DG  B 9  ? 0.2353 0.1767 0.1395 0.0385  -0.0091 0.0089  209 DG  B C5    
383 C  C6    . DG  B 9  ? 0.2342 0.2011 0.1502 0.0208  0.0144  -0.0333 209 DG  B C6    
384 O  O6    . DG  B 9  ? 0.2438 0.2048 0.2089 0.0428  0.0133  0.0083  209 DG  B O6    
385 N  N1    . DG  B 9  ? 0.2244 0.2000 0.1560 0.0332  0.0075  -0.0041 209 DG  B N1    
386 C  C2    . DG  B 9  ? 0.2305 0.1692 0.1437 0.0211  0.0130  0.0021  209 DG  B C2    
387 N  N2    . DG  B 9  ? 0.2240 0.2224 0.1510 0.0441  -0.0154 -0.0056 209 DG  B N2    
388 N  N3    . DG  B 9  ? 0.2255 0.1705 0.1654 0.0247  -0.0142 0.0104  209 DG  B N3    
389 C  C4    . DG  B 9  ? 0.2242 0.1727 0.1132 0.0303  -0.0042 0.0086  209 DG  B C4    
390 P  P     . DC  B 10 ? 0.3424 0.2623 0.2149 0.0330  -0.0187 0.0352  210 DC  B P     
391 O  OP1   . DC  B 10 ? 0.3590 0.2371 0.3006 0.0282  -0.0362 -0.0001 210 DC  B OP1   
392 O  OP2   . DC  B 10 ? 0.3328 0.2773 0.2257 0.0656  -0.0042 0.0710  210 DC  B OP2   
393 O  "O5'" . DC  B 10 ? 0.2431 0.2506 0.2099 0.0692  -0.0018 0.0269  210 DC  B "O5'" 
394 C  "C5'" . DC  B 10 ? 0.2477 0.2532 0.2065 -0.0107 -0.0104 0.0048  210 DC  B "C5'" 
395 C  "C4'" . DC  B 10 ? 0.2807 0.2098 0.2074 0.0346  -0.0019 0.0033  210 DC  B "C4'" 
396 O  "O4'" . DC  B 10 ? 0.3725 0.1449 0.1631 0.0571  0.0113  -0.0167 210 DC  B "O4'" 
397 C  "C3'" . DC  B 10 ? 0.3018 0.2550 0.1954 0.0244  0.0017  0.0167  210 DC  B "C3'" 
398 O  "O3'" . DC  B 10 ? 0.2627 0.3501 0.2329 0.0308  0.0301  0.0297  210 DC  B "O3'" 
399 C  "C2'" . DC  B 10 ? 0.3650 0.2881 0.2075 0.0827  0.0009  -0.0293 210 DC  B "C2'" 
400 C  "C1'" . DC  B 10 ? 0.3186 0.2233 0.2058 0.0526  -0.0195 -0.0848 210 DC  B "C1'" 
401 N  N1    . DC  B 10 ? 0.3308 0.1995 0.2214 0.0660  0.0112  -0.0464 210 DC  B N1    
402 C  C2    . DC  B 10 ? 0.3420 0.1880 0.1633 0.0584  0.0061  -0.0240 210 DC  B C2    
403 O  O2    . DC  B 10 ? 0.4040 0.2022 0.2172 0.0499  -0.0008 -0.0367 210 DC  B O2    
404 N  N3    . DC  B 10 ? 0.3196 0.2537 0.1456 0.0349  0.0412  -0.0127 210 DC  B N3    
405 C  C4    . DC  B 10 ? 0.2761 0.2562 0.1337 0.0584  0.0084  -0.0272 210 DC  B C4    
406 N  N4    . DC  B 10 ? 0.3068 0.3444 0.1295 0.1224  0.0059  -0.0127 210 DC  B N4    
407 C  C5    . DC  B 10 ? 0.2933 0.2487 0.1257 0.0464  0.0097  -0.0159 210 DC  B C5    
408 C  C6    . DC  B 10 ? 0.3025 0.2265 0.1669 0.0645  -0.0007 -0.0190 210 DC  B C6    
409 MG MG    . MG  C .  ? 0.2894 0.3399 0.3495 0.0272  -0.0162 0.0215  201 MG  A MG    
410 MG MG    . MG  D .  ? 0.1465 0.1317 0.1331 0.0235  -0.0013 0.0340  301 MG  B MG    
411 O  O     . HOH E .  ? 0.3067 0.2787 0.3388 0.0550  -0.0659 0.0015  301 HOH A O     
412 O  O     . HOH E .  ? 0.2893 0.2064 0.2336 0.0374  -0.0584 0.0279  302 HOH A O     
413 O  O     . HOH E .  ? 0.3828 0.3980 0.4033 0.0156  -0.0248 -0.0526 303 HOH A O     
414 O  O     . HOH E .  ? 0.3725 0.2920 0.4220 -0.0361 -0.0344 0.0075  304 HOH A O     
415 O  O     . HOH E .  ? 0.2414 0.2929 0.2792 -0.0224 -0.0580 0.0142  305 HOH A O     
416 O  O     . HOH E .  ? 0.3422 0.3632 0.2391 0.0174  -0.0780 0.0251  306 HOH A O     
417 O  O     . HOH E .  ? 0.3761 0.2736 0.3913 0.0235  0.0474  -0.0164 307 HOH A O     
418 O  O     . HOH E .  ? 0.4347 0.1878 0.5775 0.1290  -0.1540 -0.0057 308 HOH A O     
419 O  O     . HOH E .  ? 0.3866 0.3033 0.2757 0.0445  0.0887  0.0680  309 HOH A O     
420 O  O     . HOH E .  ? 0.3246 0.2982 0.3914 0.0360  0.0613  0.0315  310 HOH A O     
421 O  O     . HOH E .  ? 0.2628 0.3331 0.4855 -0.0510 -0.0889 -0.0041 311 HOH A O     
422 O  O     . HOH E .  ? 0.4005 0.2434 0.2863 0.0574  0.0189  -0.0269 312 HOH A O     
423 O  O     . HOH E .  ? 0.2027 0.3679 0.4329 -0.0171 -0.0319 0.0567  313 HOH A O     
424 O  O     . HOH E .  ? 0.3323 0.2506 0.4371 -0.0240 -0.0028 0.0081  314 HOH A O     
425 O  O     . HOH E .  ? 0.2930 0.6004 0.3890 -0.0591 0.0504  0.0422  315 HOH A O     
426 O  O     . HOH E .  ? 0.2684 0.3781 0.3011 -0.0012 -0.0376 -0.0589 316 HOH A O     
427 O  O     . HOH E .  ? 0.6386 0.4755 0.3728 -0.1441 0.2332  -0.0450 317 HOH A O     
428 O  O     . HOH E .  ? 0.3446 0.2035 0.2842 0.0324  0.0058  0.0401  318 HOH A O     
429 O  O     . HOH E .  ? 0.2974 0.2179 0.2854 -0.0219 -0.0386 -0.0622 319 HOH A O     
430 O  O     . HOH E .  ? 0.2652 0.4151 0.3943 -0.1002 -0.1421 0.1116  320 HOH A O     
431 O  O     . HOH F .  ? 0.2423 0.4218 0.3072 -0.0568 -0.0174 -0.0038 401 HOH B O     
432 O  O     . HOH F .  ? 0.3330 0.3563 0.2956 0.0665  -0.0448 -0.0512 402 HOH B O     
433 O  O     . HOH F .  ? 0.4829 0.3564 0.3146 -0.0043 0.0357  0.0695  403 HOH B O     
434 O  O     . HOH F .  ? 0.3301 0.2732 0.3755 -0.0012 0.0082  0.0825  404 HOH B O     
435 O  O     . HOH F .  ? 0.3722 0.2888 0.3758 0.0163  0.0280  0.0474  405 HOH B O     
436 O  O     . HOH F .  ? 0.4649 0.3964 0.3349 -0.0443 -0.0002 0.0446  406 HOH B O     
437 O  O     . HOH F .  ? 0.2854 0.3117 0.2745 0.0211  -0.0064 0.0478  407 HOH B O     
438 O  O     . HOH F .  ? 0.3989 0.2671 0.3447 0.0333  -0.0515 0.0217  408 HOH B O     
439 O  O     . HOH F .  ? 0.3322 0.2416 0.2921 0.0212  0.0530  0.0189  409 HOH B O     
440 O  O     . HOH F .  ? 0.2916 0.1865 0.2766 0.0285  -0.0081 0.0189  410 HOH B O     
441 O  O     . HOH F .  ? 0.2780 0.2372 0.2846 0.0264  -0.0489 -0.0589 411 HOH B O     
442 O  O     . HOH F .  ? 0.2678 0.2067 0.2252 0.0766  0.0754  -0.0525 412 HOH B O     
443 O  O     . HOH F .  ? 0.2912 0.2945 0.3893 -0.0155 0.0487  0.0074  413 HOH B O     
444 O  O     . HOH F .  ? 0.1927 0.3805 0.3661 -0.0128 0.0136  -0.0210 414 HOH B O     
445 O  O     . HOH F .  ? 0.5011 0.2779 0.2563 0.0877  -0.1522 -0.0499 415 HOH B O     
446 O  O     . HOH F .  ? 0.4054 0.3155 0.2222 -0.0289 -0.0614 -0.0250 416 HOH B O     
447 O  O     . HOH F .  ? 0.4932 0.4836 0.3453 0.0358  -0.0427 0.0279  417 HOH B O     
448 O  O     . HOH F .  ? 0.1927 0.1358 0.0905 0.0161  0.0071  0.0135  418 HOH B O     
449 O  O     . HOH F .  ? 0.2949 0.9406 0.2662 -0.0866 0.0045  0.0507  419 HOH B O     
450 O  O     . HOH F .  ? 0.4696 0.3979 0.2883 -0.0658 -0.0120 0.1029  420 HOH B O     
451 O  O     . HOH F .  ? 0.4336 0.2279 0.2089 0.1734  0.0354  0.0148  421 HOH B O     
452 O  O     . HOH F .  ? 0.4462 0.7616 0.3836 -0.3005 -0.0168 0.1602  422 HOH B O     
453 O  O     . HOH F .  ? 0.1832 0.2579 0.1709 0.0957  -0.0233 -0.0430 423 HOH B O     
454 O  O     . HOH F .  ? 0.4586 0.2465 0.3165 -0.0770 -0.2011 0.0409  424 HOH B O     
455 O  O     . HOH F .  ? 0.4752 0.3319 0.4103 0.0849  -0.0323 -0.1174 425 HOH B O     
456 O  O     . HOH F .  ? 0.3281 0.5099 0.3928 0.0461  0.0365  0.1181  426 HOH B O     
457 O  O     . HOH F .  ? 0.6164 0.2768 0.5829 0.0422  -0.0180 0.1021  427 HOH B O     
458 O  O     . HOH F .  ? 0.3001 0.4931 0.4814 -0.1534 0.0110  0.0450  428 HOH B O     
459 O  O     . HOH F .  ? 0.4554 0.3408 0.6126 0.1392  0.0917  0.0322  429 HOH B O     
460 O  O     . HOH F .  ? 0.1105 0.1943 0.2899 -0.0302 0.0300  -0.0359 430 HOH B O     
461 O  O     . HOH F .  ? 0.2632 0.2453 0.1952 -0.0008 -0.0169 0.0080  431 HOH B O     
462 O  O     . HOH F .  ? 0.3548 0.2578 0.3453 0.0192  -0.0387 0.0251  432 HOH B O     
# 
loop_
_pdbx_poly_seq_scheme.asym_id 
_pdbx_poly_seq_scheme.entity_id 
_pdbx_poly_seq_scheme.seq_id 
_pdbx_poly_seq_scheme.mon_id 
_pdbx_poly_seq_scheme.ndb_seq_num 
_pdbx_poly_seq_scheme.pdb_seq_num 
_pdbx_poly_seq_scheme.auth_seq_num 
_pdbx_poly_seq_scheme.pdb_mon_id 
_pdbx_poly_seq_scheme.auth_mon_id 
_pdbx_poly_seq_scheme.pdb_strand_id 
_pdbx_poly_seq_scheme.pdb_ins_code 
_pdbx_poly_seq_scheme.hetero 
A 1 1  DG  1  101 101 DG  DG  A . n 
A 1 2  DC  2  102 102 DC  DC  A . n 
A 1 3  DG  3  103 103 DG  DG  A . n 
A 1 4  DT  4  104 104 DT  DT  A . n 
A 1 5  DA  5  105 105 DA  DA  A . n 
A 1 6  XTF 6  106 106 XTF XTF A . n 
A 1 7  DA  7  107 107 DA  DA  A . n 
A 1 8  DC  8  108 108 DC  DC  A . n 
A 1 9  DG  9  109 109 DG  DG  A . n 
A 1 10 DC  10 110 110 DC  DC  A . n 
B 1 1  DG  1  201 201 DG  DG  B . n 
B 1 2  DC  2  202 202 DC  DC  B . n 
B 1 3  DG  3  203 203 DG  DG  B . n 
B 1 4  DT  4  204 204 DT  DT  B . n 
B 1 5  DA  5  205 205 DA  DA  B . n 
B 1 6  XTF 6  206 206 XTF XTF B . n 
B 1 7  DA  7  207 207 DA  DA  B . n 
B 1 8  DC  8  208 208 DC  DC  B . n 
B 1 9  DG  9  209 209 DG  DG  B . n 
B 1 10 DC  10 210 210 DC  DC  B . n 
# 
loop_
_pdbx_nonpoly_scheme.asym_id 
_pdbx_nonpoly_scheme.entity_id 
_pdbx_nonpoly_scheme.mon_id 
_pdbx_nonpoly_scheme.ndb_seq_num 
_pdbx_nonpoly_scheme.pdb_seq_num 
_pdbx_nonpoly_scheme.auth_seq_num 
_pdbx_nonpoly_scheme.pdb_mon_id 
_pdbx_nonpoly_scheme.auth_mon_id 
_pdbx_nonpoly_scheme.pdb_strand_id 
_pdbx_nonpoly_scheme.pdb_ins_code 
C 2 MG  1  201 1  MG  MG  A . 
D 2 MG  1  301 2  MG  MG  B . 
E 3 HOH 1  301 3  HOH HOH A . 
E 3 HOH 2  302 4  HOH HOH A . 
E 3 HOH 3  303 5  HOH HOH A . 
E 3 HOH 4  304 7  HOH HOH A . 
E 3 HOH 5  305 8  HOH HOH A . 
E 3 HOH 6  306 19 HOH HOH A . 
E 3 HOH 7  307 21 HOH HOH A . 
E 3 HOH 8  308 24 HOH HOH A . 
E 3 HOH 9  309 28 HOH HOH A . 
E 3 HOH 10 310 29 HOH HOH A . 
E 3 HOH 11 311 30 HOH HOH A . 
E 3 HOH 12 312 32 HOH HOH A . 
E 3 HOH 13 313 36 HOH HOH A . 
E 3 HOH 14 314 37 HOH HOH A . 
E 3 HOH 15 315 44 HOH HOH A . 
E 3 HOH 16 316 45 HOH HOH A . 
E 3 HOH 17 317 46 HOH HOH A . 
E 3 HOH 18 318 49 HOH HOH A . 
E 3 HOH 19 319 50 HOH HOH A . 
E 3 HOH 20 320 51 HOH HOH A . 
F 3 HOH 1  401 18 HOH HOH B . 
F 3 HOH 2  402 6  HOH HOH B . 
F 3 HOH 3  403 9  HOH HOH B . 
F 3 HOH 4  404 10 HOH HOH B . 
F 3 HOH 5  405 11 HOH HOH B . 
F 3 HOH 6  406 12 HOH HOH B . 
F 3 HOH 7  407 13 HOH HOH B . 
F 3 HOH 8  408 14 HOH HOH B . 
F 3 HOH 9  409 15 HOH HOH B . 
F 3 HOH 10 410 16 HOH HOH B . 
F 3 HOH 11 411 17 HOH HOH B . 
F 3 HOH 12 412 20 HOH HOH B . 
F 3 HOH 13 413 22 HOH HOH B . 
F 3 HOH 14 414 23 HOH HOH B . 
F 3 HOH 15 415 25 HOH HOH B . 
F 3 HOH 16 416 26 HOH HOH B . 
F 3 HOH 17 417 27 HOH HOH B . 
F 3 HOH 18 418 31 HOH HOH B . 
F 3 HOH 19 419 33 HOH HOH B . 
F 3 HOH 20 420 34 HOH HOH B . 
F 3 HOH 21 421 35 HOH HOH B . 
F 3 HOH 22 422 38 HOH HOH B . 
F 3 HOH 23 423 39 HOH HOH B . 
F 3 HOH 24 424 40 HOH HOH B . 
F 3 HOH 25 425 41 HOH HOH B . 
F 3 HOH 26 426 42 HOH HOH B . 
F 3 HOH 27 427 43 HOH HOH B . 
F 3 HOH 28 428 47 HOH HOH B . 
F 3 HOH 29 429 48 HOH HOH B . 
F 3 HOH 30 430 52 HOH HOH B . 
F 3 HOH 31 431 53 HOH HOH B . 
F 3 HOH 32 432 54 HOH HOH B . 
# 
loop_
_pdbx_struct_mod_residue.id 
_pdbx_struct_mod_residue.label_asym_id 
_pdbx_struct_mod_residue.label_comp_id 
_pdbx_struct_mod_residue.label_seq_id 
_pdbx_struct_mod_residue.auth_asym_id 
_pdbx_struct_mod_residue.auth_comp_id 
_pdbx_struct_mod_residue.auth_seq_id 
_pdbx_struct_mod_residue.PDB_ins_code 
_pdbx_struct_mod_residue.parent_comp_id 
_pdbx_struct_mod_residue.details 
1 A XTF 6 A XTF 106 ? DT ? 
2 B XTF 6 B XTF 206 ? DT ? 
# 
_pdbx_struct_assembly.id                   1 
_pdbx_struct_assembly.details              author_and_software_defined_assembly 
_pdbx_struct_assembly.method_details       PISA 
_pdbx_struct_assembly.oligomeric_details   dimeric 
_pdbx_struct_assembly.oligomeric_count     2 
# 
_pdbx_struct_assembly_gen.assembly_id       1 
_pdbx_struct_assembly_gen.oper_expression   1 
_pdbx_struct_assembly_gen.asym_id_list      A,B,C,D,E,F 
# 
loop_
_pdbx_struct_assembly_prop.biol_id 
_pdbx_struct_assembly_prop.type 
_pdbx_struct_assembly_prop.value 
_pdbx_struct_assembly_prop.details 
1 'ABSA (A^2)' 1120 ? 
1 MORE         -11  ? 
1 'SSA (A^2)'  3800 ? 
# 
_pdbx_struct_oper_list.id                   1 
_pdbx_struct_oper_list.type                 'identity operation' 
_pdbx_struct_oper_list.name                 1_555 
_pdbx_struct_oper_list.symmetry_operation   x,y,z 
_pdbx_struct_oper_list.matrix[1][1]         1.0000000000 
_pdbx_struct_oper_list.matrix[1][2]         0.0000000000 
_pdbx_struct_oper_list.matrix[1][3]         0.0000000000 
_pdbx_struct_oper_list.vector[1]            0.0000000000 
_pdbx_struct_oper_list.matrix[2][1]         0.0000000000 
_pdbx_struct_oper_list.matrix[2][2]         1.0000000000 
_pdbx_struct_oper_list.matrix[2][3]         0.0000000000 
_pdbx_struct_oper_list.vector[2]            0.0000000000 
_pdbx_struct_oper_list.matrix[3][1]         0.0000000000 
_pdbx_struct_oper_list.matrix[3][2]         0.0000000000 
_pdbx_struct_oper_list.matrix[3][3]         1.0000000000 
_pdbx_struct_oper_list.vector[3]            0.0000000000 
# 
loop_
_pdbx_struct_conn_angle.id 
_pdbx_struct_conn_angle.ptnr1_label_atom_id 
_pdbx_struct_conn_angle.ptnr1_label_alt_id 
_pdbx_struct_conn_angle.ptnr1_label_asym_id 
_pdbx_struct_conn_angle.ptnr1_label_comp_id 
_pdbx_struct_conn_angle.ptnr1_label_seq_id 
_pdbx_struct_conn_angle.ptnr1_auth_atom_id 
_pdbx_struct_conn_angle.ptnr1_auth_asym_id 
_pdbx_struct_conn_angle.ptnr1_auth_comp_id 
_pdbx_struct_conn_angle.ptnr1_auth_seq_id 
_pdbx_struct_conn_angle.ptnr1_PDB_ins_code 
_pdbx_struct_conn_angle.ptnr1_symmetry 
_pdbx_struct_conn_angle.ptnr2_label_atom_id 
_pdbx_struct_conn_angle.ptnr2_label_alt_id 
_pdbx_struct_conn_angle.ptnr2_label_asym_id 
_pdbx_struct_conn_angle.ptnr2_label_comp_id 
_pdbx_struct_conn_angle.ptnr2_label_seq_id 
_pdbx_struct_conn_angle.ptnr2_auth_atom_id 
_pdbx_struct_conn_angle.ptnr2_auth_asym_id 
_pdbx_struct_conn_angle.ptnr2_auth_comp_id 
_pdbx_struct_conn_angle.ptnr2_auth_seq_id 
_pdbx_struct_conn_angle.ptnr2_PDB_ins_code 
_pdbx_struct_conn_angle.ptnr2_symmetry 
_pdbx_struct_conn_angle.ptnr3_label_atom_id 
_pdbx_struct_conn_angle.ptnr3_label_alt_id 
_pdbx_struct_conn_angle.ptnr3_label_asym_id 
_pdbx_struct_conn_angle.ptnr3_label_comp_id 
_pdbx_struct_conn_angle.ptnr3_label_seq_id 
_pdbx_struct_conn_angle.ptnr3_auth_atom_id 
_pdbx_struct_conn_angle.ptnr3_auth_asym_id 
_pdbx_struct_conn_angle.ptnr3_auth_comp_id 
_pdbx_struct_conn_angle.ptnr3_auth_seq_id 
_pdbx_struct_conn_angle.ptnr3_PDB_ins_code 
_pdbx_struct_conn_angle.ptnr3_symmetry 
_pdbx_struct_conn_angle.value 
_pdbx_struct_conn_angle.value_esd 
1  O ? E HOH . ? A HOH 301 ? 1_555 MG ? C MG . ? A MG 201 ? 1_555 O ? E HOH . ? A HOH 302 ? 1_555 91.6  ? 
2  O ? E HOH . ? A HOH 301 ? 1_555 MG ? C MG . ? A MG 201 ? 1_555 O ? E HOH . ? A HOH 303 ? 1_555 86.6  ? 
3  O ? E HOH . ? A HOH 302 ? 1_555 MG ? C MG . ? A MG 201 ? 1_555 O ? E HOH . ? A HOH 303 ? 1_555 87.4  ? 
4  O ? E HOH . ? A HOH 301 ? 1_555 MG ? C MG . ? A MG 201 ? 1_555 O ? E HOH . ? A HOH 304 ? 1_555 174.8 ? 
5  O ? E HOH . ? A HOH 302 ? 1_555 MG ? C MG . ? A MG 201 ? 1_555 O ? E HOH . ? A HOH 304 ? 1_555 92.8  ? 
6  O ? E HOH . ? A HOH 303 ? 1_555 MG ? C MG . ? A MG 201 ? 1_555 O ? E HOH . ? A HOH 304 ? 1_555 96.4  ? 
7  O ? E HOH . ? A HOH 301 ? 1_555 MG ? C MG . ? A MG 201 ? 1_555 O ? E HOH . ? A HOH 305 ? 1_555 90.1  ? 
8  O ? E HOH . ? A HOH 302 ? 1_555 MG ? C MG . ? A MG 201 ? 1_555 O ? E HOH . ? A HOH 305 ? 1_555 92.0  ? 
9  O ? E HOH . ? A HOH 303 ? 1_555 MG ? C MG . ? A MG 201 ? 1_555 O ? E HOH . ? A HOH 305 ? 1_555 176.6 ? 
10 O ? E HOH . ? A HOH 304 ? 1_555 MG ? C MG . ? A MG 201 ? 1_555 O ? E HOH . ? A HOH 305 ? 1_555 87.0  ? 
11 O ? E HOH . ? A HOH 301 ? 1_555 MG ? C MG . ? A MG 201 ? 1_555 O ? F HOH . ? B HOH 402 ? 1_555 83.3  ? 
12 O ? E HOH . ? A HOH 302 ? 1_555 MG ? C MG . ? A MG 201 ? 1_555 O ? F HOH . ? B HOH 402 ? 1_555 172.8 ? 
13 O ? E HOH . ? A HOH 303 ? 1_555 MG ? C MG . ? A MG 201 ? 1_555 O ? F HOH . ? B HOH 402 ? 1_555 87.2  ? 
14 O ? E HOH . ? A HOH 304 ? 1_555 MG ? C MG . ? A MG 201 ? 1_555 O ? F HOH . ? B HOH 402 ? 1_555 92.6  ? 
15 O ? E HOH . ? A HOH 305 ? 1_555 MG ? C MG . ? A MG 201 ? 1_555 O ? F HOH . ? B HOH 402 ? 1_555 93.0  ? 
16 O ? F HOH . ? B HOH 403 ? 1_555 MG ? D MG . ? B MG 301 ? 1_555 O ? F HOH . ? B HOH 404 ? 1_555 89.0  ? 
17 O ? F HOH . ? B HOH 403 ? 1_555 MG ? D MG . ? B MG 301 ? 1_555 O ? F HOH . ? B HOH 405 ? 1_555 90.5  ? 
18 O ? F HOH . ? B HOH 404 ? 1_555 MG ? D MG . ? B MG 301 ? 1_555 O ? F HOH . ? B HOH 405 ? 1_555 88.0  ? 
19 O ? F HOH . ? B HOH 403 ? 1_555 MG ? D MG . ? B MG 301 ? 1_555 O ? F HOH . ? B HOH 406 ? 1_555 173.1 ? 
20 O ? F HOH . ? B HOH 404 ? 1_555 MG ? D MG . ? B MG 301 ? 1_555 O ? F HOH . ? B HOH 406 ? 1_555 87.9  ? 
21 O ? F HOH . ? B HOH 405 ? 1_555 MG ? D MG . ? B MG 301 ? 1_555 O ? F HOH . ? B HOH 406 ? 1_555 95.6  ? 
22 O ? F HOH . ? B HOH 403 ? 1_555 MG ? D MG . ? B MG 301 ? 1_555 O ? F HOH . ? B HOH 408 ? 1_555 89.3  ? 
23 O ? F HOH . ? B HOH 404 ? 1_555 MG ? D MG . ? B MG 301 ? 1_555 O ? F HOH . ? B HOH 408 ? 1_555 85.6  ? 
24 O ? F HOH . ? B HOH 405 ? 1_555 MG ? D MG . ? B MG 301 ? 1_555 O ? F HOH . ? B HOH 408 ? 1_555 173.6 ? 
25 O ? F HOH . ? B HOH 406 ? 1_555 MG ? D MG . ? B MG 301 ? 1_555 O ? F HOH . ? B HOH 408 ? 1_555 84.3  ? 
# 
loop_
_pdbx_audit_revision_history.ordinal 
_pdbx_audit_revision_history.data_content_type 
_pdbx_audit_revision_history.major_revision 
_pdbx_audit_revision_history.minor_revision 
_pdbx_audit_revision_history.revision_date 
1 'Structure model' 1 0 2012-05-30 
2 'Structure model' 1 1 2012-06-13 
3 'Structure model' 1 2 2023-09-13 
# 
_pdbx_audit_revision_details.ordinal             1 
_pdbx_audit_revision_details.revision_ordinal    1 
_pdbx_audit_revision_details.data_content_type   'Structure model' 
_pdbx_audit_revision_details.provider            repository 
_pdbx_audit_revision_details.type                'Initial release' 
_pdbx_audit_revision_details.description         ? 
_pdbx_audit_revision_details.details             ? 
# 
loop_
_pdbx_audit_revision_group.ordinal 
_pdbx_audit_revision_group.revision_ordinal 
_pdbx_audit_revision_group.data_content_type 
_pdbx_audit_revision_group.group 
1 2 'Structure model' 'Database references'    
2 3 'Structure model' 'Data collection'        
3 3 'Structure model' 'Database references'    
4 3 'Structure model' 'Derived calculations'   
5 3 'Structure model' 'Refinement description' 
# 
loop_
_pdbx_audit_revision_category.ordinal 
_pdbx_audit_revision_category.revision_ordinal 
_pdbx_audit_revision_category.data_content_type 
_pdbx_audit_revision_category.category 
1 3 'Structure model' chem_comp_atom                
2 3 'Structure model' chem_comp_bond                
3 3 'Structure model' database_2                    
4 3 'Structure model' pdbx_initial_refinement_model 
5 3 'Structure model' pdbx_struct_conn_angle        
6 3 'Structure model' struct_conn                   
7 3 'Structure model' struct_site                   
# 
loop_
_pdbx_audit_revision_item.ordinal 
_pdbx_audit_revision_item.revision_ordinal 
_pdbx_audit_revision_item.data_content_type 
_pdbx_audit_revision_item.item 
1  3 'Structure model' '_database_2.pdbx_DOI'                        
2  3 'Structure model' '_database_2.pdbx_database_accession'         
3  3 'Structure model' '_pdbx_struct_conn_angle.ptnr1_auth_asym_id'  
4  3 'Structure model' '_pdbx_struct_conn_angle.ptnr1_auth_seq_id'   
5  3 'Structure model' '_pdbx_struct_conn_angle.ptnr1_label_asym_id' 
6  3 'Structure model' '_pdbx_struct_conn_angle.ptnr2_auth_asym_id'  
7  3 'Structure model' '_pdbx_struct_conn_angle.ptnr2_auth_seq_id'   
8  3 'Structure model' '_pdbx_struct_conn_angle.ptnr2_label_asym_id' 
9  3 'Structure model' '_pdbx_struct_conn_angle.ptnr3_auth_asym_id'  
10 3 'Structure model' '_pdbx_struct_conn_angle.ptnr3_auth_seq_id'   
11 3 'Structure model' '_pdbx_struct_conn_angle.ptnr3_label_asym_id' 
12 3 'Structure model' '_pdbx_struct_conn_angle.value'               
13 3 'Structure model' '_struct_conn.pdbx_dist_value'                
14 3 'Structure model' '_struct_conn.pdbx_leaving_atom_flag'         
15 3 'Structure model' '_struct_conn.ptnr1_auth_asym_id'             
16 3 'Structure model' '_struct_conn.ptnr1_auth_seq_id'              
17 3 'Structure model' '_struct_conn.ptnr1_label_asym_id'            
18 3 'Structure model' '_struct_conn.ptnr2_auth_asym_id'             
19 3 'Structure model' '_struct_conn.ptnr2_auth_seq_id'              
20 3 'Structure model' '_struct_conn.ptnr2_label_asym_id'            
21 3 'Structure model' '_struct_site.pdbx_auth_asym_id'              
22 3 'Structure model' '_struct_site.pdbx_auth_comp_id'              
23 3 'Structure model' '_struct_site.pdbx_auth_seq_id'               
# 
loop_
_software.name 
_software.classification 
_software.version 
_software.citation_id 
_software.pdbx_ordinal 
MD2      'data collection' 'diffractometer software from EMBL (with LS-CAT developed extensions)' ? 1 
CCP4     'model building'  .                                                                      ? 2 
MOLREP   phasing           .                                                                      ? 3 
REFMAC   refinement        5.6.0117                                                               ? 4 
HKL-2000 'data reduction'  .                                                                      ? 5 
HKL-2000 'data scaling'    .                                                                      ? 6 
CCP4     phasing           .                                                                      ? 7 
# 
loop_
_chem_comp_atom.comp_id 
_chem_comp_atom.atom_id 
_chem_comp_atom.type_symbol 
_chem_comp_atom.pdbx_aromatic_flag 
_chem_comp_atom.pdbx_stereo_config 
_chem_comp_atom.pdbx_ordinal 
DA  OP3    O  N N 1   
DA  P      P  N N 2   
DA  OP1    O  N N 3   
DA  OP2    O  N N 4   
DA  "O5'"  O  N N 5   
DA  "C5'"  C  N N 6   
DA  "C4'"  C  N R 7   
DA  "O4'"  O  N N 8   
DA  "C3'"  C  N S 9   
DA  "O3'"  O  N N 10  
DA  "C2'"  C  N N 11  
DA  "C1'"  C  N R 12  
DA  N9     N  Y N 13  
DA  C8     C  Y N 14  
DA  N7     N  Y N 15  
DA  C5     C  Y N 16  
DA  C6     C  Y N 17  
DA  N6     N  N N 18  
DA  N1     N  Y N 19  
DA  C2     C  Y N 20  
DA  N3     N  Y N 21  
DA  C4     C  Y N 22  
DA  HOP3   H  N N 23  
DA  HOP2   H  N N 24  
DA  "H5'"  H  N N 25  
DA  "H5''" H  N N 26  
DA  "H4'"  H  N N 27  
DA  "H3'"  H  N N 28  
DA  "HO3'" H  N N 29  
DA  "H2'"  H  N N 30  
DA  "H2''" H  N N 31  
DA  "H1'"  H  N N 32  
DA  H8     H  N N 33  
DA  H61    H  N N 34  
DA  H62    H  N N 35  
DA  H2     H  N N 36  
DC  OP3    O  N N 37  
DC  P      P  N N 38  
DC  OP1    O  N N 39  
DC  OP2    O  N N 40  
DC  "O5'"  O  N N 41  
DC  "C5'"  C  N N 42  
DC  "C4'"  C  N R 43  
DC  "O4'"  O  N N 44  
DC  "C3'"  C  N S 45  
DC  "O3'"  O  N N 46  
DC  "C2'"  C  N N 47  
DC  "C1'"  C  N R 48  
DC  N1     N  N N 49  
DC  C2     C  N N 50  
DC  O2     O  N N 51  
DC  N3     N  N N 52  
DC  C4     C  N N 53  
DC  N4     N  N N 54  
DC  C5     C  N N 55  
DC  C6     C  N N 56  
DC  HOP3   H  N N 57  
DC  HOP2   H  N N 58  
DC  "H5'"  H  N N 59  
DC  "H5''" H  N N 60  
DC  "H4'"  H  N N 61  
DC  "H3'"  H  N N 62  
DC  "HO3'" H  N N 63  
DC  "H2'"  H  N N 64  
DC  "H2''" H  N N 65  
DC  "H1'"  H  N N 66  
DC  H41    H  N N 67  
DC  H42    H  N N 68  
DC  H5     H  N N 69  
DC  H6     H  N N 70  
DG  OP3    O  N N 71  
DG  P      P  N N 72  
DG  OP1    O  N N 73  
DG  OP2    O  N N 74  
DG  "O5'"  O  N N 75  
DG  "C5'"  C  N N 76  
DG  "C4'"  C  N R 77  
DG  "O4'"  O  N N 78  
DG  "C3'"  C  N S 79  
DG  "O3'"  O  N N 80  
DG  "C2'"  C  N N 81  
DG  "C1'"  C  N R 82  
DG  N9     N  Y N 83  
DG  C8     C  Y N 84  
DG  N7     N  Y N 85  
DG  C5     C  Y N 86  
DG  C6     C  N N 87  
DG  O6     O  N N 88  
DG  N1     N  N N 89  
DG  C2     C  N N 90  
DG  N2     N  N N 91  
DG  N3     N  N N 92  
DG  C4     C  Y N 93  
DG  HOP3   H  N N 94  
DG  HOP2   H  N N 95  
DG  "H5'"  H  N N 96  
DG  "H5''" H  N N 97  
DG  "H4'"  H  N N 98  
DG  "H3'"  H  N N 99  
DG  "HO3'" H  N N 100 
DG  "H2'"  H  N N 101 
DG  "H2''" H  N N 102 
DG  "H1'"  H  N N 103 
DG  H8     H  N N 104 
DG  H1     H  N N 105 
DG  H21    H  N N 106 
DG  H22    H  N N 107 
DT  OP3    O  N N 108 
DT  P      P  N N 109 
DT  OP1    O  N N 110 
DT  OP2    O  N N 111 
DT  "O5'"  O  N N 112 
DT  "C5'"  C  N N 113 
DT  "C4'"  C  N R 114 
DT  "O4'"  O  N N 115 
DT  "C3'"  C  N S 116 
DT  "O3'"  O  N N 117 
DT  "C2'"  C  N N 118 
DT  "C1'"  C  N R 119 
DT  N1     N  N N 120 
DT  C2     C  N N 121 
DT  O2     O  N N 122 
DT  N3     N  N N 123 
DT  C4     C  N N 124 
DT  O4     O  N N 125 
DT  C5     C  N N 126 
DT  C7     C  N N 127 
DT  C6     C  N N 128 
DT  HOP3   H  N N 129 
DT  HOP2   H  N N 130 
DT  "H5'"  H  N N 131 
DT  "H5''" H  N N 132 
DT  "H4'"  H  N N 133 
DT  "H3'"  H  N N 134 
DT  "HO3'" H  N N 135 
DT  "H2'"  H  N N 136 
DT  "H2''" H  N N 137 
DT  "H1'"  H  N N 138 
DT  H3     H  N N 139 
DT  H71    H  N N 140 
DT  H72    H  N N 141 
DT  H73    H  N N 142 
DT  H6     H  N N 143 
HOH O      O  N N 144 
HOH H1     H  N N 145 
HOH H2     H  N N 146 
MG  MG     MG N N 147 
XTF F      F  N N 148 
XTF "C2'"  C  N S 149 
XTF "C1'"  C  N R 150 
XTF N1     N  N N 151 
XTF C6     C  N N 152 
XTF C5     C  N N 153 
XTF C5M    C  N N 154 
XTF C2     C  N N 155 
XTF O2     O  N N 156 
XTF N3     N  N N 157 
XTF C4     C  N N 158 
XTF O4     O  N N 159 
XTF "C7'"  C  N N 160 
XTF "C6'"  C  N N 161 
XTF "C3'"  C  N R 162 
XTF "O3'"  O  N N 163 
XTF "C4'"  C  N R 164 
XTF "C5'"  C  N N 165 
XTF "O5'"  O  N N 166 
XTF P      P  N N 167 
XTF OP1    O  N N 168 
XTF OP2    O  N N 169 
XTF H1     H  N N 170 
XTF H2     H  N N 171 
XTF H3     H  N N 172 
XTF H4     H  N N 173 
XTF H5     H  N N 174 
XTF H6     H  N N 175 
XTF H7     H  N N 176 
XTF H8     H  N N 177 
XTF H9     H  N N 178 
XTF H10    H  N N 179 
XTF H11    H  N N 180 
XTF H12    H  N N 181 
XTF H13    H  N N 182 
XTF H14    H  N N 183 
XTF H16    H  N N 184 
XTF OP3    O  N N 185 
XTF H18    H  N N 186 
# 
loop_
_chem_comp_bond.comp_id 
_chem_comp_bond.atom_id_1 
_chem_comp_bond.atom_id_2 
_chem_comp_bond.value_order 
_chem_comp_bond.pdbx_aromatic_flag 
_chem_comp_bond.pdbx_stereo_config 
_chem_comp_bond.pdbx_ordinal 
DA  OP3   P      sing N N 1   
DA  OP3   HOP3   sing N N 2   
DA  P     OP1    doub N N 3   
DA  P     OP2    sing N N 4   
DA  P     "O5'"  sing N N 5   
DA  OP2   HOP2   sing N N 6   
DA  "O5'" "C5'"  sing N N 7   
DA  "C5'" "C4'"  sing N N 8   
DA  "C5'" "H5'"  sing N N 9   
DA  "C5'" "H5''" sing N N 10  
DA  "C4'" "O4'"  sing N N 11  
DA  "C4'" "C3'"  sing N N 12  
DA  "C4'" "H4'"  sing N N 13  
DA  "O4'" "C1'"  sing N N 14  
DA  "C3'" "O3'"  sing N N 15  
DA  "C3'" "C2'"  sing N N 16  
DA  "C3'" "H3'"  sing N N 17  
DA  "O3'" "HO3'" sing N N 18  
DA  "C2'" "C1'"  sing N N 19  
DA  "C2'" "H2'"  sing N N 20  
DA  "C2'" "H2''" sing N N 21  
DA  "C1'" N9     sing N N 22  
DA  "C1'" "H1'"  sing N N 23  
DA  N9    C8     sing Y N 24  
DA  N9    C4     sing Y N 25  
DA  C8    N7     doub Y N 26  
DA  C8    H8     sing N N 27  
DA  N7    C5     sing Y N 28  
DA  C5    C6     sing Y N 29  
DA  C5    C4     doub Y N 30  
DA  C6    N6     sing N N 31  
DA  C6    N1     doub Y N 32  
DA  N6    H61    sing N N 33  
DA  N6    H62    sing N N 34  
DA  N1    C2     sing Y N 35  
DA  C2    N3     doub Y N 36  
DA  C2    H2     sing N N 37  
DA  N3    C4     sing Y N 38  
DC  OP3   P      sing N N 39  
DC  OP3   HOP3   sing N N 40  
DC  P     OP1    doub N N 41  
DC  P     OP2    sing N N 42  
DC  P     "O5'"  sing N N 43  
DC  OP2   HOP2   sing N N 44  
DC  "O5'" "C5'"  sing N N 45  
DC  "C5'" "C4'"  sing N N 46  
DC  "C5'" "H5'"  sing N N 47  
DC  "C5'" "H5''" sing N N 48  
DC  "C4'" "O4'"  sing N N 49  
DC  "C4'" "C3'"  sing N N 50  
DC  "C4'" "H4'"  sing N N 51  
DC  "O4'" "C1'"  sing N N 52  
DC  "C3'" "O3'"  sing N N 53  
DC  "C3'" "C2'"  sing N N 54  
DC  "C3'" "H3'"  sing N N 55  
DC  "O3'" "HO3'" sing N N 56  
DC  "C2'" "C1'"  sing N N 57  
DC  "C2'" "H2'"  sing N N 58  
DC  "C2'" "H2''" sing N N 59  
DC  "C1'" N1     sing N N 60  
DC  "C1'" "H1'"  sing N N 61  
DC  N1    C2     sing N N 62  
DC  N1    C6     sing N N 63  
DC  C2    O2     doub N N 64  
DC  C2    N3     sing N N 65  
DC  N3    C4     doub N N 66  
DC  C4    N4     sing N N 67  
DC  C4    C5     sing N N 68  
DC  N4    H41    sing N N 69  
DC  N4    H42    sing N N 70  
DC  C5    C6     doub N N 71  
DC  C5    H5     sing N N 72  
DC  C6    H6     sing N N 73  
DG  OP3   P      sing N N 74  
DG  OP3   HOP3   sing N N 75  
DG  P     OP1    doub N N 76  
DG  P     OP2    sing N N 77  
DG  P     "O5'"  sing N N 78  
DG  OP2   HOP2   sing N N 79  
DG  "O5'" "C5'"  sing N N 80  
DG  "C5'" "C4'"  sing N N 81  
DG  "C5'" "H5'"  sing N N 82  
DG  "C5'" "H5''" sing N N 83  
DG  "C4'" "O4'"  sing N N 84  
DG  "C4'" "C3'"  sing N N 85  
DG  "C4'" "H4'"  sing N N 86  
DG  "O4'" "C1'"  sing N N 87  
DG  "C3'" "O3'"  sing N N 88  
DG  "C3'" "C2'"  sing N N 89  
DG  "C3'" "H3'"  sing N N 90  
DG  "O3'" "HO3'" sing N N 91  
DG  "C2'" "C1'"  sing N N 92  
DG  "C2'" "H2'"  sing N N 93  
DG  "C2'" "H2''" sing N N 94  
DG  "C1'" N9     sing N N 95  
DG  "C1'" "H1'"  sing N N 96  
DG  N9    C8     sing Y N 97  
DG  N9    C4     sing Y N 98  
DG  C8    N7     doub Y N 99  
DG  C8    H8     sing N N 100 
DG  N7    C5     sing Y N 101 
DG  C5    C6     sing N N 102 
DG  C5    C4     doub Y N 103 
DG  C6    O6     doub N N 104 
DG  C6    N1     sing N N 105 
DG  N1    C2     sing N N 106 
DG  N1    H1     sing N N 107 
DG  C2    N2     sing N N 108 
DG  C2    N3     doub N N 109 
DG  N2    H21    sing N N 110 
DG  N2    H22    sing N N 111 
DG  N3    C4     sing N N 112 
DT  OP3   P      sing N N 113 
DT  OP3   HOP3   sing N N 114 
DT  P     OP1    doub N N 115 
DT  P     OP2    sing N N 116 
DT  P     "O5'"  sing N N 117 
DT  OP2   HOP2   sing N N 118 
DT  "O5'" "C5'"  sing N N 119 
DT  "C5'" "C4'"  sing N N 120 
DT  "C5'" "H5'"  sing N N 121 
DT  "C5'" "H5''" sing N N 122 
DT  "C4'" "O4'"  sing N N 123 
DT  "C4'" "C3'"  sing N N 124 
DT  "C4'" "H4'"  sing N N 125 
DT  "O4'" "C1'"  sing N N 126 
DT  "C3'" "O3'"  sing N N 127 
DT  "C3'" "C2'"  sing N N 128 
DT  "C3'" "H3'"  sing N N 129 
DT  "O3'" "HO3'" sing N N 130 
DT  "C2'" "C1'"  sing N N 131 
DT  "C2'" "H2'"  sing N N 132 
DT  "C2'" "H2''" sing N N 133 
DT  "C1'" N1     sing N N 134 
DT  "C1'" "H1'"  sing N N 135 
DT  N1    C2     sing N N 136 
DT  N1    C6     sing N N 137 
DT  C2    O2     doub N N 138 
DT  C2    N3     sing N N 139 
DT  N3    C4     sing N N 140 
DT  N3    H3     sing N N 141 
DT  C4    O4     doub N N 142 
DT  C4    C5     sing N N 143 
DT  C5    C7     sing N N 144 
DT  C5    C6     doub N N 145 
DT  C7    H71    sing N N 146 
DT  C7    H72    sing N N 147 
DT  C7    H73    sing N N 148 
DT  C6    H6     sing N N 149 
HOH O     H1     sing N N 150 
HOH O     H2     sing N N 151 
XTF F     "C2'"  sing N N 152 
XTF "O3'" "C3'"  sing N N 153 
XTF "C2'" "C3'"  sing N N 154 
XTF "C2'" "C1'"  sing N N 155 
XTF "C3'" "C4'"  sing N N 156 
XTF "C1'" N1     sing N N 157 
XTF "C1'" "C7'"  sing N N 158 
XTF "O5'" "C5'"  sing N N 159 
XTF "O5'" P      sing N N 160 
XTF OP2   P      sing N N 161 
XTF N1    C6     sing N N 162 
XTF N1    C2     sing N N 163 
XTF O2    C2     doub N N 164 
XTF C6    C5     doub N N 165 
XTF C2    N3     sing N N 166 
XTF "C4'" "C5'"  sing N N 167 
XTF "C4'" "C6'"  sing N N 168 
XTF C5    C4     sing N N 169 
XTF C5    C5M    sing N N 170 
XTF N3    C4     sing N N 171 
XTF C4    O4     doub N N 172 
XTF P     OP1    doub N N 173 
XTF "C7'" "C6'"  doub N N 174 
XTF "C2'" H1     sing N N 175 
XTF "C1'" H2     sing N N 176 
XTF C6    H3     sing N N 177 
XTF C5M   H4     sing N N 178 
XTF C5M   H5     sing N N 179 
XTF C5M   H6     sing N N 180 
XTF N3    H7     sing N N 181 
XTF "C7'" H8     sing N N 182 
XTF "C6'" H9     sing N N 183 
XTF "C3'" H10    sing N N 184 
XTF "O3'" H11    sing N N 185 
XTF "C4'" H12    sing N N 186 
XTF "C5'" H13    sing N N 187 
XTF "C5'" H14    sing N N 188 
XTF OP2   H16    sing N N 189 
XTF P     OP3    sing N N 190 
XTF OP3   H18    sing N N 191 
# 
loop_
_ndb_struct_conf_na.entry_id 
_ndb_struct_conf_na.feature 
4F2Y 'a-form double helix' 
4F2Y 'internal loop'       
# 
loop_
_ndb_struct_na_base_pair.model_number 
_ndb_struct_na_base_pair.i_label_asym_id 
_ndb_struct_na_base_pair.i_label_comp_id 
_ndb_struct_na_base_pair.i_label_seq_id 
_ndb_struct_na_base_pair.i_symmetry 
_ndb_struct_na_base_pair.j_label_asym_id 
_ndb_struct_na_base_pair.j_label_comp_id 
_ndb_struct_na_base_pair.j_label_seq_id 
_ndb_struct_na_base_pair.j_symmetry 
_ndb_struct_na_base_pair.shear 
_ndb_struct_na_base_pair.stretch 
_ndb_struct_na_base_pair.stagger 
_ndb_struct_na_base_pair.buckle 
_ndb_struct_na_base_pair.propeller 
_ndb_struct_na_base_pair.opening 
_ndb_struct_na_base_pair.pair_number 
_ndb_struct_na_base_pair.pair_name 
_ndb_struct_na_base_pair.i_auth_asym_id 
_ndb_struct_na_base_pair.i_auth_seq_id 
_ndb_struct_na_base_pair.i_PDB_ins_code 
_ndb_struct_na_base_pair.j_auth_asym_id 
_ndb_struct_na_base_pair.j_auth_seq_id 
_ndb_struct_na_base_pair.j_PDB_ins_code 
_ndb_struct_na_base_pair.hbond_type_28 
_ndb_struct_na_base_pair.hbond_type_12 
1 A DG 1  1_555 B DC 10 1_555 -0.888 -0.228 0.330  11.712 -18.988 1.105  1 A_DG101:DC210_B A 101 ? B 210 ? 19 1 
1 A DC 2  1_555 B DG 9  1_555 0.165  -0.193 0.006  8.464  -21.782 1.246  2 A_DC102:DG209_B A 102 ? B 209 ? 19 1 
1 A DG 3  1_555 B DC 8  1_555 -0.401 -0.178 0.305  -2.089 -10.608 2.351  3 A_DG103:DC208_B A 103 ? B 208 ? 19 1 
1 A DT 4  1_555 B DA 7  1_555 -0.143 -0.186 0.152  -0.901 -17.948 -0.458 4 A_DT104:DA207_B A 104 ? B 207 ? 20 1 
1 A DA 7  1_555 B DT 4  1_555 -0.071 -0.093 0.333  2.065  -8.591  4.322  5 A_DA107:DT204_B A 107 ? B 204 ? 20 1 
1 A DC 8  1_555 B DG 3  1_555 0.403  -0.079 -0.037 8.577  -14.627 6.331  6 A_DC108:DG203_B A 108 ? B 203 ? 19 1 
1 A DG 9  1_555 B DC 2  1_555 -0.093 -0.160 0.020  -6.898 -9.539  -1.253 7 A_DG109:DC202_B A 109 ? B 202 ? 19 1 
1 A DC 10 1_555 B DG 1  1_555 0.429  -0.044 0.152  0.901  0.031   3.029  8 A_DC110:DG201_B A 110 ? B 201 ? 19 1 
# 
loop_
_ndb_struct_na_base_pair_step.model_number 
_ndb_struct_na_base_pair_step.i_label_asym_id_1 
_ndb_struct_na_base_pair_step.i_label_comp_id_1 
_ndb_struct_na_base_pair_step.i_label_seq_id_1 
_ndb_struct_na_base_pair_step.i_symmetry_1 
_ndb_struct_na_base_pair_step.j_label_asym_id_1 
_ndb_struct_na_base_pair_step.j_label_comp_id_1 
_ndb_struct_na_base_pair_step.j_label_seq_id_1 
_ndb_struct_na_base_pair_step.j_symmetry_1 
_ndb_struct_na_base_pair_step.i_label_asym_id_2 
_ndb_struct_na_base_pair_step.i_label_comp_id_2 
_ndb_struct_na_base_pair_step.i_label_seq_id_2 
_ndb_struct_na_base_pair_step.i_symmetry_2 
_ndb_struct_na_base_pair_step.j_label_asym_id_2 
_ndb_struct_na_base_pair_step.j_label_comp_id_2 
_ndb_struct_na_base_pair_step.j_label_seq_id_2 
_ndb_struct_na_base_pair_step.j_symmetry_2 
_ndb_struct_na_base_pair_step.shift 
_ndb_struct_na_base_pair_step.slide 
_ndb_struct_na_base_pair_step.rise 
_ndb_struct_na_base_pair_step.tilt 
_ndb_struct_na_base_pair_step.roll 
_ndb_struct_na_base_pair_step.twist 
_ndb_struct_na_base_pair_step.x_displacement 
_ndb_struct_na_base_pair_step.y_displacement 
_ndb_struct_na_base_pair_step.helical_rise 
_ndb_struct_na_base_pair_step.inclination 
_ndb_struct_na_base_pair_step.tip 
_ndb_struct_na_base_pair_step.helical_twist 
_ndb_struct_na_base_pair_step.step_number 
_ndb_struct_na_base_pair_step.step_name 
_ndb_struct_na_base_pair_step.i_auth_asym_id_1 
_ndb_struct_na_base_pair_step.i_auth_seq_id_1 
_ndb_struct_na_base_pair_step.i_PDB_ins_code_1 
_ndb_struct_na_base_pair_step.j_auth_asym_id_1 
_ndb_struct_na_base_pair_step.j_auth_seq_id_1 
_ndb_struct_na_base_pair_step.j_PDB_ins_code_1 
_ndb_struct_na_base_pair_step.i_auth_asym_id_2 
_ndb_struct_na_base_pair_step.i_auth_seq_id_2 
_ndb_struct_na_base_pair_step.i_PDB_ins_code_2 
_ndb_struct_na_base_pair_step.j_auth_asym_id_2 
_ndb_struct_na_base_pair_step.j_auth_seq_id_2 
_ndb_struct_na_base_pair_step.j_PDB_ins_code_2 
1 A DG 1 1_555 B DC 10 1_555 A DC 2  1_555 B DG 9 1_555 0.241  -1.152 3.241 1.307  3.946  43.165 -1.934 -0.202 3.135 5.349  -1.772 
43.355 1 AA_DG101DC102:DG209DC210_BB A 101 ? B 210 ? A 102 ? B 209 ? 
1 A DC 2 1_555 B DG 9  1_555 A DG 3  1_555 B DC 8 1_555 -0.072 -1.924 3.283 -3.928 11.646 27.660 -5.799 -0.572 2.293 22.977 7.749  
30.219 2 AA_DC102DG103:DC208DG209_BB A 102 ? B 209 ? A 103 ? B 208 ? 
1 A DG 3 1_555 B DC 8  1_555 A DT 4  1_555 B DA 7 1_555 -0.926 -1.535 3.204 -1.926 6.987  33.315 -3.666 1.293  2.879 12.010 3.311  
34.073 3 AA_DG103DT104:DA207DC208_BB A 103 ? B 208 ? A 104 ? B 207 ? 
1 A DA 7 1_555 B DT 4  1_555 A DC 8  1_555 B DG 3 1_555 0.597  -1.929 3.156 4.185  3.523  30.812 -4.207 -0.359 2.976 6.565  -7.799 
31.282 4 AA_DA107DC108:DG203DT204_BB A 107 ? B 204 ? A 108 ? B 203 ? 
1 A DC 8 1_555 B DG 3  1_555 A DG 9  1_555 B DC 2 1_555 -0.441 -2.220 3.543 0.080  11.274 27.046 -6.720 0.890  2.439 22.884 -0.163 
29.262 5 AA_DC108DG109:DC202DG203_BB A 108 ? B 203 ? A 109 ? B 202 ? 
1 A DG 9 1_555 B DC 2  1_555 A DC 10 1_555 B DG 1 1_555 0.435  -1.580 3.138 0.362  0.535  35.395 -2.673 -0.664 3.119 0.880  -0.595 
35.401 6 AA_DG109DC110:DG201DC202_BB A 109 ? B 202 ? A 110 ? B 201 ? 
# 
loop_
_pdbx_entity_nonpoly.entity_id 
_pdbx_entity_nonpoly.name 
_pdbx_entity_nonpoly.comp_id 
2 'MAGNESIUM ION' MG  
3 water           HOH 
# 
_pdbx_initial_refinement_model.id               1 
_pdbx_initial_refinement_model.entity_id_list   ? 
_pdbx_initial_refinement_model.type             'experimental model' 
_pdbx_initial_refinement_model.source_name      PDB 
_pdbx_initial_refinement_model.accession_code   3EY2 
_pdbx_initial_refinement_model.details          'PDB ENTRY 3EY2' 
# 
